data_2FSI
#
_entry.id   2FSI
#
_cell.length_a   75.560
_cell.length_b   90.430
_cell.length_c   163.290
_cell.angle_alpha   90.00
_cell.angle_beta   100.82
_cell.angle_gamma   90.00
#
_symmetry.space_group_name_H-M   'P 1 21 1'
#
loop_
_entity.id
_entity.type
_entity.pdbx_description
1 polymer 'Preprotein translocase secA subunit'
2 non-polymer "ADENOSINE-5'-DIPHOSPHATE"
3 water water
#
_entity_poly.entity_id   1
_entity_poly.type   'polypeptide(L)'
_entity_poly.pdbx_seq_one_letter_code
;VFGSRNDRTLRRMRKVVNIINAMEPEMEKLSDEELKGKTAEFRARLEKGEVLENLIPEAFAVVREASKRVFGMRHFDVQL
LGGMVLNERCIAEMRTGEGKTLTATLPAYLNALTGKGVHVVTVNDYLAQRDAENNRPLFEFLGLTVGINLPGMPAPAKRE
AYAADITYGTNNEYGFDYLRDNMAFSPEERVQRKLHYALVDEVDSILIDEARTPLIISGPAEDSSEMYKRVNKIIPHLIR
QEKEDSETFQGEGHFSVDEKSRQVNLTERGLVLIEELLVKEGIMDEGESLYSPANIMLMHHVTAALRAHALFTRDVDYIV
KDGEVIIVDEHTGRTMQGRRWSDGLHQAVEAKEGVQIQNENQTLASITFQNYFRLYEKLAGMTGTADTEAFEFSSIYKLD
TVVVPTNRPMIRKDLPDLVYMTEAEKIQAIIEDIKERTAKGQPVLVGTISIEKSELVSNELTKAGIKHNVLNAKFHANEA
AIVAQAGYPAAVTIATNMAGRGTDIVLGGSWQAEVAALENPTAEQIEKIKADWQVRHDAVLEAGGLHIIGTERHESRRID
NQLRGRSGRQGDAGSSRFYLSMEDALMRIFASDRVSGMMRKLGMKPGEAIEHPWVTKAIANAQRKVESRNFDIRKQLLEY
DDVANDQRRAIYSQRNELLDVSDVSETINSIREDVFKATIDAYIPPQSLEEMWDIPGLQERLKNDFDLDLPIAEWLDKEP
ELHEETLRERILAQSIEVYQRKEEVVGAEMMRHFEKGVMLQTLDSLWKEHLAAMDYLRQGIHLRGYAQKDPKQEYKRESF
SMFAAMLESLKYEVISTLSKVQVRMPEEVEELEQQRRMEAERLAQMQQLSHQD
;
_entity_poly.pdbx_strand_id   A,B
#
# COMPACT_ATOMS: atom_id res chain seq x y z
N ARG A 5 0.58 43.74 7.05
CA ARG A 5 1.24 42.44 6.99
C ARG A 5 1.62 42.00 8.38
N ASN A 6 1.97 40.72 8.49
CA ASN A 6 2.93 40.23 9.49
C ASN A 6 2.30 40.27 10.93
N ASP A 7 2.88 41.09 11.80
CA ASP A 7 2.36 41.26 13.15
C ASP A 7 1.36 42.42 13.15
N ARG A 8 1.52 43.35 12.21
CA ARG A 8 0.57 44.44 12.06
C ARG A 8 -0.84 43.89 11.87
N THR A 9 -1.07 43.02 10.88
CA THR A 9 -2.39 42.35 10.80
C THR A 9 -2.73 41.58 12.11
N LEU A 10 -1.76 40.81 12.60
CA LEU A 10 -1.90 40.06 13.86
C LEU A 10 -2.16 40.86 15.14
N ARG A 11 -1.45 41.97 15.30
CA ARG A 11 -1.65 42.91 16.43
C ARG A 11 -2.99 43.64 16.36
N ARG A 12 -3.36 44.00 15.15
CA ARG A 12 -4.66 44.55 14.92
C ARG A 12 -5.74 43.51 15.26
N MET A 13 -5.51 42.24 14.90
CA MET A 13 -6.50 41.21 15.15
C MET A 13 -6.59 40.90 16.63
N ARG A 14 -5.49 40.99 17.32
CA ARG A 14 -5.48 40.75 18.74
C ARG A 14 -6.36 41.75 19.47
N LYS A 15 -6.47 42.97 18.95
CA LYS A 15 -7.38 43.96 19.58
C LYS A 15 -8.85 43.52 19.48
N VAL A 16 -9.19 42.88 18.37
CA VAL A 16 -10.55 42.38 18.18
C VAL A 16 -10.82 41.19 19.15
N VAL A 17 -9.83 40.36 19.34
CA VAL A 17 -9.98 39.25 20.25
C VAL A 17 -10.35 39.69 21.69
N ASN A 18 -9.75 40.77 22.16
CA ASN A 18 -10.05 41.32 23.50
C ASN A 18 -11.45 41.83 23.63
N ILE A 19 -11.96 42.40 22.54
CA ILE A 19 -13.36 42.80 22.46
C ILE A 19 -14.27 41.59 22.47
N ILE A 20 -13.95 40.59 21.64
CA ILE A 20 -14.72 39.34 21.63
C ILE A 20 -14.74 38.73 23.07
N ASN A 21 -13.56 38.63 23.67
CA ASN A 21 -13.38 38.19 25.02
C ASN A 21 -14.22 38.98 26.02
N ALA A 22 -14.12 40.31 25.96
CA ALA A 22 -14.91 41.16 26.84
C ALA A 22 -16.44 41.01 26.67
N MET A 23 -16.88 40.51 25.52
CA MET A 23 -18.31 40.33 25.27
C MET A 23 -18.92 39.07 25.88
N GLU A 24 -18.13 38.20 26.51
CA GLU A 24 -18.58 36.84 26.86
C GLU A 24 -19.63 36.80 27.96
N PRO A 25 -19.44 37.60 29.05
CA PRO A 25 -20.50 37.76 30.05
C PRO A 25 -21.83 38.16 29.41
N GLU A 26 -21.88 39.27 28.67
CA GLU A 26 -23.10 39.60 27.94
C GLU A 26 -23.59 38.32 27.26
N MET A 27 -22.74 37.55 26.59
CA MET A 27 -23.23 36.36 25.77
C MET A 27 -23.74 35.19 26.59
N GLU A 28 -23.16 35.00 27.77
CA GLU A 28 -23.55 33.88 28.60
C GLU A 28 -24.95 34.09 29.24
N LYS A 29 -25.38 35.36 29.37
CA LYS A 29 -26.68 35.65 29.97
C LYS A 29 -27.85 35.57 28.97
N LEU A 30 -27.61 35.28 27.69
CA LEU A 30 -28.67 35.10 26.68
C LEU A 30 -29.24 33.70 26.63
N SER A 31 -30.53 33.61 26.39
CA SER A 31 -31.20 32.36 26.16
C SER A 31 -30.72 31.78 24.86
N ASP A 32 -30.85 30.47 24.75
CA ASP A 32 -30.68 29.77 23.50
C ASP A 32 -31.42 30.43 22.35
N GLU A 33 -32.70 30.77 22.55
CA GLU A 33 -33.53 31.34 21.47
C GLU A 33 -33.08 32.78 21.10
N GLU A 34 -32.60 33.54 22.10
CA GLU A 34 -31.94 34.86 21.85
C GLU A 34 -30.67 34.73 21.09
N LEU A 35 -29.85 33.73 21.47
CA LEU A 35 -28.69 33.38 20.63
C LEU A 35 -29.09 33.06 19.18
N LYS A 36 -30.05 32.18 18.99
CA LYS A 36 -30.58 31.96 17.63
C LYS A 36 -30.89 33.29 16.90
N GLY A 37 -31.46 34.25 17.63
CA GLY A 37 -31.95 35.51 17.03
C GLY A 37 -30.89 36.50 16.62
N LYS A 38 -29.64 36.32 17.09
CA LYS A 38 -28.55 37.20 16.68
C LYS A 38 -28.33 37.08 15.17
N THR A 39 -28.50 35.87 14.62
CA THR A 39 -28.41 35.74 13.13
C THR A 39 -29.42 36.65 12.35
N ALA A 40 -30.68 36.68 12.78
CA ALA A 40 -31.67 37.59 12.21
C ALA A 40 -31.23 39.04 12.37
N GLU A 41 -30.67 39.37 13.51
CA GLU A 41 -30.20 40.72 13.84
C GLU A 41 -28.96 41.19 13.03
N PHE A 42 -27.94 40.34 12.95
CA PHE A 42 -26.84 40.57 12.04
C PHE A 42 -27.33 40.89 10.56
N ARG A 43 -28.23 40.07 10.04
CA ARG A 43 -28.72 40.27 8.66
C ARG A 43 -29.53 41.54 8.41
N ALA A 44 -30.25 42.00 9.44
CA ALA A 44 -31.02 43.27 9.40
C ALA A 44 -30.08 44.47 9.37
N ARG A 45 -28.97 44.36 10.09
CA ARG A 45 -27.98 45.43 10.03
C ARG A 45 -27.25 45.42 8.71
N LEU A 46 -26.91 44.25 8.24
CA LEU A 46 -26.30 44.12 6.93
C LEU A 46 -27.16 44.75 5.88
N GLU A 47 -28.48 44.44 5.94
CA GLU A 47 -29.52 45.05 5.11
C GLU A 47 -29.56 46.56 5.27
N LYS A 48 -29.32 47.08 6.46
CA LYS A 48 -29.17 48.53 6.54
C LYS A 48 -27.79 49.05 6.15
N GLY A 49 -26.92 48.28 5.51
CA GLY A 49 -25.65 48.81 5.01
C GLY A 49 -24.39 48.64 5.86
N GLU A 50 -24.44 47.79 6.87
CA GLU A 50 -23.36 47.62 7.81
C GLU A 50 -22.26 46.80 7.14
N VAL A 51 -21.03 47.00 7.57
CA VAL A 51 -19.86 46.36 6.98
C VAL A 51 -19.66 45.09 7.73
N LEU A 52 -19.46 44.01 7.02
CA LEU A 52 -19.45 42.68 7.66
C LEU A 52 -18.39 42.56 8.72
N GLU A 53 -17.22 43.13 8.46
CA GLU A 53 -16.12 43.05 9.39
C GLU A 53 -16.46 43.77 10.71
N ASN A 54 -17.35 44.77 10.66
CA ASN A 54 -17.83 45.40 11.89
C ASN A 54 -18.56 44.39 12.80
N LEU A 55 -19.08 43.30 12.22
CA LEU A 55 -19.81 42.27 12.98
C LEU A 55 -18.96 41.15 13.59
N ILE A 56 -17.68 41.12 13.24
CA ILE A 56 -16.80 40.04 13.71
C ILE A 56 -16.80 39.90 15.24
N PRO A 57 -16.56 40.96 15.98
CA PRO A 57 -16.57 40.72 17.46
C PRO A 57 -17.81 39.97 17.95
N GLU A 58 -19.00 40.53 17.63
CA GLU A 58 -20.27 40.00 18.12
C GLU A 58 -20.58 38.68 17.51
N ALA A 59 -20.31 38.54 16.22
CA ALA A 59 -20.55 37.27 15.52
C ALA A 59 -19.67 36.12 16.04
N PHE A 60 -18.40 36.38 16.22
CA PHE A 60 -17.54 35.35 16.81
C PHE A 60 -17.89 34.99 18.29
N ALA A 61 -18.24 35.96 19.11
CA ALA A 61 -18.71 35.71 20.49
C ALA A 61 -20.00 34.83 20.50
N VAL A 62 -20.87 35.03 19.52
CA VAL A 62 -22.10 34.26 19.39
C VAL A 62 -21.71 32.85 19.04
N VAL A 63 -20.82 32.68 18.09
CA VAL A 63 -20.40 31.30 17.71
C VAL A 63 -19.70 30.60 18.87
N ARG A 64 -18.73 31.25 19.51
CA ARG A 64 -18.03 30.72 20.70
C ARG A 64 -19.02 30.25 21.79
N GLU A 65 -20.13 30.95 21.99
CA GLU A 65 -21.10 30.62 23.07
C GLU A 65 -22.03 29.47 22.67
N ALA A 66 -22.44 29.50 21.39
CA ALA A 66 -23.20 28.43 20.74
C ALA A 66 -22.41 27.13 20.74
N SER A 67 -21.11 27.24 20.57
CA SER A 67 -20.25 26.08 20.53
C SER A 67 -20.16 25.46 21.91
N LYS A 68 -20.06 26.28 22.94
CA LYS A 68 -20.00 25.75 24.32
C LYS A 68 -21.29 25.06 24.77
N ARG A 69 -22.43 25.66 24.42
CA ARG A 69 -23.69 25.04 24.68
C ARG A 69 -23.89 23.76 23.87
N VAL A 70 -23.48 23.79 22.59
CA VAL A 70 -23.76 22.71 21.61
C VAL A 70 -22.71 21.62 21.62
N PHE A 71 -21.44 22.00 21.54
CA PHE A 71 -20.32 21.11 21.51
C PHE A 71 -19.70 20.93 22.78
N GLY A 72 -19.90 21.83 23.73
CA GLY A 72 -19.13 21.77 24.96
C GLY A 72 -17.69 22.16 24.69
N MET A 73 -17.47 23.03 23.68
CA MET A 73 -16.15 23.53 23.30
C MET A 73 -16.21 24.99 23.06
N ARG A 74 -15.22 25.66 23.64
CA ARG A 74 -15.08 27.11 23.59
C ARG A 74 -13.82 27.42 22.80
N HIS A 75 -13.99 27.98 21.61
CA HIS A 75 -12.87 28.52 20.81
C HIS A 75 -11.84 29.23 21.67
N PHE A 76 -10.58 28.87 21.53
CA PHE A 76 -9.44 29.59 22.11
C PHE A 76 -9.20 30.86 21.36
N ASP A 77 -8.54 31.76 22.02
CA ASP A 77 -8.12 33.02 21.44
C ASP A 77 -7.46 32.86 20.08
N VAL A 78 -6.50 31.95 19.97
CA VAL A 78 -5.78 31.73 18.67
C VAL A 78 -6.67 31.20 17.58
N GLN A 79 -7.79 30.56 17.95
CA GLN A 79 -8.76 30.10 16.98
C GLN A 79 -9.61 31.25 16.50
N LEU A 80 -9.84 32.23 17.38
CA LEU A 80 -10.52 33.47 16.96
C LEU A 80 -9.68 34.14 15.94
N LEU A 81 -8.37 34.20 16.21
CA LEU A 81 -7.49 34.84 15.24
C LEU A 81 -7.49 34.11 13.88
N GLY A 82 -7.48 32.79 13.94
CA GLY A 82 -7.38 32.05 12.71
C GLY A 82 -8.65 32.27 11.94
N GLY A 83 -9.76 32.35 12.65
CA GLY A 83 -11.11 32.58 12.05
C GLY A 83 -11.09 33.94 11.37
N MET A 84 -10.37 34.91 11.93
CA MET A 84 -10.28 36.22 11.33
C MET A 84 -9.46 36.21 10.08
N VAL A 85 -8.31 35.53 10.12
CA VAL A 85 -7.44 35.38 8.94
C VAL A 85 -8.20 34.75 7.76
N LEU A 86 -9.02 33.76 8.01
CA LEU A 86 -9.73 33.07 6.95
C LEU A 86 -10.91 33.87 6.35
N ASN A 87 -11.30 34.98 6.99
CA ASN A 87 -12.28 35.91 6.39
C ASN A 87 -11.69 36.85 5.35
N GLU A 88 -10.36 36.98 5.35
CA GLU A 88 -9.58 37.58 4.25
C GLU A 88 -9.04 36.59 3.14
N ARG A 89 -8.42 37.12 2.11
CA ARG A 89 -7.94 36.28 1.00
C ARG A 89 -6.60 35.76 1.49
N CYS A 90 -6.70 34.71 2.29
CA CYS A 90 -5.62 34.29 3.18
C CYS A 90 -5.62 32.81 3.47
N ILE A 91 -4.41 32.23 3.55
CA ILE A 91 -4.16 30.93 4.14
C ILE A 91 -3.83 31.15 5.64
N ALA A 92 -4.56 30.49 6.51
CA ALA A 92 -4.14 30.39 7.92
C ALA A 92 -3.30 29.09 8.08
N GLU A 93 -2.06 29.29 8.47
CA GLU A 93 -1.20 28.25 8.95
C GLU A 93 -1.40 28.02 10.43
N MET A 94 -1.96 26.87 10.74
CA MET A 94 -2.24 26.50 12.10
C MET A 94 -1.65 25.16 12.32
N ARG A 95 -0.96 24.97 13.43
CA ARG A 95 -0.20 23.75 13.64
C ARG A 95 -1.13 22.55 13.83
N THR A 96 -0.65 21.35 13.53
CA THR A 96 -1.43 20.14 13.69
C THR A 96 -1.89 20.01 15.14
N GLY A 97 -3.18 19.70 15.24
CA GLY A 97 -3.90 19.48 16.48
C GLY A 97 -4.40 20.78 17.10
N GLU A 98 -4.28 21.89 16.37
CA GLU A 98 -4.67 23.17 16.90
C GLU A 98 -6.14 23.49 16.76
N GLY A 99 -6.88 22.68 16.05
CA GLY A 99 -8.29 22.77 16.11
C GLY A 99 -8.87 23.39 14.87
N LYS A 100 -8.25 23.17 13.72
CA LYS A 100 -8.72 23.72 12.45
C LYS A 100 -10.15 23.52 12.14
N THR A 101 -10.67 22.41 12.58
CA THR A 101 -12.04 22.08 12.27
C THR A 101 -13.08 23.05 12.97
N LEU A 102 -12.87 23.26 14.25
CA LEU A 102 -13.70 24.14 15.02
C LEU A 102 -13.46 25.57 14.61
N THR A 103 -12.18 25.91 14.45
CA THR A 103 -11.80 27.26 13.93
C THR A 103 -12.62 27.67 12.67
N ALA A 104 -12.78 26.72 11.76
CA ALA A 104 -13.41 27.01 10.45
C ALA A 104 -14.90 27.39 10.62
N THR A 105 -15.52 26.99 11.74
CA THR A 105 -16.90 27.32 12.04
C THR A 105 -17.02 28.81 12.14
N LEU A 106 -16.01 29.51 12.60
CA LEU A 106 -16.06 31.01 12.62
C LEU A 106 -16.28 31.78 11.29
N PRO A 107 -15.37 31.66 10.34
CA PRO A 107 -15.58 32.35 9.02
C PRO A 107 -16.77 31.83 8.20
N ALA A 108 -17.13 30.60 8.47
CA ALA A 108 -18.21 29.97 7.77
C ALA A 108 -19.48 30.66 8.16
N TYR A 109 -19.73 30.70 9.47
CA TYR A 109 -20.79 31.51 10.05
C TYR A 109 -20.81 32.94 9.50
N LEU A 110 -19.72 33.68 9.67
CA LEU A 110 -19.70 35.08 9.26
C LEU A 110 -20.08 35.31 7.80
N ASN A 111 -19.55 34.46 6.94
CA ASN A 111 -19.67 34.61 5.47
C ASN A 111 -20.88 33.96 4.90
N ALA A 112 -21.66 33.28 5.76
CA ALA A 112 -22.98 32.82 5.47
C ALA A 112 -24.14 33.86 5.58
N LEU A 113 -23.91 34.80 6.50
CA LEU A 113 -24.77 35.92 6.84
C LEU A 113 -25.36 36.74 5.69
N THR A 114 -24.57 37.13 4.69
CA THR A 114 -25.22 37.87 3.57
C THR A 114 -26.05 36.97 2.63
N GLY A 115 -26.22 35.71 2.90
CA GLY A 115 -27.16 34.96 2.13
C GLY A 115 -26.70 34.58 0.74
N LYS A 116 -25.42 34.48 0.53
CA LYS A 116 -24.85 34.19 -0.75
C LYS A 116 -24.18 32.81 -0.72
N GLY A 117 -24.15 32.20 0.45
CA GLY A 117 -23.60 30.85 0.64
C GLY A 117 -22.12 30.70 0.90
N VAL A 118 -21.75 29.50 1.34
CA VAL A 118 -20.35 29.21 1.73
C VAL A 118 -19.98 27.84 1.16
N HIS A 119 -18.87 27.72 0.48
CA HIS A 119 -18.45 26.36 0.05
C HIS A 119 -17.23 25.94 0.88
N VAL A 120 -17.46 25.02 1.81
CA VAL A 120 -16.38 24.47 2.59
C VAL A 120 -15.90 23.28 1.76
N VAL A 121 -14.61 23.24 1.44
CA VAL A 121 -14.04 22.30 0.50
C VAL A 121 -13.18 21.31 1.22
N THR A 122 -13.53 20.03 1.08
CA THR A 122 -12.93 18.88 1.81
C THR A 122 -12.18 18.07 0.79
N VAL A 123 -11.19 17.34 1.29
CA VAL A 123 -10.39 16.44 0.45
C VAL A 123 -11.10 15.16 0.00
N ASN A 124 -12.13 14.73 0.73
CA ASN A 124 -12.87 13.50 0.41
C ASN A 124 -14.30 13.56 0.95
N ASP A 125 -15.11 12.57 0.56
CA ASP A 125 -16.57 12.59 0.75
C ASP A 125 -16.86 12.26 2.24
N TYR A 126 -15.98 11.46 2.84
CA TYR A 126 -16.13 11.08 4.21
C TYR A 126 -16.14 12.32 5.07
N LEU A 127 -15.13 13.17 4.89
CA LEU A 127 -15.03 14.45 5.66
C LEU A 127 -16.18 15.45 5.44
N ALA A 128 -16.64 15.54 4.20
CA ALA A 128 -17.75 16.40 3.79
C ALA A 128 -18.99 16.00 4.56
N GLN A 129 -19.28 14.72 4.61
CA GLN A 129 -20.41 14.26 5.30
C GLN A 129 -20.32 14.36 6.82
N ARG A 130 -19.20 13.89 7.33
CA ARG A 130 -18.86 13.98 8.72
C ARG A 130 -18.94 15.39 9.28
N ASP A 131 -18.35 16.38 8.58
CA ASP A 131 -18.33 17.78 9.08
C ASP A 131 -19.67 18.45 8.88
N ALA A 132 -20.33 18.16 7.76
CA ALA A 132 -21.73 18.67 7.65
C ALA A 132 -22.61 18.18 8.78
N GLU A 133 -22.68 16.88 8.99
CA GLU A 133 -23.51 16.37 10.07
C GLU A 133 -23.05 16.77 11.44
N ASN A 134 -21.76 16.84 11.70
CA ASN A 134 -21.33 17.26 13.05
C ASN A 134 -21.67 18.74 13.34
N ASN A 135 -21.60 19.60 12.32
CA ASN A 135 -21.81 21.00 12.52
C ASN A 135 -23.22 21.45 12.33
N ARG A 136 -24.06 20.62 11.70
CA ARG A 136 -25.44 20.98 11.52
C ARG A 136 -26.09 21.35 12.87
N PRO A 137 -25.82 20.65 13.97
CA PRO A 137 -26.46 21.15 15.21
C PRO A 137 -26.06 22.58 15.66
N LEU A 138 -24.81 22.93 15.47
CA LEU A 138 -24.25 24.22 15.83
C LEU A 138 -24.88 25.31 15.01
N PHE A 139 -24.93 25.09 13.71
CA PHE A 139 -25.43 26.09 12.82
C PHE A 139 -26.97 26.18 12.81
N GLU A 140 -27.71 25.10 13.09
CA GLU A 140 -29.16 25.19 13.27
C GLU A 140 -29.53 25.94 14.57
N PHE A 141 -28.71 25.75 15.59
CA PHE A 141 -28.87 26.42 16.85
C PHE A 141 -28.76 27.93 16.55
N LEU A 142 -27.97 28.31 15.56
CA LEU A 142 -27.80 29.71 15.18
C LEU A 142 -28.67 30.17 14.06
N GLY A 143 -29.70 29.40 13.73
CA GLY A 143 -30.58 29.72 12.62
C GLY A 143 -30.03 29.63 11.21
N LEU A 144 -29.03 28.78 10.99
CA LEU A 144 -28.52 28.50 9.62
C LEU A 144 -28.84 27.06 9.17
N THR A 145 -28.79 26.80 7.87
CA THR A 145 -28.98 25.48 7.28
C THR A 145 -27.64 25.01 6.74
N VAL A 146 -27.48 23.70 6.64
CA VAL A 146 -26.25 23.05 6.16
C VAL A 146 -26.53 22.11 4.98
N GLY A 147 -25.73 22.23 3.95
CA GLY A 147 -25.89 21.36 2.78
C GLY A 147 -24.73 20.40 2.63
N ILE A 148 -24.97 19.22 2.05
CA ILE A 148 -23.95 18.26 1.67
C ILE A 148 -24.08 17.95 0.15
N ASN A 149 -23.01 18.23 -0.62
CA ASN A 149 -22.85 17.83 -1.99
C ASN A 149 -21.99 16.54 -2.21
N LEU A 150 -22.55 15.55 -2.85
CA LEU A 150 -21.85 14.34 -3.17
C LEU A 150 -21.92 13.96 -4.68
N PRO A 151 -20.91 13.22 -5.17
CA PRO A 151 -21.03 12.62 -6.47
C PRO A 151 -22.26 11.69 -6.56
N GLY A 152 -22.99 11.72 -7.68
CA GLY A 152 -24.16 10.89 -7.80
C GLY A 152 -25.43 11.49 -7.24
N MET A 153 -25.32 12.60 -6.51
CA MET A 153 -26.52 13.22 -5.95
C MET A 153 -27.41 13.83 -7.10
N PRO A 154 -28.71 13.53 -7.10
CA PRO A 154 -29.62 14.07 -8.14
C PRO A 154 -29.61 15.55 -8.12
N ALA A 155 -29.82 16.16 -9.26
CA ALA A 155 -29.74 17.57 -9.39
C ALA A 155 -30.65 18.29 -8.44
N PRO A 156 -31.92 17.84 -8.18
CA PRO A 156 -32.66 18.62 -7.21
C PRO A 156 -32.08 18.62 -5.79
N ALA A 157 -31.47 17.51 -5.36
CA ALA A 157 -30.80 17.47 -4.05
C ALA A 157 -29.59 18.28 -4.03
N LYS A 158 -28.88 18.39 -5.14
CA LYS A 158 -27.74 19.27 -5.18
C LYS A 158 -28.18 20.71 -5.10
N ARG A 159 -29.24 21.07 -5.79
CA ARG A 159 -29.69 22.43 -5.79
C ARG A 159 -29.96 22.86 -4.33
N GLU A 160 -30.63 21.98 -3.61
CA GLU A 160 -30.91 22.16 -2.21
C GLU A 160 -29.65 22.34 -1.35
N ALA A 161 -28.60 21.55 -1.63
CA ALA A 161 -27.32 21.65 -0.90
C ALA A 161 -26.67 23.00 -1.16
N TYR A 162 -26.74 23.48 -2.41
CA TYR A 162 -26.24 24.74 -2.71
C TYR A 162 -27.11 25.89 -2.25
N ALA A 163 -28.38 25.61 -1.97
CA ALA A 163 -29.29 26.70 -1.44
C ALA A 163 -29.11 26.87 0.07
N ALA A 164 -28.47 25.93 0.74
CA ALA A 164 -28.22 26.05 2.18
C ALA A 164 -27.28 27.18 2.40
N ASP A 165 -27.17 27.55 3.66
CA ASP A 165 -26.47 28.72 4.10
C ASP A 165 -24.98 28.41 4.01
N ILE A 166 -24.65 27.18 4.37
CA ILE A 166 -23.28 26.59 4.27
C ILE A 166 -23.27 25.15 3.68
N THR A 167 -22.38 24.92 2.68
CA THR A 167 -22.34 23.67 1.96
C THR A 167 -20.98 23.03 2.23
N TYR A 168 -21.01 21.70 2.29
CA TYR A 168 -19.81 20.86 2.43
C TYR A 168 -19.70 19.91 1.23
N GLY A 169 -18.47 19.81 0.73
CA GLY A 169 -18.16 18.90 -0.35
C GLY A 169 -16.73 18.94 -0.84
N THR A 170 -16.40 18.04 -1.74
CA THR A 170 -15.04 17.93 -2.25
C THR A 170 -14.87 18.96 -3.31
N ASN A 171 -13.60 19.22 -3.58
CA ASN A 171 -13.15 20.01 -4.70
C ASN A 171 -13.57 19.50 -6.08
N ASN A 172 -13.32 18.23 -6.34
CA ASN A 172 -13.77 17.64 -7.53
C ASN A 172 -15.23 17.88 -7.81
N GLU A 173 -16.10 17.60 -6.87
CA GLU A 173 -17.53 17.77 -7.02
C GLU A 173 -18.02 19.20 -7.24
N TYR A 174 -17.41 20.15 -6.56
CA TYR A 174 -17.68 21.54 -6.80
C TYR A 174 -17.35 21.91 -8.28
N GLY A 175 -16.14 21.55 -8.71
CA GLY A 175 -15.67 21.82 -10.07
C GLY A 175 -16.49 21.17 -11.18
N PHE A 176 -16.79 19.88 -11.04
CA PHE A 176 -17.64 19.20 -11.95
C PHE A 176 -19.03 19.86 -12.05
N ASP A 177 -19.65 20.21 -10.94
CA ASP A 177 -20.91 21.01 -10.94
C ASP A 177 -20.81 22.28 -11.71
N TYR A 178 -19.70 22.99 -11.60
CA TYR A 178 -19.55 24.20 -12.39
C TYR A 178 -19.55 23.92 -13.94
N LEU A 179 -18.75 22.97 -14.39
CA LEU A 179 -18.74 22.52 -15.76
C LEU A 179 -20.12 22.10 -16.28
N ARG A 180 -20.85 21.25 -15.54
CA ARG A 180 -22.12 20.75 -15.95
C ARG A 180 -23.07 21.92 -15.96
N ASP A 181 -22.86 22.92 -15.11
CA ASP A 181 -23.76 24.09 -15.12
C ASP A 181 -23.56 24.92 -16.39
N ASN A 182 -22.37 24.78 -16.92
CA ASN A 182 -21.97 25.50 -18.13
C ASN A 182 -22.16 24.64 -19.39
N MET A 183 -22.90 23.56 -19.20
CA MET A 183 -23.41 22.79 -20.29
C MET A 183 -24.96 22.73 -20.23
N ALA A 184 -25.56 23.44 -19.28
CA ALA A 184 -27.06 23.54 -19.19
C ALA A 184 -27.63 24.39 -20.31
N PHE A 185 -28.88 24.04 -20.67
CA PHE A 185 -29.62 24.68 -21.69
C PHE A 185 -30.74 25.53 -21.16
N SER A 186 -30.97 25.56 -19.86
CA SER A 186 -31.83 26.53 -19.23
C SER A 186 -31.21 26.88 -17.83
N PRO A 187 -31.37 28.14 -17.42
CA PRO A 187 -30.81 28.57 -16.20
C PRO A 187 -31.39 27.82 -15.01
N GLU A 188 -32.59 27.24 -15.13
CA GLU A 188 -33.17 26.42 -14.03
C GLU A 188 -32.40 25.11 -13.86
N GLU A 189 -31.75 24.60 -14.91
CA GLU A 189 -30.95 23.36 -14.74
C GLU A 189 -29.68 23.56 -13.86
N ARG A 190 -29.25 24.78 -13.64
CA ARG A 190 -28.08 25.01 -12.85
C ARG A 190 -28.32 24.51 -11.41
N VAL A 191 -27.28 23.94 -10.82
CA VAL A 191 -27.31 23.48 -9.43
C VAL A 191 -26.61 24.51 -8.47
N GLN A 192 -25.62 25.26 -8.97
CA GLN A 192 -24.81 26.10 -8.11
C GLN A 192 -25.42 27.50 -8.10
N ARG A 193 -25.18 28.35 -7.07
CA ARG A 193 -25.45 29.78 -7.15
C ARG A 193 -24.16 30.44 -7.57
N LYS A 194 -24.11 31.76 -7.58
CA LYS A 194 -22.90 32.51 -7.78
C LYS A 194 -21.82 32.07 -6.78
N LEU A 195 -20.57 31.97 -7.25
CA LEU A 195 -19.47 31.43 -6.42
C LEU A 195 -19.00 32.47 -5.44
N HIS A 196 -19.35 32.29 -4.20
CA HIS A 196 -19.16 33.37 -3.32
C HIS A 196 -17.89 33.26 -2.44
N TYR A 197 -17.87 32.26 -1.59
CA TYR A 197 -16.78 32.02 -0.71
C TYR A 197 -16.44 30.52 -0.66
N ALA A 198 -15.14 30.23 -0.84
CA ALA A 198 -14.50 28.88 -0.78
C ALA A 198 -13.52 28.90 0.36
N LEU A 199 -13.89 28.17 1.41
CA LEU A 199 -13.04 27.86 2.53
C LEU A 199 -12.47 26.45 2.40
N VAL A 200 -11.19 26.38 2.10
CA VAL A 200 -10.57 25.16 1.66
C VAL A 200 -9.74 24.54 2.82
N ASP A 201 -10.09 23.30 3.16
CA ASP A 201 -9.66 22.69 4.39
C ASP A 201 -8.19 22.37 4.47
N GLU A 202 -7.61 21.96 3.34
CA GLU A 202 -6.22 21.51 3.30
C GLU A 202 -5.65 21.95 1.97
N VAL A 203 -4.97 23.09 2.01
CA VAL A 203 -4.63 23.81 0.79
C VAL A 203 -3.43 23.26 0.06
N ASP A 204 -2.59 22.48 0.74
CA ASP A 204 -1.44 21.92 0.06
C ASP A 204 -1.81 21.01 -1.07
N SER A 205 -2.68 20.07 -0.80
CA SER A 205 -3.04 19.15 -1.83
C SER A 205 -4.04 19.84 -2.76
N ILE A 206 -5.04 20.53 -2.20
CA ILE A 206 -6.20 21.05 -2.97
C ILE A 206 -5.88 22.22 -3.91
N LEU A 207 -5.14 23.19 -3.42
CA LEU A 207 -4.70 24.34 -4.16
C LEU A 207 -3.33 24.26 -4.79
N ILE A 208 -2.31 23.78 -4.07
CA ILE A 208 -0.99 23.64 -4.67
C ILE A 208 -0.80 22.40 -5.53
N ASP A 209 -0.88 21.15 -4.98
CA ASP A 209 -0.49 19.95 -5.77
C ASP A 209 -1.44 19.71 -6.96
N GLU A 210 -2.70 20.12 -6.80
CA GLU A 210 -3.73 19.91 -7.78
C GLU A 210 -4.03 21.15 -8.72
N ALA A 211 -3.20 22.18 -8.67
CA ALA A 211 -3.52 23.47 -9.22
C ALA A 211 -3.78 23.33 -10.71
N ARG A 212 -2.94 22.54 -11.38
CA ARG A 212 -3.04 22.43 -12.82
C ARG A 212 -3.77 21.20 -13.27
N THR A 213 -4.38 20.44 -12.36
CA THR A 213 -5.09 19.21 -12.75
C THR A 213 -6.40 19.62 -13.42
N PRO A 214 -6.63 19.19 -14.67
CA PRO A 214 -7.85 19.53 -15.33
C PRO A 214 -8.94 18.63 -14.87
N LEU A 215 -10.09 19.24 -14.66
CA LEU A 215 -11.35 18.56 -14.52
C LEU A 215 -11.97 18.62 -15.90
N ILE A 216 -12.50 17.50 -16.34
CA ILE A 216 -12.89 17.27 -17.71
C ILE A 216 -14.21 16.56 -17.74
N ILE A 217 -15.11 17.00 -18.60
CA ILE A 217 -16.29 16.23 -18.99
C ILE A 217 -16.08 15.83 -20.40
N SER A 218 -16.46 14.58 -20.67
CA SER A 218 -16.04 13.83 -21.80
C SER A 218 -17.26 13.39 -22.62
N GLY A 219 -17.03 13.15 -23.87
CA GLY A 219 -18.08 13.33 -24.83
C GLY A 219 -18.27 12.24 -25.83
N PRO A 220 -19.16 11.29 -25.51
CA PRO A 220 -19.38 10.07 -26.31
C PRO A 220 -19.78 10.48 -27.67
N ALA A 221 -21.01 11.01 -27.78
CA ALA A 221 -21.53 11.55 -29.05
C ALA A 221 -20.87 12.93 -29.29
N GLU A 222 -20.75 13.25 -30.57
CA GLU A 222 -19.74 14.18 -31.05
C GLU A 222 -20.16 14.85 -32.34
N ASP A 223 -19.84 14.15 -33.44
CA ASP A 223 -19.54 14.73 -34.76
C ASP A 223 -19.38 13.52 -35.73
N SER A 224 -18.87 13.78 -36.93
CA SER A 224 -18.53 12.74 -37.92
C SER A 224 -17.24 11.97 -37.58
N GLN A 358 -15.68 3.96 -35.98
CA GLN A 358 -15.78 4.33 -34.57
C GLN A 358 -16.10 5.83 -34.39
N ASN A 359 -16.67 6.20 -33.23
CA ASN A 359 -16.92 7.61 -32.87
C ASN A 359 -16.72 7.84 -31.35
N GLU A 360 -15.67 7.21 -30.83
CA GLU A 360 -15.02 7.47 -29.53
C GLU A 360 -15.28 8.83 -28.84
N ASN A 361 -14.78 8.97 -27.60
CA ASN A 361 -15.19 10.08 -26.71
C ASN A 361 -14.12 11.20 -26.44
N GLN A 362 -14.59 12.45 -26.34
CA GLN A 362 -13.76 13.67 -26.31
C GLN A 362 -14.12 14.71 -25.25
N THR A 363 -13.28 15.72 -25.10
CA THR A 363 -13.48 16.72 -24.07
C THR A 363 -14.58 17.68 -24.52
N LEU A 364 -15.61 17.83 -23.68
CA LEU A 364 -16.70 18.79 -23.87
C LEU A 364 -16.51 20.06 -23.07
N ALA A 365 -15.83 19.94 -21.90
CA ALA A 365 -15.71 21.02 -20.94
C ALA A 365 -14.49 20.70 -20.03
N SER A 366 -13.67 21.69 -19.76
CA SER A 366 -12.48 21.53 -18.97
C SER A 366 -12.22 22.80 -18.14
N ILE A 367 -11.70 22.62 -16.93
CA ILE A 367 -11.20 23.79 -16.14
C ILE A 367 -10.13 23.23 -15.18
N THR A 368 -9.06 23.94 -14.96
CA THR A 368 -8.10 23.50 -13.95
C THR A 368 -8.62 23.84 -12.56
N PHE A 369 -8.07 23.19 -11.54
CA PHE A 369 -8.49 23.53 -10.15
C PHE A 369 -8.16 24.95 -9.82
N GLN A 370 -7.06 25.45 -10.37
CA GLN A 370 -6.61 26.75 -10.05
C GLN A 370 -7.60 27.72 -10.51
N ASN A 371 -7.96 27.59 -11.76
CA ASN A 371 -8.91 28.49 -12.39
C ASN A 371 -10.38 28.32 -11.98
N TYR A 372 -10.77 27.14 -11.52
CA TYR A 372 -12.04 27.03 -10.74
C TYR A 372 -11.99 27.93 -9.48
N PHE A 373 -10.99 27.78 -8.63
CA PHE A 373 -11.00 28.52 -7.32
C PHE A 373 -10.76 29.99 -7.50
N ARG A 374 -10.08 30.33 -8.57
CA ARG A 374 -10.00 31.74 -8.95
C ARG A 374 -11.39 32.42 -9.38
N LEU A 375 -12.47 31.65 -9.62
CA LEU A 375 -13.74 32.30 -9.99
C LEU A 375 -14.40 32.80 -8.75
N TYR A 376 -13.96 32.36 -7.57
CA TYR A 376 -14.70 32.77 -6.38
C TYR A 376 -14.47 34.21 -6.03
N GLU A 377 -15.49 34.91 -5.57
CA GLU A 377 -15.23 36.22 -4.97
C GLU A 377 -14.30 36.21 -3.72
N LYS A 378 -14.46 35.24 -2.81
CA LYS A 378 -13.70 35.17 -1.56
C LYS A 378 -13.10 33.76 -1.53
N LEU A 379 -11.81 33.71 -1.33
CA LEU A 379 -11.08 32.44 -1.23
C LEU A 379 -10.13 32.50 -0.03
N ALA A 380 -10.09 31.40 0.72
CA ALA A 380 -9.29 31.27 1.95
C ALA A 380 -9.06 29.83 2.19
N GLY A 381 -8.09 29.52 3.03
CA GLY A 381 -7.91 28.10 3.44
C GLY A 381 -6.93 27.93 4.56
N MET A 382 -6.77 26.66 4.95
CA MET A 382 -5.99 26.23 6.05
C MET A 382 -4.87 25.20 5.65
N THR A 383 -3.79 25.23 6.42
CA THR A 383 -2.74 24.17 6.38
C THR A 383 -1.92 24.17 7.67
N GLY A 384 -1.00 23.22 7.81
CA GLY A 384 -0.12 23.13 8.99
C GLY A 384 1.15 23.95 8.80
N THR A 385 1.82 24.30 9.91
CA THR A 385 3.06 25.20 9.96
C THR A 385 4.26 24.64 9.08
N ALA A 386 4.17 23.35 8.72
CA ALA A 386 5.09 22.66 7.78
C ALA A 386 5.40 23.39 6.43
N ASP A 387 4.42 24.19 5.96
CA ASP A 387 4.56 25.33 4.96
C ASP A 387 5.45 25.17 3.69
N THR A 388 6.51 26.04 3.66
CA THR A 388 7.47 26.30 2.56
C THR A 388 6.94 26.90 1.20
N GLU A 389 5.63 27.07 1.06
CA GLU A 389 5.06 27.45 -0.21
C GLU A 389 4.26 28.74 -0.21
N ALA A 390 4.55 29.64 0.72
CA ALA A 390 3.88 30.94 0.77
C ALA A 390 3.89 31.74 -0.56
N PHE A 391 5.04 31.71 -1.22
CA PHE A 391 5.30 32.41 -2.47
C PHE A 391 4.55 31.78 -3.64
N GLU A 392 4.18 30.53 -3.49
CA GLU A 392 3.34 29.90 -4.47
C GLU A 392 1.89 30.30 -4.31
N PHE A 393 1.46 30.43 -3.08
CA PHE A 393 0.07 30.74 -2.82
C PHE A 393 -0.24 32.11 -3.37
N SER A 394 0.69 33.04 -3.20
CA SER A 394 0.60 34.41 -3.75
C SER A 394 0.58 34.47 -5.30
N SER A 395 1.53 33.76 -5.88
CA SER A 395 1.72 33.67 -7.29
C SER A 395 0.55 32.97 -7.93
N ILE A 396 0.12 31.83 -7.43
CA ILE A 396 -0.99 31.10 -8.10
C ILE A 396 -2.37 31.76 -7.84
N TYR A 397 -2.58 32.35 -6.63
CA TYR A 397 -3.93 32.70 -6.14
C TYR A 397 -4.15 34.10 -5.60
N LYS A 398 -3.11 34.88 -5.48
CA LYS A 398 -3.15 36.12 -4.70
C LYS A 398 -3.62 35.92 -3.21
N LEU A 399 -3.28 34.77 -2.66
CA LEU A 399 -3.51 34.50 -1.28
C LEU A 399 -2.28 34.88 -0.45
N ASP A 400 -2.49 35.73 0.55
CA ASP A 400 -1.56 35.86 1.65
C ASP A 400 -1.52 34.65 2.58
N THR A 401 -0.41 34.45 3.29
CA THR A 401 -0.41 33.44 4.36
C THR A 401 -0.06 34.05 5.70
N VAL A 402 -0.83 33.66 6.70
CA VAL A 402 -0.56 34.14 8.05
C VAL A 402 -0.28 32.92 8.89
N VAL A 403 0.80 33.00 9.67
CA VAL A 403 1.16 32.01 10.65
C VAL A 403 0.40 32.33 11.92
N VAL A 404 -0.41 31.41 12.35
CA VAL A 404 -1.24 31.65 13.54
C VAL A 404 -0.45 30.99 14.67
N PRO A 405 -0.25 31.70 15.78
CA PRO A 405 0.31 31.26 17.08
C PRO A 405 -0.46 30.08 17.65
N THR A 406 0.29 29.20 18.32
CA THR A 406 -0.27 27.99 18.89
C THR A 406 -0.88 28.46 20.21
N ASN A 407 -1.90 27.74 20.65
CA ASN A 407 -2.57 28.00 21.92
C ASN A 407 -1.57 27.95 23.02
N ARG A 408 -0.79 26.87 23.08
CA ARG A 408 0.29 26.86 24.10
C ARG A 408 1.64 27.17 23.39
N PRO A 409 2.60 27.74 24.11
CA PRO A 409 3.96 27.88 23.60
C PRO A 409 4.56 26.55 23.13
N MET A 410 5.14 26.66 21.96
CA MET A 410 5.76 25.56 21.27
C MET A 410 7.18 25.47 21.93
N ILE A 411 7.59 24.32 22.41
CA ILE A 411 8.89 24.21 23.12
C ILE A 411 9.72 23.06 22.55
N ARG A 412 9.25 22.48 21.48
CA ARG A 412 9.99 21.40 20.91
C ARG A 412 11.40 21.89 20.57
N LYS A 413 12.41 21.16 20.99
CA LYS A 413 13.82 21.46 20.61
C LYS A 413 14.25 20.79 19.35
N ASP A 414 14.46 21.56 18.32
CA ASP A 414 14.87 20.99 17.05
C ASP A 414 16.33 21.21 17.04
N LEU A 415 17.11 20.18 17.15
CA LEU A 415 18.58 20.33 17.31
C LEU A 415 19.33 20.41 15.92
N PRO A 416 20.57 20.88 15.90
CA PRO A 416 21.23 21.03 14.59
C PRO A 416 21.33 19.71 13.88
N ASP A 417 21.13 19.71 12.56
CA ASP A 417 21.42 18.52 11.69
C ASP A 417 22.82 17.96 11.90
N LEU A 418 22.97 16.64 11.88
CA LEU A 418 24.32 15.98 12.02
C LEU A 418 24.76 15.32 10.70
N VAL A 419 26.01 15.58 10.27
CA VAL A 419 26.61 14.98 9.07
C VAL A 419 27.72 14.02 9.36
N TYR A 420 27.63 12.87 8.68
CA TYR A 420 28.56 11.77 8.87
C TYR A 420 29.12 11.40 7.52
N MET A 421 30.35 10.90 7.58
CA MET A 421 31.05 10.45 6.41
C MET A 421 30.24 9.45 5.64
N THR A 422 29.86 8.40 6.36
CA THR A 422 29.19 7.21 5.79
C THR A 422 27.86 6.87 6.50
N GLU A 423 26.96 6.21 5.79
CA GLU A 423 25.78 5.56 6.39
C GLU A 423 26.08 4.77 7.66
N ALA A 424 27.15 4.03 7.68
CA ALA A 424 27.44 3.22 8.83
C ALA A 424 27.75 4.04 10.06
N GLU A 425 28.52 5.11 9.86
CA GLU A 425 28.82 6.02 10.96
C GLU A 425 27.51 6.66 11.35
N LYS A 426 26.72 7.05 10.38
CA LYS A 426 25.42 7.71 10.65
C LYS A 426 24.52 6.81 11.53
N ILE A 427 24.29 5.61 11.03
CA ILE A 427 23.49 4.64 11.74
C ILE A 427 24.04 4.40 13.14
N GLN A 428 25.35 4.25 13.31
CA GLN A 428 25.87 4.11 14.66
C GLN A 428 25.60 5.27 15.59
N ALA A 429 25.59 6.47 15.02
CA ALA A 429 25.23 7.67 15.76
C ALA A 429 23.80 7.64 16.24
N ILE A 430 22.91 7.29 15.34
CA ILE A 430 21.48 7.09 15.66
C ILE A 430 21.23 6.12 16.79
N ILE A 431 21.97 4.99 16.79
CA ILE A 431 21.79 3.89 17.71
C ILE A 431 22.23 4.44 19.03
N GLU A 432 23.30 5.21 19.01
CA GLU A 432 23.81 5.80 20.22
C GLU A 432 22.89 6.79 20.93
N ASP A 433 22.27 7.66 20.18
CA ASP A 433 21.26 8.65 20.66
C ASP A 433 20.03 7.93 21.33
N ILE A 434 19.61 6.87 20.68
CA ILE A 434 18.41 6.10 21.09
C ILE A 434 18.73 5.45 22.33
N LYS A 435 19.92 4.86 22.36
CA LYS A 435 20.44 4.19 23.53
C LYS A 435 20.45 5.15 24.72
N GLU A 436 20.93 6.36 24.59
CA GLU A 436 20.98 7.27 25.72
C GLU A 436 19.66 7.82 26.19
N ARG A 437 18.82 8.09 25.21
CA ARG A 437 17.50 8.62 25.46
C ARG A 437 16.59 7.60 26.07
N THR A 438 16.54 6.38 25.56
CA THR A 438 15.63 5.38 26.10
C THR A 438 16.03 4.98 27.51
N ALA A 439 17.35 4.91 27.76
CA ALA A 439 17.87 4.76 29.15
C ALA A 439 17.28 5.85 30.10
N LYS A 440 17.17 7.08 29.64
CA LYS A 440 16.42 8.18 30.35
C LYS A 440 14.88 8.05 30.48
N GLY A 441 14.30 7.11 29.74
CA GLY A 441 12.84 6.86 29.70
C GLY A 441 12.11 7.62 28.58
N GLN A 442 12.88 8.18 27.63
CA GLN A 442 12.34 9.03 26.62
C GLN A 442 11.95 8.14 25.47
N PRO A 443 10.73 8.32 24.96
CA PRO A 443 10.28 7.63 23.79
C PRO A 443 10.88 8.22 22.50
N VAL A 444 11.13 7.33 21.51
CA VAL A 444 11.67 7.80 20.26
C VAL A 444 10.89 7.37 19.08
N LEU A 445 10.80 8.23 18.06
CA LEU A 445 10.25 7.89 16.77
C LEU A 445 11.31 8.18 15.74
N VAL A 446 11.57 7.15 14.91
CA VAL A 446 12.66 7.15 13.93
C VAL A 446 11.96 7.09 12.61
N GLY A 447 12.15 8.10 11.82
CA GLY A 447 11.60 8.16 10.48
C GLY A 447 12.64 7.94 9.40
N THR A 448 12.37 6.97 8.54
CA THR A 448 13.27 6.68 7.42
C THR A 448 12.56 6.91 6.09
N ILE A 449 13.35 6.91 5.03
CA ILE A 449 12.83 7.04 3.67
C ILE A 449 12.51 5.74 2.86
N SER A 450 12.94 4.58 3.35
CA SER A 450 12.45 3.36 2.71
C SER A 450 12.31 2.15 3.65
N ILE A 451 11.70 1.09 3.13
CA ILE A 451 11.61 -0.17 3.86
C ILE A 451 13.01 -0.69 4.16
N GLU A 452 13.88 -0.63 3.17
CA GLU A 452 15.20 -1.19 3.30
C GLU A 452 15.93 -0.51 4.44
N LYS A 453 15.90 0.81 4.47
CA LYS A 453 16.55 1.59 5.55
C LYS A 453 15.93 1.42 6.96
N SER A 454 14.62 1.24 7.01
CA SER A 454 13.88 0.84 8.25
C SER A 454 14.37 -0.49 8.78
N GLU A 455 14.52 -1.46 7.86
CA GLU A 455 15.11 -2.78 8.21
C GLU A 455 16.51 -2.70 8.67
N LEU A 456 17.28 -1.86 8.05
CA LEU A 456 18.64 -1.66 8.48
C LEU A 456 18.79 -1.07 9.89
N VAL A 457 18.13 0.03 10.16
CA VAL A 457 18.16 0.61 11.51
C VAL A 457 17.49 -0.36 12.50
N SER A 458 16.35 -0.97 12.15
CA SER A 458 15.76 -2.03 13.01
C SER A 458 16.80 -3.10 13.41
N ASN A 459 17.39 -3.78 12.44
CA ASN A 459 18.42 -4.80 12.70
C ASN A 459 19.60 -4.39 13.53
N GLU A 460 20.05 -3.17 13.36
CA GLU A 460 21.08 -2.62 14.17
C GLU A 460 20.67 -2.31 15.60
N LEU A 461 19.42 -1.87 15.80
CA LEU A 461 18.93 -1.69 17.18
C LEU A 461 18.87 -2.99 17.87
N THR A 462 18.41 -4.01 17.21
CA THR A 462 18.36 -5.37 17.79
C THR A 462 19.77 -5.83 18.14
N LYS A 463 20.69 -5.56 17.21
CA LYS A 463 22.08 -6.00 17.40
C LYS A 463 22.61 -5.33 18.66
N ALA A 464 22.16 -4.08 18.93
CA ALA A 464 22.42 -3.38 20.17
C ALA A 464 21.50 -3.67 21.37
N GLY A 465 20.59 -4.61 21.22
CA GLY A 465 19.69 -4.97 22.27
C GLY A 465 18.62 -3.99 22.69
N ILE A 466 18.23 -3.09 21.81
CA ILE A 466 17.22 -2.04 22.05
C ILE A 466 15.91 -2.49 21.47
N LYS A 467 14.91 -2.72 22.35
CA LYS A 467 13.60 -3.19 21.86
C LYS A 467 12.83 -2.04 21.15
N HIS A 468 12.14 -2.43 20.11
CA HIS A 468 11.44 -1.47 19.32
C HIS A 468 10.37 -2.15 18.53
N ASN A 469 9.64 -1.32 17.77
CA ASN A 469 8.73 -1.83 16.78
C ASN A 469 8.83 -1.05 15.46
N VAL A 470 8.59 -1.73 14.35
CA VAL A 470 8.61 -1.12 13.02
C VAL A 470 7.19 -0.97 12.60
N LEU A 471 6.81 0.19 12.09
CA LEU A 471 5.53 0.30 11.44
C LEU A 471 5.58 -0.30 10.04
N ASN A 472 4.95 -1.46 9.88
CA ASN A 472 4.85 -2.20 8.62
C ASN A 472 3.48 -1.97 7.93
N ALA A 473 3.54 -1.27 6.80
CA ALA A 473 2.37 -0.86 5.98
C ALA A 473 1.44 -1.99 5.61
N LYS A 474 1.91 -3.20 5.71
CA LYS A 474 1.08 -4.39 5.45
C LYS A 474 0.25 -4.79 6.62
N PHE A 475 0.55 -4.25 7.82
CA PHE A 475 -0.18 -4.73 8.98
C PHE A 475 -0.84 -3.54 9.69
N HIS A 476 -2.03 -3.15 9.21
CA HIS A 476 -2.66 -1.91 9.71
C HIS A 476 -3.05 -1.97 11.14
N ALA A 477 -3.53 -3.10 11.60
CA ALA A 477 -3.95 -3.25 12.96
C ALA A 477 -2.76 -3.20 13.88
N ASN A 478 -1.66 -3.86 13.48
CA ASN A 478 -0.43 -3.88 14.24
C ASN A 478 -0.01 -2.40 14.39
N GLU A 479 -0.14 -1.64 13.30
CA GLU A 479 0.38 -0.29 13.27
C GLU A 479 -0.39 0.62 14.23
N ALA A 480 -1.72 0.59 14.18
CA ALA A 480 -2.51 1.37 15.12
C ALA A 480 -2.17 1.00 16.64
N ALA A 481 -1.99 -0.29 16.88
CA ALA A 481 -1.63 -0.81 18.21
C ALA A 481 -0.24 -0.29 18.67
N ILE A 482 0.68 -0.19 17.73
CA ILE A 482 2.03 0.33 18.01
C ILE A 482 1.99 1.85 18.21
N VAL A 483 1.30 2.52 17.33
CA VAL A 483 1.04 3.99 17.48
C VAL A 483 0.50 4.38 18.82
N ALA A 484 -0.43 3.59 19.30
CA ALA A 484 -1.10 3.94 20.47
C ALA A 484 -0.12 4.02 21.61
N GLN A 485 0.84 3.11 21.73
CA GLN A 485 1.76 3.15 22.81
C GLN A 485 3.13 3.70 22.46
N ALA A 486 3.27 4.34 21.32
CA ALA A 486 4.50 4.87 20.91
C ALA A 486 5.07 6.00 21.81
N GLY A 487 4.26 6.66 22.68
CA GLY A 487 4.74 7.64 23.64
C GLY A 487 4.95 7.07 25.04
N TYR A 488 4.91 5.77 25.17
CA TYR A 488 5.18 5.09 26.40
C TYR A 488 6.72 5.26 26.73
N PRO A 489 7.11 5.31 28.03
CA PRO A 489 8.51 5.47 28.39
C PRO A 489 9.39 4.48 27.62
N ALA A 490 10.43 4.97 26.96
CA ALA A 490 11.46 4.18 26.30
C ALA A 490 10.98 3.44 25.10
N ALA A 491 9.73 3.72 24.65
CA ALA A 491 9.28 3.24 23.42
C ALA A 491 10.18 3.74 22.26
N VAL A 492 10.44 2.82 21.34
CA VAL A 492 11.14 3.09 20.10
C VAL A 492 10.33 2.55 18.98
N THR A 493 10.04 3.44 18.05
CA THR A 493 9.20 3.15 16.90
C THR A 493 9.86 3.55 15.59
N ILE A 494 9.81 2.74 14.55
CA ILE A 494 10.52 3.10 13.29
C ILE A 494 9.49 3.13 12.20
N ALA A 495 9.43 4.21 11.44
CA ALA A 495 8.37 4.41 10.48
C ALA A 495 8.94 4.76 9.14
N THR A 496 8.29 4.29 8.10
CA THR A 496 8.78 4.40 6.72
C THR A 496 7.89 5.44 6.01
N ASN A 497 8.57 6.46 5.49
CA ASN A 497 7.95 7.63 4.83
C ASN A 497 6.67 8.01 5.55
N MET A 498 6.82 8.35 6.84
CA MET A 498 5.69 8.81 7.72
C MET A 498 4.88 9.90 6.96
N ALA A 499 3.54 9.79 6.99
CA ALA A 499 2.68 10.54 5.99
C ALA A 499 1.62 11.54 6.54
N GLY A 500 0.44 10.99 6.83
CA GLY A 500 -0.79 11.79 6.89
C GLY A 500 -1.11 12.41 8.24
N ARG A 501 -0.79 13.72 8.41
CA ARG A 501 -1.10 14.53 9.64
C ARG A 501 -0.62 13.87 10.93
N GLY A 502 -0.42 12.54 10.85
CA GLY A 502 -0.15 11.68 11.97
C GLY A 502 -1.33 11.49 12.86
N THR A 503 -1.71 10.21 13.04
CA THR A 503 -2.24 9.79 14.37
C THR A 503 -1.30 10.28 15.53
N ASP A 504 -1.89 11.01 16.46
CA ASP A 504 -1.15 11.57 17.58
C ASP A 504 -0.49 10.50 18.48
N ILE A 505 0.56 10.98 19.13
CA ILE A 505 1.32 10.16 19.99
C ILE A 505 1.09 10.80 21.28
N VAL A 506 0.38 10.06 22.11
CA VAL A 506 0.14 10.49 23.46
C VAL A 506 1.30 10.08 24.27
N LEU A 507 1.82 11.06 24.98
CA LEU A 507 2.89 10.88 25.95
C LEU A 507 2.43 10.15 27.22
N GLY A 508 3.25 9.24 27.68
CA GLY A 508 2.91 8.28 28.71
C GLY A 508 2.15 7.06 28.23
N GLY A 509 1.48 7.22 27.08
CA GLY A 509 0.73 6.20 26.42
C GLY A 509 -0.60 6.82 26.22
N SER A 510 -1.45 6.23 25.42
CA SER A 510 -2.88 6.49 25.53
C SER A 510 -3.41 5.60 26.67
N TRP A 511 -4.21 6.23 27.52
CA TRP A 511 -4.90 5.50 28.57
C TRP A 511 -6.26 5.03 28.04
N GLN A 512 -6.65 5.57 26.90
CA GLN A 512 -7.97 5.24 26.38
C GLN A 512 -7.95 3.95 25.62
N ALA A 513 -6.89 3.72 24.81
CA ALA A 513 -6.55 2.38 24.19
C ALA A 513 -6.70 1.27 25.22
N GLU A 514 -6.13 1.57 26.40
CA GLU A 514 -6.39 0.84 27.68
C GLU A 514 -7.86 0.67 28.12
N VAL A 515 -8.62 1.71 28.44
CA VAL A 515 -10.02 1.42 28.76
C VAL A 515 -10.72 0.81 27.50
N ALA A 516 -10.35 1.26 26.30
CA ALA A 516 -10.95 0.71 25.04
C ALA A 516 -10.88 -0.83 25.04
N ALA A 517 -9.73 -1.30 25.53
CA ALA A 517 -9.39 -2.69 25.55
C ALA A 517 -10.19 -3.42 26.60
N LEU A 518 -10.69 -2.69 27.62
CA LEU A 518 -11.55 -3.29 28.66
C LEU A 518 -12.87 -3.77 28.07
N GLU A 519 -13.46 -4.80 28.70
CA GLU A 519 -14.79 -5.35 28.28
C GLU A 519 -15.95 -4.94 29.18
N ASN A 520 -15.68 -4.55 30.41
CA ASN A 520 -16.72 -4.02 31.30
C ASN A 520 -16.10 -2.94 32.21
N PRO A 521 -15.49 -1.91 31.58
CA PRO A 521 -14.73 -0.91 32.35
C PRO A 521 -15.62 -0.13 33.36
N THR A 522 -15.08 0.05 34.57
CA THR A 522 -15.78 0.54 35.76
C THR A 522 -15.08 1.80 36.34
N ALA A 523 -15.65 2.43 37.38
CA ALA A 523 -15.16 3.73 37.88
C ALA A 523 -13.78 3.58 38.51
N GLU A 524 -13.67 2.89 39.62
CA GLU A 524 -12.34 2.72 40.20
C GLU A 524 -11.35 2.11 39.20
N GLN A 525 -11.82 1.31 38.24
CA GLN A 525 -10.92 0.80 37.18
C GLN A 525 -10.27 1.94 36.38
N ILE A 526 -11.04 2.97 36.09
CA ILE A 526 -10.60 4.04 35.19
C ILE A 526 -9.61 4.99 35.84
N GLU A 527 -9.89 5.31 37.09
CA GLU A 527 -9.10 6.26 37.85
C GLU A 527 -7.80 5.65 38.27
N LYS A 528 -7.80 4.34 38.48
CA LYS A 528 -6.55 3.63 38.58
C LYS A 528 -5.76 3.84 37.28
N ILE A 529 -6.46 3.65 36.17
CA ILE A 529 -5.85 3.77 34.85
C ILE A 529 -5.31 5.22 34.60
N LYS A 530 -6.13 6.24 34.86
CA LYS A 530 -5.70 7.63 34.74
C LYS A 530 -4.62 7.98 35.73
N ALA A 531 -4.71 7.44 36.94
CA ALA A 531 -3.70 7.71 37.97
C ALA A 531 -2.31 7.24 37.56
N ASP A 532 -2.14 5.96 37.22
CA ASP A 532 -0.87 5.42 36.65
C ASP A 532 -0.41 6.15 35.35
N TRP A 533 -1.35 6.53 34.50
CA TRP A 533 -1.07 7.29 33.34
C TRP A 533 -0.53 8.73 33.61
N GLN A 534 -1.10 9.46 34.57
CA GLN A 534 -0.63 10.81 34.88
C GLN A 534 0.88 10.78 35.20
N VAL A 535 1.29 9.71 35.86
CA VAL A 535 2.67 9.46 36.32
C VAL A 535 3.57 9.11 35.10
N ARG A 536 3.03 8.33 34.16
CA ARG A 536 3.79 7.95 32.95
C ARG A 536 3.95 9.19 32.12
N HIS A 537 2.88 9.93 31.98
CA HIS A 537 2.85 11.19 31.28
C HIS A 537 3.87 12.22 31.71
N ASP A 538 3.84 12.51 33.00
CA ASP A 538 4.75 13.44 33.62
C ASP A 538 6.13 12.92 33.58
N ALA A 539 6.30 11.63 33.81
CA ALA A 539 7.60 11.08 33.60
C ALA A 539 8.14 11.23 32.17
N VAL A 540 7.35 11.04 31.14
CA VAL A 540 7.83 11.11 29.72
C VAL A 540 8.18 12.56 29.41
N LEU A 541 7.38 13.48 29.91
CA LEU A 541 7.68 14.89 29.86
C LEU A 541 8.95 15.35 30.53
N GLU A 542 9.21 14.80 31.70
CA GLU A 542 10.36 15.21 32.48
C GLU A 542 11.64 14.79 31.72
N ALA A 543 11.51 13.69 31.03
CA ALA A 543 12.52 13.10 30.20
C ALA A 543 12.69 13.77 28.80
N GLY A 544 11.87 14.77 28.47
CA GLY A 544 12.03 15.52 27.25
C GLY A 544 11.00 15.26 26.14
N GLY A 545 9.94 14.53 26.47
CA GLY A 545 8.83 14.25 25.62
C GLY A 545 9.27 13.37 24.46
N LEU A 546 8.60 13.46 23.33
CA LEU A 546 8.97 12.62 22.18
C LEU A 546 10.19 13.21 21.46
N HIS A 547 11.19 12.38 21.25
CA HIS A 547 12.33 12.65 20.44
C HIS A 547 12.06 12.04 19.05
N ILE A 548 12.15 12.87 18.06
CA ILE A 548 12.08 12.47 16.69
C ILE A 548 13.50 12.40 16.09
N ILE A 549 13.81 11.31 15.38
CA ILE A 549 15.05 11.13 14.60
C ILE A 549 14.60 10.90 13.18
N GLY A 550 15.02 11.81 12.30
CA GLY A 550 15.06 11.61 10.83
C GLY A 550 16.39 11.00 10.42
N THR A 551 16.31 9.85 9.80
CA THR A 551 17.55 9.16 9.47
C THR A 551 18.11 9.71 8.14
N GLU A 552 17.23 10.32 7.33
CA GLU A 552 17.54 10.98 6.09
C GLU A 552 16.59 12.17 6.04
N ARG A 553 16.99 13.28 5.36
CA ARG A 553 16.05 14.32 4.87
C ARG A 553 15.55 14.01 3.45
N HIS A 554 14.33 14.44 3.20
CA HIS A 554 13.65 14.28 1.90
C HIS A 554 14.05 15.48 1.10
N GLU A 555 13.77 15.46 -0.19
CA GLU A 555 14.11 16.63 -1.01
C GLU A 555 13.16 17.77 -0.66
N SER A 556 11.97 17.38 -0.26
CA SER A 556 10.97 18.34 0.19
C SER A 556 11.05 18.49 1.72
N ARG A 557 11.34 19.70 2.18
CA ARG A 557 11.41 20.01 3.62
C ARG A 557 10.07 19.94 4.35
N ARG A 558 8.94 20.20 3.66
CA ARG A 558 7.56 20.04 4.17
C ARG A 558 7.36 18.61 4.67
N ILE A 559 7.90 17.65 3.93
CA ILE A 559 7.92 16.32 4.45
C ILE A 559 8.76 16.18 5.75
N ASP A 560 9.90 16.86 5.85
CA ASP A 560 10.71 16.67 7.05
C ASP A 560 9.88 17.30 8.22
N ASN A 561 9.27 18.43 7.91
CA ASN A 561 8.59 19.26 8.92
C ASN A 561 7.42 18.53 9.56
N GLN A 562 6.80 17.68 8.75
CA GLN A 562 5.70 16.83 9.18
C GLN A 562 6.08 15.73 10.10
N LEU A 563 7.15 15.03 9.76
CA LEU A 563 7.72 14.10 10.67
C LEU A 563 8.03 14.79 11.99
N ARG A 564 8.69 15.93 11.97
CA ARG A 564 9.20 16.50 13.24
C ARG A 564 8.03 17.08 14.06
N GLY A 565 7.01 17.55 13.34
CA GLY A 565 5.81 18.05 13.95
C GLY A 565 5.02 16.99 14.67
N ARG A 566 5.47 15.77 14.60
CA ARG A 566 4.83 14.76 15.33
C ARG A 566 5.13 14.87 16.84
N SER A 567 6.17 15.61 17.15
CA SER A 567 6.64 15.86 18.51
C SER A 567 6.26 17.30 18.91
N GLY A 568 6.07 17.55 20.20
CA GLY A 568 5.85 18.93 20.73
C GLY A 568 4.48 19.50 20.51
N ARG A 569 3.54 18.58 20.25
CA ARG A 569 2.11 18.97 20.06
C ARG A 569 1.49 19.52 21.33
N GLN A 570 0.72 20.59 21.11
CA GLN A 570 -0.05 21.26 22.15
C GLN A 570 0.83 21.60 23.38
N GLY A 571 2.01 22.14 23.13
CA GLY A 571 2.83 22.61 24.26
C GLY A 571 3.66 21.54 24.99
N ASP A 572 3.56 20.30 24.57
CA ASP A 572 4.32 19.25 25.22
C ASP A 572 5.82 19.42 25.00
N ALA A 573 6.65 19.01 25.95
CA ALA A 573 8.06 18.98 25.74
C ALA A 573 8.28 18.03 24.54
N GLY A 574 9.34 18.24 23.77
CA GLY A 574 9.75 17.32 22.73
C GLY A 574 11.04 17.72 22.07
N SER A 575 11.59 16.89 21.20
CA SER A 575 12.85 17.30 20.46
C SER A 575 12.94 16.57 19.16
N SER A 576 13.82 17.03 18.27
CA SER A 576 13.97 16.40 16.91
C SER A 576 15.43 16.53 16.56
N ARG A 577 15.90 15.62 15.71
CA ARG A 577 17.25 15.71 15.14
C ARG A 577 17.28 14.98 13.82
N PHE A 578 17.81 15.59 12.77
CA PHE A 578 18.05 14.89 11.51
C PHE A 578 19.52 14.59 11.28
N TYR A 579 19.70 13.39 10.78
CA TYR A 579 21.03 12.81 10.40
C TYR A 579 21.14 12.76 8.86
N LEU A 580 22.37 13.08 8.42
CA LEU A 580 22.80 13.02 7.03
C LEU A 580 24.15 12.34 6.89
N SER A 581 24.37 11.70 5.76
CA SER A 581 25.74 11.30 5.44
C SER A 581 26.09 11.81 4.08
N MET A 582 27.37 11.73 3.80
CA MET A 582 27.87 12.08 2.47
C MET A 582 27.40 11.08 1.39
N GLU A 583 27.00 9.87 1.81
CA GLU A 583 26.39 8.83 0.91
C GLU A 583 24.89 9.02 0.68
N ASP A 584 24.22 9.80 1.52
CA ASP A 584 22.81 10.13 1.33
C ASP A 584 22.57 10.79 -0.01
N ALA A 585 21.45 10.40 -0.63
CA ALA A 585 20.98 10.89 -1.93
C ALA A 585 20.80 12.40 -1.94
N LEU A 586 20.27 12.94 -0.85
CA LEU A 586 20.05 14.39 -0.76
C LEU A 586 21.36 15.28 -0.85
N MET A 587 22.52 14.68 -0.83
CA MET A 587 23.75 15.48 -0.93
C MET A 587 23.95 15.88 -2.37
N ARG A 588 23.08 15.33 -3.22
CA ARG A 588 23.13 15.58 -4.64
C ARG A 588 22.42 16.85 -5.04
N ILE A 589 21.52 17.35 -4.19
CA ILE A 589 20.95 18.68 -4.38
C ILE A 589 21.99 19.85 -4.31
N PHE A 590 23.27 19.60 -3.93
CA PHE A 590 24.34 20.62 -4.02
C PHE A 590 25.05 20.55 -5.40
N ALA A 591 24.26 20.08 -6.39
CA ALA A 591 24.65 19.91 -7.78
C ALA A 591 26.16 19.88 -8.07
N SER A 592 26.96 19.49 -7.06
CA SER A 592 28.40 19.43 -7.18
C SER A 592 29.07 18.48 -6.20
N ASP A 593 29.76 17.48 -6.77
CA ASP A 593 30.48 16.49 -6.02
C ASP A 593 31.47 17.25 -5.18
N ARG A 594 32.66 17.57 -5.72
CA ARG A 594 33.62 18.45 -5.05
C ARG A 594 33.06 19.35 -3.92
N VAL A 595 31.98 20.13 -4.20
CA VAL A 595 31.42 21.07 -3.19
C VAL A 595 30.91 20.29 -1.97
N SER A 596 29.89 19.47 -2.19
CA SER A 596 29.50 18.41 -1.26
C SER A 596 30.68 17.68 -0.60
N GLY A 597 31.56 17.05 -1.40
CA GLY A 597 32.65 16.18 -0.89
C GLY A 597 33.78 16.85 -0.15
N MET A 598 33.69 18.18 -0.02
CA MET A 598 34.62 18.94 0.83
C MET A 598 34.29 18.66 2.28
N MET A 599 33.00 18.63 2.58
CA MET A 599 32.50 18.34 3.93
C MET A 599 33.21 17.21 4.67
N ARG A 600 33.67 16.24 3.92
CA ARG A 600 34.43 15.17 4.50
C ARG A 600 35.75 15.66 5.13
N LYS A 601 36.11 16.93 4.92
CA LYS A 601 37.39 17.52 5.40
C LYS A 601 37.32 17.97 6.85
N LEU A 602 36.10 18.18 7.34
CA LEU A 602 35.85 18.22 8.79
C LEU A 602 36.29 16.89 9.41
N GLY A 603 35.99 15.79 8.71
CA GLY A 603 36.58 14.48 9.02
C GLY A 603 35.67 13.62 9.88
N MET A 604 34.81 14.28 10.66
CA MET A 604 33.73 13.66 11.46
C MET A 604 34.19 12.81 12.73
N LYS A 605 34.93 11.72 12.51
CA LYS A 605 35.55 10.88 13.57
C LYS A 605 34.63 10.20 14.65
N PRO A 606 34.40 8.86 14.53
CA PRO A 606 33.45 7.94 15.26
C PRO A 606 32.85 8.25 16.69
N GLY A 607 32.95 9.50 17.18
CA GLY A 607 32.53 9.90 18.56
C GLY A 607 32.64 11.42 18.83
N GLU A 608 33.70 12.06 18.27
CA GLU A 608 34.04 13.49 18.51
C GLU A 608 33.30 14.47 17.57
N ALA A 609 31.97 14.36 17.57
CA ALA A 609 31.12 15.09 16.62
C ALA A 609 30.85 16.50 17.13
N ILE A 610 31.02 17.51 16.28
CA ILE A 610 31.02 18.86 16.84
C ILE A 610 29.65 19.52 16.78
N GLU A 611 29.04 19.55 15.62
CA GLU A 611 27.84 20.35 15.38
C GLU A 611 28.24 21.70 14.77
N HIS A 612 27.76 21.90 13.55
CA HIS A 612 27.83 23.15 12.85
C HIS A 612 26.48 23.47 12.30
N PRO A 613 25.75 24.39 12.96
CA PRO A 613 24.58 25.17 12.59
C PRO A 613 24.48 25.72 11.20
N TRP A 614 25.63 26.07 10.62
CA TRP A 614 25.64 26.55 9.24
C TRP A 614 25.17 25.42 8.27
N VAL A 615 25.37 24.17 8.65
CA VAL A 615 25.02 23.01 7.81
C VAL A 615 23.47 22.84 7.77
N THR A 616 22.83 23.00 8.92
CA THR A 616 21.39 23.01 9.02
C THR A 616 20.80 24.02 8.04
N LYS A 617 21.29 25.26 8.15
CA LYS A 617 20.86 26.35 7.31
C LYS A 617 21.23 26.13 5.81
N ALA A 618 22.45 25.69 5.49
CA ALA A 618 22.79 25.38 4.07
C ALA A 618 21.85 24.33 3.45
N ILE A 619 21.55 23.28 4.22
CA ILE A 619 20.65 22.24 3.79
C ILE A 619 19.25 22.80 3.54
N ALA A 620 18.75 23.61 4.49
CA ALA A 620 17.44 24.25 4.38
C ALA A 620 17.46 25.17 3.15
N ASN A 621 18.51 25.95 2.96
CA ASN A 621 18.66 26.74 1.74
C ASN A 621 18.62 25.84 0.45
N ALA A 622 19.30 24.68 0.41
CA ALA A 622 19.29 23.89 -0.82
C ALA A 622 17.87 23.26 -1.18
N GLN A 623 17.14 22.81 -0.18
CA GLN A 623 15.78 22.38 -0.34
C GLN A 623 14.87 23.53 -0.85
N ARG A 624 15.06 24.69 -0.24
CA ARG A 624 14.43 25.92 -0.70
C ARG A 624 14.73 26.27 -2.21
N LYS A 625 15.97 26.19 -2.64
CA LYS A 625 16.32 26.34 -4.05
C LYS A 625 15.70 25.32 -5.00
N VAL A 626 15.65 24.06 -4.61
CA VAL A 626 15.02 23.07 -5.46
C VAL A 626 13.53 23.43 -5.63
N GLU A 627 12.85 23.78 -4.55
CA GLU A 627 11.45 24.22 -4.60
C GLU A 627 11.23 25.41 -5.51
N SER A 628 12.06 26.42 -5.31
CA SER A 628 12.09 27.56 -6.19
C SER A 628 12.30 27.26 -7.67
N ARG A 629 13.34 26.49 -7.96
CA ARG A 629 13.57 25.98 -9.32
C ARG A 629 12.31 25.33 -9.83
N ASN A 630 11.82 24.31 -9.17
CA ASN A 630 10.68 23.54 -9.62
C ASN A 630 9.45 24.44 -9.92
N PHE A 631 9.19 25.38 -9.01
CA PHE A 631 8.11 26.31 -9.16
C PHE A 631 8.32 27.29 -10.32
N ASP A 632 9.51 27.81 -10.49
CA ASP A 632 9.77 28.66 -11.65
C ASP A 632 9.36 27.99 -12.95
N ILE A 633 9.70 26.72 -13.08
CA ILE A 633 9.27 25.90 -14.22
C ILE A 633 7.73 25.77 -14.32
N ARG A 634 7.08 25.57 -13.16
CA ARG A 634 5.63 25.42 -13.10
C ARG A 634 4.90 26.71 -13.49
N LYS A 635 5.44 27.82 -13.03
CA LYS A 635 4.85 29.09 -13.27
C LYS A 635 4.95 29.55 -14.74
N GLN A 636 5.96 29.03 -15.46
CA GLN A 636 6.01 29.17 -16.91
C GLN A 636 4.88 28.31 -17.53
N LEU A 637 4.55 27.16 -16.91
CA LEU A 637 3.51 26.33 -17.44
C LEU A 637 2.16 27.04 -17.19
N LEU A 638 2.01 27.63 -16.01
CA LEU A 638 0.83 28.43 -15.66
C LEU A 638 0.62 29.56 -16.61
N GLU A 639 1.67 30.16 -17.10
CA GLU A 639 1.45 31.24 -18.00
C GLU A 639 0.87 30.77 -19.35
N TYR A 640 1.19 29.56 -19.77
CA TYR A 640 0.44 28.95 -20.84
C TYR A 640 -0.99 28.68 -20.44
N ASP A 641 -1.19 28.21 -19.22
CA ASP A 641 -2.53 27.85 -18.73
C ASP A 641 -3.42 29.11 -18.75
N ASP A 642 -2.82 30.29 -18.55
CA ASP A 642 -3.59 31.47 -18.49
C ASP A 642 -4.26 31.86 -19.82
N VAL A 643 -3.69 31.46 -20.95
CA VAL A 643 -4.26 31.72 -22.31
C VAL A 643 -5.59 30.98 -22.41
N ALA A 644 -5.60 29.68 -22.07
CA ALA A 644 -6.84 28.89 -22.06
C ALA A 644 -7.84 29.47 -21.08
N ASN A 645 -7.35 29.81 -19.90
CA ASN A 645 -8.19 30.35 -18.84
C ASN A 645 -8.96 31.58 -19.34
N ASP A 646 -8.26 32.52 -19.94
CA ASP A 646 -8.90 33.78 -20.30
C ASP A 646 -9.96 33.52 -21.43
N GLN A 647 -9.64 32.59 -22.30
CA GLN A 647 -10.50 32.21 -23.39
C GLN A 647 -11.75 31.55 -22.86
N ARG A 648 -11.57 30.67 -21.87
CA ARG A 648 -12.68 29.95 -21.26
C ARG A 648 -13.60 30.92 -20.48
N ARG A 649 -12.99 31.87 -19.83
CA ARG A 649 -13.70 32.89 -19.07
C ARG A 649 -14.61 33.77 -20.00
N ALA A 650 -14.05 34.17 -21.15
CA ALA A 650 -14.77 34.87 -22.14
C ALA A 650 -15.91 34.13 -22.69
N ILE A 651 -15.71 32.92 -23.15
CA ILE A 651 -16.77 32.11 -23.79
C ILE A 651 -17.83 31.69 -22.82
N TYR A 652 -17.43 31.41 -21.61
CA TYR A 652 -18.43 31.09 -20.55
C TYR A 652 -19.24 32.30 -20.09
N SER A 653 -18.63 33.47 -20.13
CA SER A 653 -19.39 34.66 -19.86
C SER A 653 -20.47 34.90 -20.94
N GLN A 654 -20.08 34.86 -22.16
CA GLN A 654 -21.01 34.93 -23.26
C GLN A 654 -22.12 33.89 -23.13
N ARG A 655 -21.77 32.61 -22.91
CA ARG A 655 -22.75 31.56 -22.81
C ARG A 655 -23.74 31.82 -21.72
N ASN A 656 -23.26 32.34 -20.62
CA ASN A 656 -24.10 32.56 -19.48
C ASN A 656 -25.04 33.77 -19.68
N GLU A 657 -24.59 34.77 -20.45
CA GLU A 657 -25.41 35.85 -20.85
C GLU A 657 -26.58 35.38 -21.68
N LEU A 658 -26.28 34.50 -22.61
CA LEU A 658 -27.24 33.84 -23.42
C LEU A 658 -28.16 33.00 -22.55
N LEU A 659 -27.60 32.23 -21.65
CA LEU A 659 -28.44 31.34 -20.79
C LEU A 659 -29.48 32.10 -19.94
N ASP A 660 -29.10 33.28 -19.47
CA ASP A 660 -29.91 34.01 -18.51
C ASP A 660 -31.06 34.80 -19.16
N VAL A 661 -31.12 34.81 -20.49
CA VAL A 661 -32.06 35.67 -21.23
C VAL A 661 -33.04 34.74 -21.93
N SER A 662 -34.34 35.05 -21.87
CA SER A 662 -35.39 34.15 -22.46
C SER A 662 -35.59 34.46 -23.95
N ASP A 663 -35.03 35.59 -24.34
CA ASP A 663 -35.24 36.09 -25.70
C ASP A 663 -33.96 36.71 -26.23
N VAL A 664 -33.56 36.19 -27.36
CA VAL A 664 -32.23 36.37 -27.90
C VAL A 664 -32.26 37.09 -29.26
N SER A 665 -33.47 37.47 -29.70
CA SER A 665 -33.75 38.21 -30.95
C SER A 665 -32.83 39.32 -31.36
N GLU A 666 -32.54 40.20 -30.41
CA GLU A 666 -31.75 41.38 -30.66
C GLU A 666 -30.36 40.93 -31.08
N THR A 667 -29.82 39.87 -30.47
CA THR A 667 -28.52 39.37 -30.91
C THR A 667 -28.56 38.71 -32.28
N ILE A 668 -29.63 37.97 -32.51
CA ILE A 668 -29.83 37.26 -33.73
C ILE A 668 -29.83 38.24 -34.88
N ASN A 669 -30.79 39.16 -34.85
CA ASN A 669 -30.85 40.27 -35.78
C ASN A 669 -29.49 40.94 -35.99
N SER A 670 -28.84 41.27 -34.89
CA SER A 670 -27.56 41.92 -34.95
C SER A 670 -26.52 41.03 -35.63
N ILE A 671 -26.42 39.74 -35.24
CA ILE A 671 -25.39 38.86 -35.86
C ILE A 671 -25.75 38.46 -37.31
N ARG A 672 -27.04 38.45 -37.66
CA ARG A 672 -27.45 38.21 -39.06
C ARG A 672 -26.87 39.21 -40.01
N GLU A 673 -26.79 40.46 -39.55
CA GLU A 673 -26.23 41.51 -40.39
C GLU A 673 -24.73 41.31 -40.51
N ASP A 674 -24.05 41.01 -39.40
CA ASP A 674 -22.59 40.73 -39.47
C ASP A 674 -22.33 39.62 -40.50
N VAL A 675 -23.15 38.56 -40.48
CA VAL A 675 -22.87 37.35 -41.25
C VAL A 675 -23.07 37.58 -42.77
N PHE A 676 -24.20 38.24 -43.08
CA PHE A 676 -24.53 38.66 -44.42
C PHE A 676 -23.49 39.62 -44.99
N LYS A 677 -23.08 40.61 -44.23
CA LYS A 677 -22.00 41.48 -44.70
C LYS A 677 -20.70 40.68 -44.97
N ALA A 678 -20.24 39.90 -44.00
CA ALA A 678 -19.00 39.14 -44.22
C ALA A 678 -19.12 38.16 -45.46
N THR A 679 -20.27 37.55 -45.60
CA THR A 679 -20.48 36.56 -46.66
C THR A 679 -20.47 37.22 -47.99
N ILE A 680 -21.16 38.34 -48.05
CA ILE A 680 -21.25 39.08 -49.25
C ILE A 680 -19.90 39.68 -49.70
N ASP A 681 -19.15 40.21 -48.73
CA ASP A 681 -17.81 40.76 -48.99
C ASP A 681 -16.93 39.81 -49.77
N ALA A 682 -17.03 38.52 -49.49
CA ALA A 682 -16.23 37.49 -50.16
C ALA A 682 -16.43 37.39 -51.68
N TYR A 683 -17.54 37.96 -52.15
CA TYR A 683 -17.90 37.91 -53.58
C TYR A 683 -18.01 39.32 -54.17
N ILE A 684 -18.20 40.31 -53.30
CA ILE A 684 -18.37 41.72 -53.70
C ILE A 684 -17.43 42.55 -52.86
N PRO A 685 -16.18 42.67 -53.30
CA PRO A 685 -15.21 43.38 -52.51
C PRO A 685 -15.82 44.73 -52.26
N PRO A 686 -15.89 45.17 -50.97
CA PRO A 686 -16.60 46.47 -50.76
C PRO A 686 -16.17 47.68 -51.69
N GLN A 687 -17.16 48.48 -52.10
CA GLN A 687 -16.91 49.69 -52.91
C GLN A 687 -16.07 49.43 -54.19
N SER A 688 -16.14 48.16 -54.73
CA SER A 688 -15.42 47.85 -55.95
C SER A 688 -16.37 47.99 -57.20
N LEU A 689 -15.73 48.04 -58.36
CA LEU A 689 -16.52 48.08 -59.61
C LEU A 689 -17.23 46.70 -59.71
N GLU A 690 -18.22 46.72 -60.69
CA GLU A 690 -19.11 45.56 -60.78
C GLU A 690 -18.40 44.34 -61.37
N GLU A 691 -17.38 44.67 -62.19
CA GLU A 691 -16.56 43.68 -62.85
C GLU A 691 -15.71 42.86 -61.92
N MET A 692 -15.54 43.31 -60.63
CA MET A 692 -14.86 42.50 -59.58
C MET A 692 -15.82 41.54 -58.85
N TRP A 693 -17.11 41.67 -59.10
CA TRP A 693 -18.13 40.92 -58.32
C TRP A 693 -18.29 39.48 -58.84
N ASP A 694 -18.45 38.51 -57.92
CA ASP A 694 -18.61 37.10 -58.31
C ASP A 694 -20.02 36.70 -57.95
N ILE A 695 -20.95 37.16 -58.76
CA ILE A 695 -22.36 36.97 -58.52
C ILE A 695 -22.77 35.50 -58.63
N PRO A 696 -22.21 34.78 -59.61
CA PRO A 696 -22.27 33.31 -59.57
C PRO A 696 -21.91 32.64 -58.25
N GLY A 697 -20.82 33.05 -57.63
CA GLY A 697 -20.35 32.44 -56.37
C GLY A 697 -21.21 32.86 -55.20
N LEU A 698 -21.70 34.10 -55.25
CA LEU A 698 -22.59 34.59 -54.21
C LEU A 698 -23.93 33.89 -54.26
N GLN A 699 -24.48 33.70 -55.44
CA GLN A 699 -25.75 32.98 -55.57
C GLN A 699 -25.72 31.57 -54.97
N GLU A 700 -24.70 30.81 -55.30
CA GLU A 700 -24.58 29.45 -54.76
C GLU A 700 -24.33 29.47 -53.30
N ARG A 701 -23.48 30.39 -52.85
CA ARG A 701 -23.18 30.50 -51.41
C ARG A 701 -24.44 30.66 -50.60
N LEU A 702 -25.28 31.58 -51.06
CA LEU A 702 -26.55 31.87 -50.41
C LEU A 702 -27.45 30.65 -50.44
N LYS A 703 -27.55 29.99 -51.59
CA LYS A 703 -28.34 28.80 -51.73
C LYS A 703 -27.83 27.79 -50.76
N ASN A 704 -26.55 27.44 -50.86
CA ASN A 704 -26.05 26.28 -50.08
C ASN A 704 -25.96 26.43 -48.58
N ASP A 705 -25.80 27.66 -48.08
CA ASP A 705 -25.60 27.92 -46.67
C ASP A 705 -26.74 28.61 -45.91
N PHE A 706 -27.59 29.26 -46.70
CA PHE A 706 -28.66 30.09 -46.17
C PHE A 706 -29.93 29.67 -46.81
N ASP A 707 -29.87 28.57 -47.55
CA ASP A 707 -31.04 28.02 -48.23
C ASP A 707 -31.74 29.12 -49.03
N LEU A 708 -30.95 30.02 -49.58
CA LEU A 708 -31.48 31.26 -50.14
C LEU A 708 -31.14 31.38 -51.65
N ASP A 709 -32.19 31.22 -52.44
CA ASP A 709 -32.07 31.13 -53.87
C ASP A 709 -32.64 32.41 -54.52
N LEU A 710 -31.74 33.30 -54.96
CA LEU A 710 -32.07 34.66 -55.39
C LEU A 710 -31.42 34.90 -56.75
N PRO A 711 -32.21 35.46 -57.71
CA PRO A 711 -31.81 35.73 -59.08
C PRO A 711 -30.97 37.02 -59.18
N ILE A 712 -29.85 37.02 -58.45
CA ILE A 712 -28.98 38.20 -58.31
C ILE A 712 -28.51 38.78 -59.69
N ALA A 713 -27.94 37.93 -60.56
CA ALA A 713 -27.65 38.34 -61.95
C ALA A 713 -28.84 39.01 -62.70
N GLU A 714 -30.06 38.51 -62.45
CA GLU A 714 -31.29 39.08 -63.04
C GLU A 714 -31.58 40.49 -62.54
N TRP A 715 -31.27 40.72 -61.27
CA TRP A 715 -31.46 42.04 -60.68
C TRP A 715 -30.53 43.04 -61.31
N LEU A 716 -29.25 42.71 -61.35
CA LEU A 716 -28.24 43.65 -61.85
C LEU A 716 -28.56 44.06 -63.27
N ASP A 717 -28.80 43.08 -64.12
CA ASP A 717 -29.04 43.36 -65.51
C ASP A 717 -30.40 44.05 -65.78
N LYS A 718 -31.32 44.03 -64.80
CA LYS A 718 -32.61 44.75 -64.93
C LYS A 718 -32.61 46.13 -64.29
N GLU A 719 -31.83 46.35 -63.23
CA GLU A 719 -31.68 47.74 -62.75
C GLU A 719 -30.20 48.22 -62.74
N PRO A 720 -29.79 48.87 -63.87
CA PRO A 720 -28.68 49.83 -63.86
C PRO A 720 -28.63 50.55 -62.50
N GLU A 721 -29.80 51.09 -62.11
CA GLU A 721 -30.05 51.65 -60.77
C GLU A 721 -30.19 50.57 -59.69
N LEU A 722 -29.20 49.69 -59.55
CA LEU A 722 -29.12 48.91 -58.33
C LEU A 722 -28.06 49.64 -57.49
N HIS A 723 -26.77 49.32 -57.67
CA HIS A 723 -25.71 49.77 -56.74
C HIS A 723 -25.55 48.83 -55.50
N GLU A 724 -24.32 48.70 -55.02
CA GLU A 724 -23.92 47.62 -54.12
C GLU A 724 -24.68 47.58 -52.80
N GLU A 725 -24.85 48.75 -52.23
CA GLU A 725 -25.38 48.89 -50.91
C GLU A 725 -26.87 48.54 -50.85
N THR A 726 -27.61 48.82 -51.91
CA THR A 726 -29.03 48.45 -51.99
C THR A 726 -29.17 46.96 -52.40
N LEU A 727 -28.14 46.40 -53.01
CA LEU A 727 -28.07 44.93 -53.21
C LEU A 727 -27.96 44.13 -51.85
N ARG A 728 -27.04 44.59 -51.01
CA ARG A 728 -26.85 44.06 -49.67
C ARG A 728 -28.16 44.11 -48.90
N GLU A 729 -28.84 45.25 -48.92
CA GLU A 729 -30.13 45.43 -48.26
C GLU A 729 -31.21 44.46 -48.71
N ARG A 730 -31.40 44.30 -50.02
CA ARG A 730 -32.47 43.39 -50.49
C ARG A 730 -32.18 41.99 -50.01
N ILE A 731 -30.91 41.62 -50.04
CA ILE A 731 -30.50 40.29 -49.60
C ILE A 731 -30.84 40.08 -48.10
N LEU A 732 -30.44 41.05 -47.27
CA LEU A 732 -30.72 41.00 -45.87
C LEU A 732 -32.24 40.92 -45.63
N ALA A 733 -32.97 41.93 -46.16
CA ALA A 733 -34.45 41.97 -46.13
C ALA A 733 -35.11 40.65 -46.56
N GLN A 734 -34.62 40.07 -47.66
CA GLN A 734 -35.20 38.81 -48.19
C GLN A 734 -35.08 37.62 -47.27
N SER A 735 -33.94 37.53 -46.54
CA SER A 735 -33.70 36.40 -45.66
C SER A 735 -34.59 36.57 -44.47
N ILE A 736 -34.69 37.81 -44.00
CA ILE A 736 -35.55 38.18 -42.89
C ILE A 736 -37.05 37.88 -43.17
N GLU A 737 -37.59 38.28 -44.32
CA GLU A 737 -39.00 37.99 -44.52
C GLU A 737 -39.22 36.48 -44.70
N VAL A 738 -38.25 35.78 -45.29
CA VAL A 738 -38.32 34.27 -45.28
C VAL A 738 -38.35 33.65 -43.84
N TYR A 739 -37.66 34.32 -42.93
CA TYR A 739 -37.56 33.83 -41.54
C TYR A 739 -38.85 34.09 -40.80
N GLN A 740 -39.44 35.27 -41.04
CA GLN A 740 -40.74 35.65 -40.46
C GLN A 740 -41.88 34.76 -40.85
N ARG A 741 -41.84 34.29 -42.08
CA ARG A 741 -42.83 33.34 -42.54
C ARG A 741 -42.70 32.02 -41.80
N LYS A 742 -41.47 31.59 -41.49
CA LYS A 742 -41.27 30.35 -40.73
C LYS A 742 -41.79 30.53 -39.31
N GLU A 743 -41.46 31.66 -38.73
CA GLU A 743 -41.92 32.01 -37.38
C GLU A 743 -43.42 32.03 -37.28
N GLU A 744 -44.13 32.56 -38.28
CA GLU A 744 -45.61 32.59 -38.25
C GLU A 744 -46.15 31.15 -38.21
N VAL A 745 -45.47 30.21 -38.84
CA VAL A 745 -45.90 28.80 -38.89
C VAL A 745 -45.65 28.03 -37.60
N VAL A 746 -44.58 28.42 -36.96
CA VAL A 746 -44.05 27.66 -35.81
C VAL A 746 -44.44 28.30 -34.48
N GLY A 747 -44.40 29.62 -34.42
CA GLY A 747 -44.87 30.38 -33.28
C GLY A 747 -43.72 31.15 -32.72
N ALA A 748 -44.00 32.33 -32.19
CA ALA A 748 -42.96 33.22 -31.66
C ALA A 748 -42.18 32.63 -30.49
N GLU A 749 -42.90 32.14 -29.49
CA GLU A 749 -42.23 31.63 -28.32
C GLU A 749 -41.42 30.37 -28.70
N MET A 750 -41.90 29.58 -29.65
CA MET A 750 -41.19 28.35 -29.99
C MET A 750 -39.94 28.76 -30.71
N MET A 751 -40.09 29.81 -31.49
CA MET A 751 -38.97 30.29 -32.27
C MET A 751 -37.86 30.89 -31.44
N ARG A 752 -38.25 31.73 -30.48
CA ARG A 752 -37.33 32.38 -29.55
C ARG A 752 -36.48 31.28 -28.88
N HIS A 753 -37.15 30.24 -28.43
CA HIS A 753 -36.46 29.18 -27.72
C HIS A 753 -35.62 28.31 -28.65
N PHE A 754 -36.04 28.15 -29.89
CA PHE A 754 -35.21 27.52 -30.88
C PHE A 754 -33.90 28.29 -31.13
N GLU A 755 -34.01 29.59 -31.31
CA GLU A 755 -32.83 30.44 -31.51
C GLU A 755 -31.81 30.30 -30.40
N LYS A 756 -32.33 30.33 -29.18
CA LYS A 756 -31.51 30.27 -28.03
C LYS A 756 -30.81 28.92 -27.94
N GLY A 757 -31.54 27.81 -28.10
CA GLY A 757 -30.95 26.47 -28.21
C GLY A 757 -29.88 26.39 -29.26
N VAL A 758 -30.17 26.87 -30.43
CA VAL A 758 -29.18 26.86 -31.54
C VAL A 758 -27.85 27.58 -31.19
N MET A 759 -27.98 28.77 -30.57
CA MET A 759 -26.87 29.55 -30.16
C MET A 759 -26.01 28.77 -29.13
N LEU A 760 -26.67 28.06 -28.18
CA LEU A 760 -25.95 27.37 -27.10
C LEU A 760 -25.25 26.15 -27.68
N GLN A 761 -26.01 25.44 -28.48
CA GLN A 761 -25.49 24.24 -29.02
C GLN A 761 -24.38 24.54 -30.01
N THR A 762 -24.51 25.61 -30.78
CA THR A 762 -23.41 25.94 -31.67
C THR A 762 -22.18 26.38 -30.88
N LEU A 763 -22.38 27.14 -29.81
CA LEU A 763 -21.27 27.59 -28.94
C LEU A 763 -20.47 26.39 -28.46
N ASP A 764 -21.21 25.39 -27.97
CA ASP A 764 -20.67 24.16 -27.39
C ASP A 764 -19.87 23.34 -28.40
N SER A 765 -20.42 23.13 -29.58
CA SER A 765 -19.74 22.41 -30.58
C SER A 765 -18.43 23.05 -31.01
N LEU A 766 -18.46 24.33 -31.33
CA LEU A 766 -17.23 25.03 -31.68
C LEU A 766 -16.21 25.14 -30.49
N TRP A 767 -16.71 25.25 -29.28
CA TRP A 767 -15.81 25.24 -28.17
C TRP A 767 -15.15 23.87 -27.97
N LYS A 768 -15.86 22.74 -28.02
CA LYS A 768 -15.15 21.47 -27.98
C LYS A 768 -14.12 21.35 -29.10
N GLU A 769 -14.41 21.85 -30.32
CA GLU A 769 -13.46 21.82 -31.42
C GLU A 769 -12.29 22.66 -31.06
N HIS A 770 -12.53 23.87 -30.59
CA HIS A 770 -11.44 24.77 -30.24
C HIS A 770 -10.53 24.21 -29.08
N LEU A 771 -11.12 23.56 -28.12
CA LEU A 771 -10.31 22.96 -27.05
C LEU A 771 -9.33 21.90 -27.63
N ALA A 772 -9.76 21.12 -28.62
CA ALA A 772 -8.88 20.11 -29.19
C ALA A 772 -7.82 20.79 -30.05
N ALA A 773 -8.19 21.80 -30.80
CA ALA A 773 -7.21 22.53 -31.59
C ALA A 773 -6.21 23.21 -30.67
N MET A 774 -6.68 23.77 -29.56
CA MET A 774 -5.76 24.46 -28.65
C MET A 774 -4.81 23.44 -28.01
N ASP A 775 -5.36 22.29 -27.69
CA ASP A 775 -4.56 21.15 -27.23
C ASP A 775 -3.43 20.81 -28.25
N TYR A 776 -3.78 20.56 -29.50
CA TYR A 776 -2.76 20.29 -30.50
C TYR A 776 -1.76 21.40 -30.69
N LEU A 777 -2.19 22.67 -30.63
CA LEU A 777 -1.26 23.79 -30.77
C LEU A 777 -0.26 23.81 -29.59
N ARG A 778 -0.73 23.52 -28.38
CA ARG A 778 0.12 23.61 -27.20
C ARG A 778 1.25 22.57 -27.21
N GLN A 779 0.92 21.33 -27.52
CA GLN A 779 1.94 20.27 -27.57
C GLN A 779 2.86 20.37 -28.79
N GLY A 780 2.43 21.11 -29.82
CA GLY A 780 3.27 21.44 -31.00
C GLY A 780 4.36 22.47 -30.72
N ILE A 781 4.64 22.70 -29.43
CA ILE A 781 5.55 23.77 -28.93
C ILE A 781 7.08 23.40 -29.09
N HIS A 782 7.42 22.82 -30.25
CA HIS A 782 8.72 22.17 -30.49
C HIS A 782 9.28 22.37 -31.93
N LEU A 783 8.64 23.25 -32.73
CA LEU A 783 9.15 23.58 -34.10
C LEU A 783 8.57 24.93 -34.67
N ARG A 784 8.09 25.82 -33.77
CA ARG A 784 7.36 27.09 -34.16
C ARG A 784 8.07 28.45 -33.78
N GLY A 785 8.11 28.74 -32.47
CA GLY A 785 8.91 29.85 -31.91
C GLY A 785 10.28 29.37 -31.42
N TYR A 786 11.33 29.89 -32.05
CA TYR A 786 12.70 29.46 -31.73
C TYR A 786 13.71 30.63 -31.70
N ALA A 787 14.46 30.86 -32.79
CA ALA A 787 15.70 31.67 -32.75
C ALA A 787 15.45 33.16 -32.52
N GLN A 788 15.15 33.50 -31.26
CA GLN A 788 14.88 34.90 -30.81
C GLN A 788 13.47 35.47 -31.24
N LYS A 789 12.46 34.61 -31.18
CA LYS A 789 11.06 35.01 -31.02
C LYS A 789 10.57 34.06 -29.94
N ASP A 790 10.25 34.59 -28.76
CA ASP A 790 9.55 33.83 -27.71
C ASP A 790 8.51 32.88 -28.33
N PRO A 791 8.61 31.55 -28.04
CA PRO A 791 7.47 30.67 -28.41
C PRO A 791 6.17 31.00 -27.66
N LYS A 792 6.27 31.58 -26.47
CA LYS A 792 5.09 31.98 -25.71
C LYS A 792 4.30 33.08 -26.43
N GLN A 793 5.00 34.13 -26.82
CA GLN A 793 4.42 35.23 -27.61
C GLN A 793 3.76 34.77 -28.94
N GLU A 794 4.33 33.76 -29.59
CA GLU A 794 3.75 33.25 -30.82
C GLU A 794 2.52 32.38 -30.53
N TYR A 795 2.60 31.53 -29.51
CA TYR A 795 1.43 30.80 -29.07
C TYR A 795 0.26 31.76 -28.76
N LYS A 796 0.53 32.81 -27.99
CA LYS A 796 -0.51 33.77 -27.71
C LYS A 796 -1.11 34.39 -28.99
N ARG A 797 -0.32 34.64 -30.04
CA ARG A 797 -0.83 35.24 -31.28
C ARG A 797 -1.71 34.25 -31.97
N GLU A 798 -1.20 33.03 -32.10
CA GLU A 798 -1.96 31.93 -32.70
C GLU A 798 -3.27 31.69 -31.98
N SER A 799 -3.23 31.65 -30.67
CA SER A 799 -4.40 31.35 -29.84
C SER A 799 -5.49 32.43 -29.94
N PHE A 800 -5.04 33.69 -29.93
CA PHE A 800 -5.90 34.83 -30.10
C PHE A 800 -6.58 34.83 -31.51
N SER A 801 -5.79 34.53 -32.55
CA SER A 801 -6.29 34.37 -33.89
C SER A 801 -7.31 33.23 -34.03
N MET A 802 -6.97 32.08 -33.51
CA MET A 802 -7.95 30.97 -33.43
C MET A 802 -9.25 31.33 -32.66
N PHE A 803 -9.16 31.94 -31.46
CA PHE A 803 -10.38 32.35 -30.72
C PHE A 803 -11.26 33.37 -31.53
N ALA A 804 -10.60 34.31 -32.17
CA ALA A 804 -11.27 35.41 -32.85
C ALA A 804 -12.01 34.85 -34.06
N ALA A 805 -11.39 33.85 -34.68
CA ALA A 805 -11.96 33.11 -35.79
C ALA A 805 -13.12 32.21 -35.35
N MET A 806 -13.01 31.62 -34.19
CA MET A 806 -14.14 30.80 -33.70
C MET A 806 -15.43 31.66 -33.50
N LEU A 807 -15.22 32.88 -33.05
CA LEU A 807 -16.31 33.77 -32.69
C LEU A 807 -17.03 34.23 -33.96
N GLU A 808 -16.30 34.32 -35.07
CA GLU A 808 -16.88 34.61 -36.36
C GLU A 808 -17.57 33.40 -36.92
N SER A 809 -16.95 32.22 -36.82
CA SER A 809 -17.65 30.93 -37.16
C SER A 809 -18.92 30.67 -36.40
N LEU A 810 -18.92 31.01 -35.12
CA LEU A 810 -20.09 30.90 -34.26
C LEU A 810 -21.29 31.68 -34.80
N LYS A 811 -21.09 32.95 -35.16
CA LYS A 811 -22.14 33.72 -35.79
C LYS A 811 -22.57 33.05 -37.13
N TYR A 812 -21.60 32.70 -37.99
CA TYR A 812 -21.92 32.09 -39.27
C TYR A 812 -22.87 30.88 -39.20
N GLU A 813 -22.49 29.98 -38.34
CA GLU A 813 -23.17 28.74 -38.18
C GLU A 813 -24.54 28.87 -37.53
N VAL A 814 -24.65 29.75 -36.55
CA VAL A 814 -25.98 30.02 -36.01
C VAL A 814 -26.88 30.56 -37.17
N ILE A 815 -26.45 31.59 -37.86
CA ILE A 815 -27.31 32.14 -38.87
C ILE A 815 -27.53 31.15 -40.00
N SER A 816 -26.58 30.30 -40.29
CA SER A 816 -26.77 29.35 -41.39
C SER A 816 -27.84 28.33 -40.96
N THR A 817 -27.81 27.91 -39.71
CA THR A 817 -28.79 26.89 -39.19
C THR A 817 -30.20 27.43 -39.25
N LEU A 818 -30.35 28.65 -38.79
CA LEU A 818 -31.63 29.32 -38.71
C LEU A 818 -32.21 29.66 -40.05
N SER A 819 -31.32 30.00 -40.95
CA SER A 819 -31.64 30.18 -42.34
C SER A 819 -32.15 28.89 -43.03
N LYS A 820 -31.51 27.77 -42.77
CA LYS A 820 -31.82 26.55 -43.47
C LYS A 820 -32.82 25.65 -42.75
N VAL A 821 -33.30 26.04 -41.56
CA VAL A 821 -34.21 25.19 -40.83
C VAL A 821 -35.46 24.95 -41.71
N GLN A 822 -35.77 23.70 -41.92
CA GLN A 822 -36.90 23.32 -42.75
C GLN A 822 -38.14 23.44 -41.91
N VAL A 823 -39.17 23.99 -42.53
CA VAL A 823 -40.46 24.13 -41.90
C VAL A 823 -41.46 23.79 -42.99
N ARG A 824 -42.38 22.86 -42.72
CA ARG A 824 -43.54 22.63 -43.62
C ARG A 824 -44.43 23.88 -43.66
N MET A 825 -44.43 24.59 -44.79
CA MET A 825 -45.37 25.69 -44.96
C MET A 825 -46.55 24.97 -45.50
N PRO A 826 -47.69 24.95 -44.78
CA PRO A 826 -48.88 24.47 -45.51
C PRO A 826 -49.20 25.24 -46.80
N GLU A 827 -48.78 26.51 -46.87
CA GLU A 827 -48.86 27.28 -48.14
C GLU A 827 -47.96 28.54 -48.18
N GLU A 828 -47.95 29.18 -49.36
CA GLU A 828 -47.62 30.62 -49.55
C GLU A 828 -48.92 31.42 -49.71
N GLY B 3 -16.38 -45.46 10.68
CA GLY B 3 -15.85 -44.50 11.64
C GLY B 3 -15.63 -43.10 11.07
N SER B 4 -16.06 -42.94 9.79
CA SER B 4 -16.00 -41.67 8.97
C SER B 4 -14.62 -40.91 9.07
N ARG B 5 -14.58 -39.55 8.99
CA ARG B 5 -13.30 -38.79 9.18
C ARG B 5 -13.28 -37.66 10.29
N ASN B 6 -13.64 -36.42 9.95
CA ASN B 6 -13.61 -35.26 10.87
C ASN B 6 -14.63 -35.41 12.00
N ASP B 7 -15.79 -36.01 11.65
CA ASP B 7 -16.88 -36.27 12.60
C ASP B 7 -16.46 -37.17 13.74
N ARG B 8 -15.62 -38.14 13.37
CA ARG B 8 -15.16 -39.12 14.28
C ARG B 8 -13.95 -38.58 15.07
N THR B 9 -13.10 -37.79 14.43
CA THR B 9 -12.09 -37.07 15.14
C THR B 9 -12.69 -36.25 16.26
N LEU B 10 -13.77 -35.49 15.96
CA LEU B 10 -14.36 -34.54 16.88
C LEU B 10 -15.13 -35.26 17.93
N ARG B 11 -15.82 -36.34 17.59
CA ARG B 11 -16.36 -37.24 18.61
C ARG B 11 -15.36 -37.69 19.69
N ARG B 12 -14.22 -38.17 19.25
CA ARG B 12 -13.24 -38.62 20.23
C ARG B 12 -12.61 -37.49 20.98
N MET B 13 -12.41 -36.36 20.34
CA MET B 13 -11.84 -35.20 21.07
C MET B 13 -12.83 -34.60 22.14
N ARG B 14 -14.10 -34.60 21.77
CA ARG B 14 -15.17 -34.20 22.66
C ARG B 14 -15.23 -35.05 23.94
N LYS B 15 -15.02 -36.38 23.85
CA LYS B 15 -14.90 -37.26 25.03
C LYS B 15 -13.70 -36.73 25.85
N VAL B 16 -12.61 -36.34 25.17
CA VAL B 16 -11.46 -35.88 25.98
C VAL B 16 -11.76 -34.53 26.68
N VAL B 17 -12.43 -33.63 25.97
CA VAL B 17 -12.91 -32.41 26.49
C VAL B 17 -13.73 -32.70 27.74
N ASN B 18 -14.60 -33.70 27.78
CA ASN B 18 -15.38 -33.92 29.01
C ASN B 18 -14.51 -34.38 30.19
N ILE B 19 -13.35 -35.06 29.91
CA ILE B 19 -12.45 -35.42 30.95
C ILE B 19 -11.75 -34.18 31.49
N ILE B 20 -11.19 -33.41 30.58
CA ILE B 20 -10.58 -32.17 30.93
C ILE B 20 -11.50 -31.35 31.73
N ASN B 21 -12.73 -31.10 31.29
CA ASN B 21 -13.66 -30.34 32.24
C ASN B 21 -13.86 -30.97 33.58
N ALA B 22 -13.88 -32.30 33.65
CA ALA B 22 -14.08 -32.92 34.99
C ALA B 22 -12.83 -32.67 35.94
N MET B 23 -11.68 -32.42 35.34
CA MET B 23 -10.43 -32.18 36.12
C MET B 23 -10.39 -30.78 36.73
N GLU B 24 -11.34 -29.91 36.36
CA GLU B 24 -11.18 -28.50 36.63
C GLU B 24 -11.21 -28.26 38.18
N PRO B 25 -12.12 -28.90 38.96
CA PRO B 25 -12.11 -28.52 40.43
C PRO B 25 -10.91 -28.97 41.13
N GLU B 26 -10.26 -30.03 40.61
CA GLU B 26 -8.96 -30.43 41.08
C GLU B 26 -7.84 -29.36 40.83
N MET B 27 -7.79 -28.84 39.60
CA MET B 27 -6.87 -27.81 39.31
C MET B 27 -7.24 -26.57 40.12
N GLU B 28 -8.53 -26.26 40.24
CA GLU B 28 -8.90 -25.07 41.05
C GLU B 28 -8.29 -25.03 42.39
N LYS B 29 -8.22 -26.20 43.03
CA LYS B 29 -7.89 -26.26 44.55
C LYS B 29 -6.34 -26.21 44.87
N LEU B 30 -5.58 -26.47 43.85
CA LEU B 30 -4.13 -26.40 43.78
C LEU B 30 -3.58 -24.98 43.89
N SER B 31 -2.57 -24.78 44.73
CA SER B 31 -1.92 -23.50 44.89
C SER B 31 -1.25 -23.17 43.62
N ASP B 32 -0.76 -21.94 43.52
CA ASP B 32 0.04 -21.53 42.33
C ASP B 32 1.39 -22.29 42.17
N GLU B 33 2.09 -22.45 43.24
CA GLU B 33 3.26 -23.28 43.30
C GLU B 33 2.87 -24.75 42.99
N GLU B 34 1.76 -25.27 43.49
CA GLU B 34 1.42 -26.67 43.07
C GLU B 34 1.22 -26.74 41.61
N LEU B 35 0.49 -25.79 41.03
CA LEU B 35 0.35 -25.84 39.51
C LEU B 35 1.64 -25.72 38.75
N LYS B 36 2.49 -24.86 39.26
CA LYS B 36 3.87 -24.79 38.65
C LYS B 36 4.56 -26.15 38.70
N GLY B 37 4.41 -26.91 39.78
CA GLY B 37 5.08 -28.26 39.89
C GLY B 37 4.59 -29.35 38.94
N LYS B 38 3.41 -29.08 38.31
CA LYS B 38 2.86 -30.01 37.39
C LYS B 38 3.79 -30.28 36.26
N THR B 39 4.58 -29.30 35.85
CA THR B 39 5.39 -29.42 34.72
C THR B 39 6.50 -30.43 35.00
N ALA B 40 7.10 -30.33 36.18
CA ALA B 40 8.20 -31.18 36.57
C ALA B 40 7.67 -32.55 36.81
N GLU B 41 6.49 -32.64 37.31
CA GLU B 41 5.82 -33.96 37.46
C GLU B 41 5.45 -34.63 36.06
N PHE B 42 5.05 -33.87 35.05
CA PHE B 42 4.80 -34.43 33.74
C PHE B 42 6.14 -34.90 33.15
N ARG B 43 7.17 -34.05 33.24
CA ARG B 43 8.48 -34.49 32.85
C ARG B 43 9.07 -35.71 33.54
N ALA B 44 8.76 -35.92 34.79
CA ALA B 44 9.26 -37.12 35.47
C ALA B 44 8.54 -38.32 34.94
N ARG B 45 7.27 -38.15 34.67
CA ARG B 45 6.51 -39.22 34.02
C ARG B 45 7.01 -39.59 32.64
N LEU B 46 7.39 -38.59 31.86
CA LEU B 46 7.89 -38.82 30.46
C LEU B 46 9.25 -39.47 30.55
N GLU B 47 9.98 -39.13 31.59
CA GLU B 47 11.33 -39.69 31.75
C GLU B 47 11.24 -41.15 32.09
N LYS B 48 10.25 -41.51 32.92
CA LYS B 48 9.97 -42.91 33.21
C LYS B 48 9.19 -43.61 32.05
N GLY B 49 9.06 -43.03 30.88
CA GLY B 49 8.46 -43.70 29.70
C GLY B 49 6.99 -43.38 29.37
N GLU B 50 6.38 -42.41 30.04
CA GLU B 50 5.02 -42.04 29.66
C GLU B 50 4.89 -41.49 28.22
N VAL B 51 3.75 -41.69 27.60
CA VAL B 51 3.48 -41.31 26.21
C VAL B 51 2.81 -39.96 26.32
N LEU B 52 3.21 -38.99 25.49
CA LEU B 52 2.85 -37.59 25.64
C LEU B 52 1.35 -37.29 25.58
N GLU B 53 0.72 -38.01 24.69
CA GLU B 53 -0.67 -37.92 24.35
C GLU B 53 -1.42 -38.44 25.53
N ASN B 54 -0.87 -39.35 26.34
CA ASN B 54 -1.57 -39.65 27.66
C ASN B 54 -1.63 -38.44 28.58
N LEU B 55 -0.86 -37.40 28.28
CA LEU B 55 -0.82 -36.28 29.20
C LEU B 55 -1.83 -35.15 28.88
N ILE B 56 -2.49 -35.27 27.72
CA ILE B 56 -3.26 -34.19 27.16
C ILE B 56 -4.28 -33.71 28.21
N PRO B 57 -5.12 -34.58 28.77
CA PRO B 57 -6.17 -34.01 29.68
C PRO B 57 -5.64 -33.23 30.88
N GLU B 58 -4.63 -33.78 31.60
CA GLU B 58 -4.03 -33.10 32.72
C GLU B 58 -3.36 -31.83 32.34
N ALA B 59 -2.63 -31.88 31.25
CA ALA B 59 -1.81 -30.78 30.81
C ALA B 59 -2.66 -29.67 30.32
N PHE B 60 -3.75 -30.00 29.65
CA PHE B 60 -4.72 -28.95 29.27
C PHE B 60 -5.47 -28.32 30.44
N ALA B 61 -5.85 -29.11 31.47
CA ALA B 61 -6.56 -28.56 32.72
C ALA B 61 -5.66 -27.63 33.48
N VAL B 62 -4.36 -27.95 33.46
CA VAL B 62 -3.33 -27.15 34.05
C VAL B 62 -3.17 -25.85 33.28
N VAL B 63 -3.07 -25.91 31.98
CA VAL B 63 -2.91 -24.65 31.21
C VAL B 63 -4.13 -23.77 31.36
N ARG B 64 -5.28 -24.39 31.26
CA ARG B 64 -6.52 -23.68 31.34
C ARG B 64 -6.63 -23.01 32.70
N GLU B 65 -6.17 -23.64 33.78
CA GLU B 65 -6.36 -22.98 35.21
C GLU B 65 -5.27 -21.99 35.32
N ALA B 66 -4.02 -22.26 34.90
CA ALA B 66 -3.01 -21.15 34.82
C ALA B 66 -3.52 -19.86 34.09
N SER B 67 -4.15 -20.02 32.89
CA SER B 67 -4.67 -18.88 32.12
C SER B 67 -5.75 -18.11 32.94
N LYS B 68 -6.65 -18.82 33.59
CA LYS B 68 -7.58 -18.15 34.53
C LYS B 68 -6.89 -17.24 35.45
N ARG B 69 -5.89 -17.71 36.10
CA ARG B 69 -5.28 -16.98 37.25
C ARG B 69 -4.45 -15.82 36.67
N VAL B 70 -3.76 -16.09 35.56
CA VAL B 70 -2.83 -15.12 34.92
C VAL B 70 -3.48 -14.11 33.96
N PHE B 71 -4.22 -14.60 33.02
CA PHE B 71 -4.86 -13.82 31.99
C PHE B 71 -6.31 -13.53 32.37
N GLY B 72 -6.84 -14.21 33.40
CA GLY B 72 -8.26 -14.01 33.71
C GLY B 72 -9.09 -14.55 32.55
N MET B 73 -8.63 -15.49 31.72
CA MET B 73 -9.42 -16.08 30.71
C MET B 73 -9.34 -17.61 30.81
N ARG B 74 -10.42 -18.28 30.55
CA ARG B 74 -10.48 -19.71 30.63
C ARG B 74 -10.80 -20.27 29.29
N HIS B 75 -9.90 -21.12 28.78
CA HIS B 75 -10.10 -21.63 27.46
C HIS B 75 -11.47 -22.20 27.33
N PHE B 76 -12.14 -21.99 26.16
CA PHE B 76 -13.42 -22.68 25.84
C PHE B 76 -13.25 -24.14 25.40
N ASP B 77 -14.30 -24.97 25.52
CA ASP B 77 -14.20 -26.30 25.04
C ASP B 77 -13.71 -26.40 23.58
N VAL B 78 -14.23 -25.57 22.65
CA VAL B 78 -13.68 -25.48 21.22
C VAL B 78 -12.21 -25.16 21.05
N GLN B 79 -11.68 -24.40 22.00
CA GLN B 79 -10.24 -24.15 22.09
C GLN B 79 -9.47 -25.28 22.60
N LEU B 80 -9.99 -26.05 23.56
CA LEU B 80 -9.39 -27.35 23.90
C LEU B 80 -9.36 -28.21 22.67
N LEU B 81 -10.49 -28.31 21.97
CA LEU B 81 -10.42 -29.12 20.71
C LEU B 81 -9.38 -28.70 19.74
N GLY B 82 -9.36 -27.41 19.44
CA GLY B 82 -8.34 -26.84 18.54
C GLY B 82 -6.93 -27.17 18.98
N GLY B 83 -6.70 -27.08 20.27
CA GLY B 83 -5.46 -27.50 20.77
C GLY B 83 -5.08 -28.93 20.63
N MET B 84 -6.02 -29.88 20.67
CA MET B 84 -5.68 -31.26 20.53
C MET B 84 -5.38 -31.50 19.11
N VAL B 85 -6.06 -30.82 18.21
CA VAL B 85 -5.75 -30.97 16.78
C VAL B 85 -4.25 -30.71 16.40
N LEU B 86 -3.82 -29.58 16.85
CA LEU B 86 -2.51 -28.95 16.67
C LEU B 86 -1.40 -29.81 17.25
N ASN B 87 -1.75 -30.85 18.08
CA ASN B 87 -0.79 -31.81 18.61
C ASN B 87 -0.48 -32.84 17.54
N GLU B 88 -1.31 -32.91 16.52
CA GLU B 88 -1.20 -33.88 15.45
C GLU B 88 -0.68 -33.21 14.20
N ARG B 89 -0.44 -33.91 13.08
CA ARG B 89 0.23 -33.28 11.92
C ARG B 89 -1.01 -32.61 11.21
N CYS B 90 -1.66 -31.57 11.85
CA CYS B 90 -2.91 -31.00 11.33
C CYS B 90 -2.93 -29.47 11.36
N ILE B 91 -3.78 -28.94 10.48
CA ILE B 91 -4.13 -27.56 10.41
C ILE B 91 -5.49 -27.51 11.17
N ALA B 92 -5.56 -26.81 12.24
CA ALA B 92 -6.86 -26.49 12.92
C ALA B 92 -7.44 -25.25 12.28
N GLU B 93 -8.55 -25.42 11.59
CA GLU B 93 -9.25 -24.34 10.97
C GLU B 93 -10.29 -23.71 12.03
N MET B 94 -10.03 -22.53 12.55
CA MET B 94 -10.95 -21.95 13.51
C MET B 94 -11.28 -20.56 13.03
N ARG B 95 -12.55 -20.33 13.02
CA ARG B 95 -13.06 -19.09 12.49
C ARG B 95 -12.57 -17.86 13.17
N THR B 96 -12.43 -16.83 12.36
CA THR B 96 -12.12 -15.52 12.86
C THR B 96 -12.88 -15.22 14.17
N GLY B 97 -12.13 -14.83 15.17
CA GLY B 97 -12.78 -14.30 16.39
C GLY B 97 -12.78 -15.40 17.45
N GLU B 98 -12.30 -16.60 17.10
CA GLU B 98 -12.53 -17.75 17.95
C GLU B 98 -11.47 -17.87 19.03
N GLY B 99 -10.41 -17.10 18.95
CA GLY B 99 -9.37 -17.19 19.95
C GLY B 99 -8.22 -18.09 19.59
N LYS B 100 -7.72 -18.00 18.36
CA LYS B 100 -6.51 -18.75 17.97
C LYS B 100 -5.30 -18.50 18.83
N THR B 101 -5.11 -17.25 19.29
CA THR B 101 -3.93 -16.90 20.00
C THR B 101 -3.85 -17.65 21.39
N LEU B 102 -4.95 -17.67 22.12
CA LEU B 102 -5.07 -18.47 23.34
C LEU B 102 -5.08 -19.92 23.19
N THR B 103 -5.71 -20.39 22.15
CA THR B 103 -5.74 -21.82 21.85
C THR B 103 -4.28 -22.42 21.73
N ALA B 104 -3.44 -21.66 21.09
CA ALA B 104 -2.11 -22.05 20.70
C ALA B 104 -1.19 -22.25 21.93
N THR B 105 -1.60 -21.72 23.12
CA THR B 105 -0.82 -21.94 24.37
C THR B 105 -0.89 -23.44 24.76
N LEU B 106 -1.98 -24.17 24.40
CA LEU B 106 -2.07 -25.53 24.84
C LEU B 106 -1.07 -26.48 24.18
N PRO B 107 -1.14 -26.53 22.88
CA PRO B 107 -0.10 -27.39 22.14
C PRO B 107 1.37 -26.99 22.37
N ALA B 108 1.59 -25.70 22.63
CA ALA B 108 2.88 -25.19 22.87
C ALA B 108 3.33 -25.65 24.15
N TYR B 109 2.49 -25.56 25.21
CA TYR B 109 2.81 -26.16 26.46
C TYR B 109 3.06 -27.62 26.41
N LEU B 110 2.13 -28.38 25.83
CA LEU B 110 2.38 -29.79 25.79
C LEU B 110 3.70 -30.23 25.03
N ASN B 111 3.92 -29.65 23.82
CA ASN B 111 5.11 -29.93 22.99
C ASN B 111 6.52 -29.38 23.42
N ALA B 112 6.50 -28.70 24.54
CA ALA B 112 7.61 -28.28 25.35
C ALA B 112 8.03 -29.20 26.48
N LEU B 113 7.24 -30.20 26.82
CA LEU B 113 7.43 -30.95 28.05
C LEU B 113 8.54 -31.88 27.88
N THR B 114 8.77 -32.39 26.65
CA THR B 114 9.92 -33.22 26.43
C THR B 114 11.24 -32.45 26.33
N GLY B 115 11.28 -31.15 26.46
CA GLY B 115 12.60 -30.56 26.61
C GLY B 115 13.28 -30.40 25.26
N LYS B 116 12.53 -30.32 24.14
CA LYS B 116 13.25 -30.30 22.84
C LYS B 116 12.91 -29.00 22.18
N GLY B 117 12.01 -28.15 22.78
CA GLY B 117 11.75 -26.90 22.19
C GLY B 117 10.58 -26.82 21.21
N VAL B 118 9.93 -25.64 21.25
CA VAL B 118 8.88 -25.35 20.28
C VAL B 118 9.15 -24.14 19.52
N HIS B 119 8.86 -24.14 18.23
CA HIS B 119 8.93 -22.92 17.50
C HIS B 119 7.52 -22.47 17.12
N VAL B 120 7.09 -21.39 17.76
CA VAL B 120 5.87 -20.66 17.28
C VAL B 120 6.33 -19.72 16.16
N VAL B 121 5.65 -19.84 15.02
CA VAL B 121 5.96 -19.14 13.83
C VAL B 121 4.91 -18.06 13.57
N THR B 122 5.35 -16.83 13.58
CA THR B 122 4.45 -15.72 13.29
C THR B 122 4.81 -15.11 11.97
N VAL B 123 3.90 -14.31 11.50
CA VAL B 123 4.01 -13.71 10.21
C VAL B 123 4.83 -12.46 10.25
N ASN B 124 4.94 -11.85 11.43
CA ASN B 124 5.87 -10.73 11.54
C ASN B 124 6.47 -10.62 12.94
N ASP B 125 7.40 -9.69 13.02
CA ASP B 125 8.23 -9.45 14.28
C ASP B 125 7.41 -8.82 15.35
N TYR B 126 6.52 -7.91 14.99
CA TYR B 126 5.66 -7.36 15.98
C TYR B 126 4.82 -8.43 16.75
N LEU B 127 4.27 -9.41 16.06
CA LEU B 127 3.45 -10.47 16.70
C LEU B 127 4.33 -11.44 17.47
N ALA B 128 5.50 -11.69 16.92
CA ALA B 128 6.45 -12.50 17.61
C ALA B 128 6.70 -11.92 19.00
N GLN B 129 7.07 -10.65 19.08
CA GLN B 129 7.42 -10.02 20.26
C GLN B 129 6.30 -9.89 21.21
N ARG B 130 5.13 -9.48 20.73
CA ARG B 130 3.98 -9.22 21.52
C ARG B 130 3.53 -10.48 22.12
N ASP B 131 3.49 -11.54 21.32
CA ASP B 131 3.03 -12.83 21.84
C ASP B 131 4.06 -13.43 22.81
N ALA B 132 5.33 -13.43 22.44
CA ALA B 132 6.26 -13.76 23.45
C ALA B 132 6.03 -13.09 24.82
N GLU B 133 5.98 -11.77 24.86
CA GLU B 133 5.81 -11.07 26.12
C GLU B 133 4.52 -11.30 26.82
N ASN B 134 3.47 -11.40 26.02
CA ASN B 134 2.17 -11.64 26.59
C ASN B 134 2.11 -13.04 27.25
N ASN B 135 2.77 -14.00 26.65
CA ASN B 135 2.74 -15.38 27.16
C ASN B 135 3.81 -15.69 28.19
N ARG B 136 4.86 -14.87 28.30
CA ARG B 136 5.93 -15.15 29.28
C ARG B 136 5.37 -15.36 30.68
N PRO B 137 4.54 -14.45 31.20
CA PRO B 137 3.89 -14.70 32.52
C PRO B 137 3.05 -15.99 32.60
N LEU B 138 2.27 -16.34 31.61
CA LEU B 138 1.57 -17.61 31.66
C LEU B 138 2.50 -18.75 31.88
N PHE B 139 3.41 -18.90 30.97
CA PHE B 139 4.27 -20.05 30.98
C PHE B 139 5.35 -20.07 32.06
N GLU B 140 5.82 -18.91 32.48
CA GLU B 140 6.77 -18.83 33.63
C GLU B 140 6.03 -19.26 34.96
N PHE B 141 4.76 -18.95 35.00
CA PHE B 141 3.82 -19.50 35.99
C PHE B 141 3.84 -21.02 35.88
N LEU B 142 4.06 -21.62 34.71
CA LEU B 142 4.01 -23.03 34.65
C LEU B 142 5.34 -23.54 34.67
N GLY B 143 6.31 -22.77 35.09
CA GLY B 143 7.73 -23.30 35.16
C GLY B 143 8.44 -23.49 33.80
N LEU B 144 7.98 -22.81 32.78
CA LEU B 144 8.69 -22.88 31.49
C LEU B 144 9.31 -21.51 31.08
N THR B 145 10.24 -21.51 30.11
CA THR B 145 10.87 -20.27 29.69
C THR B 145 10.44 -19.96 28.25
N VAL B 146 10.62 -18.71 27.85
CA VAL B 146 10.14 -18.20 26.59
C VAL B 146 11.24 -17.37 25.92
N GLY B 147 11.46 -17.67 24.67
CA GLY B 147 12.45 -17.03 23.83
C GLY B 147 11.87 -16.28 22.63
N ILE B 148 12.56 -15.20 22.25
CA ILE B 148 12.18 -14.34 21.15
C ILE B 148 13.39 -14.27 20.23
N ASN B 149 13.18 -14.59 18.98
CA ASN B 149 14.22 -14.57 17.93
C ASN B 149 13.90 -13.51 16.90
N LEU B 150 14.81 -12.55 16.67
CA LEU B 150 14.59 -11.43 15.76
C LEU B 150 15.73 -11.28 14.87
N PRO B 151 15.48 -10.68 13.69
CA PRO B 151 16.63 -10.30 12.79
C PRO B 151 17.63 -9.34 13.48
N GLY B 152 18.91 -9.61 13.35
CA GLY B 152 19.95 -8.75 13.90
C GLY B 152 20.40 -9.14 15.35
N MET B 153 19.59 -9.92 16.01
CA MET B 153 19.92 -10.47 17.25
C MET B 153 21.28 -11.18 17.20
N PRO B 154 22.13 -10.80 18.12
CA PRO B 154 23.46 -11.52 18.18
C PRO B 154 23.39 -12.97 18.57
N ALA B 155 24.35 -13.77 18.10
CA ALA B 155 24.30 -15.23 18.11
C ALA B 155 24.11 -15.78 19.55
N PRO B 156 24.75 -15.18 20.59
CA PRO B 156 24.47 -15.61 21.94
C PRO B 156 22.97 -15.48 22.43
N ALA B 157 22.42 -14.28 22.23
CA ALA B 157 21.01 -14.06 22.39
C ALA B 157 20.12 -15.03 21.62
N LYS B 158 20.38 -15.24 20.34
CA LYS B 158 19.74 -16.24 19.50
C LYS B 158 19.82 -17.67 20.10
N ARG B 159 20.95 -18.06 20.66
CA ARG B 159 21.08 -19.41 21.26
C ARG B 159 20.28 -19.58 22.50
N GLU B 160 20.28 -18.56 23.32
CA GLU B 160 19.34 -18.52 24.42
C GLU B 160 17.90 -18.61 24.03
N ALA B 161 17.47 -17.82 23.07
CA ALA B 161 16.03 -17.93 22.59
C ALA B 161 15.72 -19.33 22.11
N TYR B 162 16.65 -19.98 21.37
CA TYR B 162 16.37 -21.35 20.94
C TYR B 162 16.52 -22.38 22.02
N ALA B 163 17.17 -22.01 23.13
CA ALA B 163 17.29 -22.94 24.23
C ALA B 163 16.13 -22.81 25.28
N ALA B 164 15.29 -21.83 25.13
CA ALA B 164 14.07 -21.71 25.87
C ALA B 164 13.14 -22.84 25.50
N ASP B 165 12.26 -23.18 26.43
CA ASP B 165 11.14 -24.10 26.24
C ASP B 165 10.26 -23.87 25.04
N ILE B 166 9.90 -22.62 24.83
CA ILE B 166 9.04 -22.18 23.73
C ILE B 166 9.69 -20.85 23.22
N THR B 167 9.88 -20.84 21.89
CA THR B 167 10.44 -19.76 21.09
C THR B 167 9.37 -19.15 20.17
N TYR B 168 9.38 -17.79 20.05
CA TYR B 168 8.54 -17.03 19.06
C TYR B 168 9.44 -16.37 18.06
N GLY B 169 8.98 -16.32 16.83
CA GLY B 169 9.79 -15.68 15.76
C GLY B 169 9.09 -15.82 14.47
N THR B 170 9.54 -15.11 13.43
CA THR B 170 8.97 -15.26 12.01
C THR B 170 9.54 -16.43 11.25
N ASN B 171 8.78 -16.95 10.24
CA ASN B 171 9.29 -17.94 9.34
C ASN B 171 10.65 -17.61 8.82
N ASN B 172 10.80 -16.37 8.36
CA ASN B 172 12.02 -15.95 7.72
C ASN B 172 13.26 -16.15 8.59
N GLU B 173 13.15 -15.69 9.81
CA GLU B 173 14.30 -15.75 10.71
C GLU B 173 14.66 -17.17 11.16
N TYR B 174 13.63 -18.00 11.34
CA TYR B 174 13.88 -19.44 11.54
C TYR B 174 14.70 -20.02 10.42
N GLY B 175 14.22 -19.90 9.21
CA GLY B 175 14.96 -20.34 8.04
C GLY B 175 16.35 -19.87 7.80
N PHE B 176 16.55 -18.56 8.03
CA PHE B 176 17.83 -17.96 7.85
C PHE B 176 18.82 -18.50 8.97
N ASP B 177 18.34 -18.70 10.19
CA ASP B 177 19.15 -19.32 11.22
C ASP B 177 19.63 -20.69 10.82
N TYR B 178 18.70 -21.42 10.27
CA TYR B 178 19.02 -22.70 9.76
C TYR B 178 20.11 -22.72 8.75
N LEU B 179 19.99 -21.91 7.71
CA LEU B 179 20.97 -21.78 6.75
C LEU B 179 22.32 -21.42 7.26
N ARG B 180 22.37 -20.44 8.15
CA ARG B 180 23.68 -19.97 8.70
C ARG B 180 24.23 -21.07 9.65
N ASP B 181 23.38 -21.78 10.44
CA ASP B 181 23.89 -23.00 11.10
C ASP B 181 24.64 -23.99 10.20
N ASN B 182 24.22 -24.02 8.97
CA ASN B 182 24.86 -24.86 7.92
C ASN B 182 25.97 -24.25 7.19
N MET B 183 26.36 -23.07 7.58
CA MET B 183 27.62 -22.51 7.16
C MET B 183 28.63 -22.48 8.36
N ALA B 184 28.30 -22.98 9.56
CA ALA B 184 29.25 -23.03 10.66
C ALA B 184 30.39 -24.00 10.48
N PHE B 185 31.52 -23.61 11.07
CA PHE B 185 32.77 -24.38 11.04
C PHE B 185 33.01 -25.05 12.39
N SER B 186 32.09 -24.85 13.33
CA SER B 186 32.12 -25.63 14.51
C SER B 186 30.76 -25.76 15.09
N PRO B 187 30.44 -26.93 15.75
CA PRO B 187 29.16 -27.23 16.28
C PRO B 187 28.63 -26.22 17.28
N GLU B 188 29.54 -25.69 18.10
CA GLU B 188 29.14 -24.64 19.05
C GLU B 188 28.71 -23.30 18.38
N GLU B 189 29.01 -23.03 17.09
CA GLU B 189 28.52 -21.83 16.41
C GLU B 189 27.01 -21.87 16.12
N ARG B 190 26.41 -23.08 16.14
CA ARG B 190 25.03 -23.27 15.73
C ARG B 190 24.19 -22.54 16.69
N VAL B 191 23.12 -21.92 16.23
CA VAL B 191 22.21 -21.27 17.23
C VAL B 191 20.95 -22.15 17.49
N GLN B 192 20.59 -23.04 16.58
CA GLN B 192 19.23 -23.70 16.75
C GLN B 192 19.60 -25.02 17.39
N ARG B 193 18.60 -25.76 17.89
CA ARG B 193 18.73 -27.16 18.24
C ARG B 193 18.12 -27.92 17.08
N LYS B 194 18.08 -29.25 17.16
CA LYS B 194 17.31 -30.09 16.17
C LYS B 194 15.84 -29.56 16.13
N LEU B 195 15.26 -29.59 14.94
CA LEU B 195 13.97 -28.94 14.59
C LEU B 195 12.88 -29.89 15.00
N HIS B 196 12.23 -29.56 16.09
CA HIS B 196 11.32 -30.52 16.74
C HIS B 196 9.88 -30.23 16.35
N TYR B 197 9.34 -29.05 16.74
CA TYR B 197 7.90 -28.75 16.50
C TYR B 197 7.77 -27.34 16.05
N ALA B 198 7.09 -27.14 14.96
CA ALA B 198 6.74 -25.81 14.49
C ALA B 198 5.20 -25.67 14.51
N LEU B 199 4.78 -24.59 15.06
CA LEU B 199 3.32 -24.25 15.16
C LEU B 199 3.10 -22.98 14.50
N VAL B 200 2.56 -23.07 13.34
CA VAL B 200 2.48 -21.95 12.44
C VAL B 200 1.14 -21.20 12.63
N ASP B 201 1.25 -19.91 12.83
CA ASP B 201 0.12 -19.18 13.28
C ASP B 201 -0.94 -18.91 12.22
N GLU B 202 -0.55 -18.78 10.98
CA GLU B 202 -1.45 -18.35 9.89
C GLU B 202 -0.88 -19.08 8.62
N VAL B 203 -1.28 -20.31 8.46
CA VAL B 203 -0.74 -21.17 7.43
C VAL B 203 -1.05 -20.78 5.93
N ASP B 204 -2.11 -20.03 5.66
CA ASP B 204 -2.42 -19.63 4.28
C ASP B 204 -1.30 -18.81 3.69
N SER B 205 -0.83 -17.82 4.45
CA SER B 205 0.30 -17.09 3.92
C SER B 205 1.58 -17.83 4.15
N ILE B 206 1.81 -18.26 5.37
CA ILE B 206 3.11 -18.81 5.66
C ILE B 206 3.45 -20.14 4.83
N LEU B 207 2.46 -21.00 4.61
CA LEU B 207 2.74 -22.33 4.04
C LEU B 207 2.36 -22.46 2.63
N ILE B 208 1.26 -21.83 2.21
CA ILE B 208 0.79 -21.87 0.83
C ILE B 208 1.41 -20.73 0.05
N ASP B 209 1.01 -19.49 0.31
CA ASP B 209 1.39 -18.38 -0.61
C ASP B 209 2.92 -18.35 -0.81
N GLU B 210 3.61 -18.72 0.23
CA GLU B 210 5.02 -18.47 0.43
C GLU B 210 5.83 -19.79 0.32
N ALA B 211 5.17 -20.91 0.05
CA ALA B 211 5.78 -22.25 -0.13
C ALA B 211 7.11 -22.28 -0.90
N ARG B 212 7.11 -21.64 -2.06
CA ARG B 212 8.30 -21.68 -2.96
C ARG B 212 9.32 -20.54 -2.87
N THR B 213 9.07 -19.56 -2.03
CA THR B 213 9.92 -18.38 -1.80
C THR B 213 11.24 -18.84 -1.23
N PRO B 214 12.34 -18.64 -1.97
CA PRO B 214 13.62 -19.05 -1.48
C PRO B 214 14.18 -18.09 -0.44
N LEU B 215 14.77 -18.64 0.60
CA LEU B 215 15.62 -17.88 1.51
C LEU B 215 17.01 -18.05 1.00
N ILE B 216 17.74 -16.95 0.83
CA ILE B 216 19.00 -16.97 0.20
C ILE B 216 20.01 -16.21 1.09
N ILE B 217 21.16 -16.81 1.37
CA ILE B 217 22.27 -16.09 1.90
C ILE B 217 23.23 -15.97 0.77
N SER B 218 23.61 -14.76 0.37
CA SER B 218 24.73 -14.48 -0.54
C SER B 218 25.86 -13.75 0.12
N GLY B 219 27.02 -13.89 -0.50
CA GLY B 219 28.27 -13.26 -0.09
C GLY B 219 29.15 -13.30 -1.33
N PRO B 220 30.11 -12.37 -1.44
CA PRO B 220 30.99 -12.51 -2.65
C PRO B 220 31.74 -13.82 -2.57
N ALA B 221 31.95 -14.32 -1.33
CA ALA B 221 32.62 -15.58 -1.01
C ALA B 221 32.77 -16.54 -2.22
N GLU B 222 33.75 -16.20 -3.09
CA GLU B 222 33.85 -16.72 -4.48
C GLU B 222 35.20 -17.09 -5.01
N ASP B 223 35.19 -17.75 -6.15
CA ASP B 223 36.34 -17.77 -7.02
C ASP B 223 36.59 -16.29 -7.38
N SER B 224 37.84 -15.95 -7.65
CA SER B 224 38.20 -14.62 -8.12
C SER B 224 37.93 -14.57 -9.62
N SER B 225 38.81 -13.92 -10.38
CA SER B 225 38.67 -13.80 -11.83
C SER B 225 39.78 -14.56 -12.61
N GLU B 226 40.30 -13.95 -13.68
CA GLU B 226 41.12 -14.65 -14.69
C GLU B 226 40.22 -15.42 -15.67
N MET B 227 39.23 -16.11 -15.08
CA MET B 227 38.02 -16.66 -15.76
C MET B 227 37.43 -15.72 -16.83
N TYR B 228 37.07 -14.51 -16.42
CA TYR B 228 36.38 -13.57 -17.29
C TYR B 228 37.29 -13.10 -18.41
N LYS B 229 38.59 -12.96 -18.11
CA LYS B 229 39.54 -12.25 -18.98
C LYS B 229 40.28 -13.17 -19.99
N ARG B 230 40.50 -14.42 -19.60
CA ARG B 230 40.95 -15.43 -20.57
C ARG B 230 39.88 -15.52 -21.63
N VAL B 231 38.65 -15.74 -21.15
CA VAL B 231 37.44 -15.76 -21.98
C VAL B 231 37.25 -14.45 -22.78
N ASN B 232 37.74 -13.34 -22.25
CA ASN B 232 37.76 -12.10 -23.02
C ASN B 232 38.59 -12.19 -24.28
N LYS B 233 39.71 -12.90 -24.20
CA LYS B 233 40.77 -12.85 -25.20
C LYS B 233 40.42 -13.56 -26.53
N ILE B 234 39.38 -14.40 -26.49
CA ILE B 234 38.75 -14.93 -27.73
C ILE B 234 37.99 -13.83 -28.46
N ILE B 235 37.34 -12.98 -27.66
CA ILE B 235 36.40 -11.96 -28.15
C ILE B 235 36.94 -11.04 -29.27
N PRO B 236 38.24 -10.61 -29.20
CA PRO B 236 38.85 -9.84 -30.30
C PRO B 236 39.16 -10.67 -31.54
N HIS B 237 38.49 -11.82 -31.70
CA HIS B 237 38.31 -12.44 -32.99
C HIS B 237 36.91 -13.12 -33.03
N LEU B 238 35.88 -12.29 -33.17
CA LEU B 238 34.50 -12.77 -33.28
C LEU B 238 33.81 -12.09 -34.45
N ILE B 239 34.39 -12.28 -35.64
CA ILE B 239 33.97 -11.58 -36.88
C ILE B 239 32.52 -11.95 -37.31
N ARG B 240 31.84 -12.70 -36.44
CA ARG B 240 30.35 -12.81 -36.38
C ARG B 240 29.64 -13.42 -37.62
N GLN B 241 30.32 -14.29 -38.36
CA GLN B 241 29.66 -15.01 -39.46
C GLN B 241 28.62 -15.98 -38.91
N VAL B 272 28.16 -24.25 -36.48
CA VAL B 272 29.20 -23.39 -37.04
C VAL B 272 29.80 -22.72 -35.85
N LEU B 273 28.93 -21.98 -35.16
CA LEU B 273 29.26 -21.13 -34.02
C LEU B 273 30.05 -21.90 -32.94
N ILE B 274 29.58 -23.11 -32.65
CA ILE B 274 30.11 -23.93 -31.54
C ILE B 274 31.53 -24.43 -31.75
N GLU B 275 31.82 -24.88 -32.98
CA GLU B 275 33.11 -25.48 -33.38
C GLU B 275 34.12 -24.32 -33.37
N GLU B 276 33.72 -23.28 -34.09
CA GLU B 276 34.34 -21.97 -33.93
C GLU B 276 34.62 -21.75 -32.44
N LEU B 277 33.56 -21.50 -31.66
CA LEU B 277 33.63 -21.30 -30.19
C LEU B 277 34.64 -22.20 -29.45
N LEU B 278 34.48 -23.52 -29.63
CA LEU B 278 35.26 -24.52 -28.90
C LEU B 278 36.79 -24.17 -29.00
N VAL B 279 37.32 -24.15 -30.23
CA VAL B 279 38.66 -23.63 -30.54
C VAL B 279 39.68 -23.50 -29.38
N LYS B 280 39.93 -24.62 -28.70
CA LYS B 280 41.04 -24.75 -27.75
C LYS B 280 40.86 -24.16 -26.34
N GLU B 281 41.97 -24.23 -25.60
CA GLU B 281 42.35 -23.45 -24.40
C GLU B 281 42.77 -24.34 -23.20
N GLY B 282 41.91 -24.46 -22.19
CA GLY B 282 42.14 -25.29 -21.02
C GLY B 282 40.78 -25.63 -20.38
N ILE B 283 40.79 -26.66 -19.51
CA ILE B 283 39.56 -27.25 -18.95
C ILE B 283 38.42 -27.27 -20.03
N MET B 284 38.67 -28.04 -21.08
CA MET B 284 37.70 -28.54 -22.10
C MET B 284 38.48 -29.38 -23.17
N ASP B 285 38.53 -28.88 -24.41
CA ASP B 285 39.00 -29.58 -25.65
C ASP B 285 39.87 -30.87 -25.57
N GLU B 286 39.27 -31.95 -25.09
CA GLU B 286 39.73 -33.31 -25.45
C GLU B 286 38.56 -33.95 -26.18
N GLY B 287 37.98 -33.19 -27.12
CA GLY B 287 36.73 -33.56 -27.77
C GLY B 287 35.54 -33.57 -26.81
N GLU B 288 35.60 -32.74 -25.77
CA GLU B 288 34.45 -32.54 -24.90
C GLU B 288 33.72 -31.33 -25.39
N SER B 289 32.40 -31.40 -25.26
CA SER B 289 31.46 -30.35 -25.66
C SER B 289 31.55 -29.08 -24.77
N LEU B 290 30.97 -27.97 -25.24
CA LEU B 290 30.83 -26.73 -24.46
C LEU B 290 29.43 -26.64 -23.81
N TYR B 291 28.40 -27.15 -24.48
CA TYR B 291 27.11 -27.16 -23.81
C TYR B 291 26.77 -28.56 -23.35
N SER B 292 27.76 -29.21 -22.76
CA SER B 292 27.48 -30.30 -21.85
C SER B 292 26.93 -29.70 -20.55
N PRO B 293 25.87 -30.31 -19.99
CA PRO B 293 25.39 -29.94 -18.67
C PRO B 293 26.48 -30.40 -17.73
N ALA B 294 27.54 -29.59 -17.60
CA ALA B 294 28.81 -30.05 -17.07
C ALA B 294 29.82 -28.98 -17.29
N ASN B 295 29.83 -28.40 -18.51
CA ASN B 295 30.65 -27.19 -18.83
C ASN B 295 29.82 -25.93 -18.76
N ILE B 296 28.75 -26.02 -17.96
CA ILE B 296 27.72 -25.00 -17.89
C ILE B 296 28.28 -23.64 -17.45
N MET B 297 29.20 -23.59 -16.50
CA MET B 297 29.73 -22.28 -16.09
C MET B 297 30.56 -21.60 -17.19
N LEU B 298 31.43 -22.39 -17.79
CA LEU B 298 32.17 -21.98 -19.01
C LEU B 298 31.26 -21.36 -20.10
N MET B 299 30.22 -22.08 -20.44
CA MET B 299 29.31 -21.64 -21.48
C MET B 299 28.61 -20.36 -21.09
N HIS B 300 28.42 -20.17 -19.78
CA HIS B 300 27.78 -19.02 -19.26
C HIS B 300 28.74 -17.90 -19.43
N HIS B 301 30.01 -18.19 -19.19
CA HIS B 301 31.09 -17.22 -19.49
C HIS B 301 31.01 -16.63 -20.92
N VAL B 302 30.85 -17.51 -21.91
CA VAL B 302 30.69 -17.07 -23.31
C VAL B 302 29.29 -16.47 -23.58
N THR B 303 28.20 -17.09 -23.13
CA THR B 303 26.86 -16.42 -23.25
C THR B 303 26.91 -14.99 -22.69
N ALA B 304 27.75 -14.80 -21.67
CA ALA B 304 27.89 -13.48 -21.00
C ALA B 304 28.85 -12.57 -21.76
N ALA B 305 29.98 -13.14 -22.21
CA ALA B 305 30.98 -12.43 -23.04
C ALA B 305 30.37 -11.87 -24.34
N LEU B 306 29.51 -12.69 -24.97
CA LEU B 306 28.92 -12.35 -26.27
C LEU B 306 27.55 -11.67 -26.16
N ARG B 307 26.76 -12.04 -25.15
CA ARG B 307 25.56 -11.27 -24.80
C ARG B 307 25.98 -9.90 -24.28
N ALA B 308 27.21 -9.81 -23.77
CA ALA B 308 27.82 -8.54 -23.42
C ALA B 308 28.18 -7.71 -24.65
N HIS B 309 27.25 -6.86 -25.10
CA HIS B 309 27.49 -5.88 -26.17
C HIS B 309 26.25 -5.00 -26.27
N ALA B 310 25.11 -5.66 -26.55
CA ALA B 310 23.82 -5.00 -26.60
C ALA B 310 23.58 -4.06 -25.41
N ASN B 359 33.32 -8.14 -7.97
CA ASN B 359 32.85 -9.40 -7.34
C ASN B 359 31.59 -10.23 -7.75
N GLU B 360 30.39 -9.68 -7.98
CA GLU B 360 29.10 -10.44 -7.85
C GLU B 360 29.04 -11.22 -6.50
N ASN B 361 27.85 -11.28 -5.93
CA ASN B 361 27.58 -12.26 -4.95
C ASN B 361 27.53 -13.59 -5.62
N GLN B 362 27.35 -14.59 -4.78
CA GLN B 362 26.69 -15.80 -5.23
C GLN B 362 25.99 -16.26 -4.01
N THR B 363 24.98 -17.10 -4.20
CA THR B 363 24.30 -17.88 -3.16
C THR B 363 25.29 -18.73 -2.50
N LEU B 364 25.33 -18.55 -1.18
CA LEU B 364 26.07 -19.41 -0.29
C LEU B 364 25.18 -20.58 0.17
N ALA B 365 23.90 -20.36 0.28
CA ALA B 365 22.98 -21.31 0.86
C ALA B 365 21.54 -20.85 0.42
N SER B 366 20.63 -21.80 0.25
CA SER B 366 19.30 -21.49 -0.09
C SER B 366 18.41 -22.58 0.43
N ILE B 367 17.19 -22.23 0.78
CA ILE B 367 16.11 -23.16 1.04
C ILE B 367 14.76 -22.52 0.73
N THR B 368 13.77 -23.29 0.43
CA THR B 368 12.39 -22.79 0.34
C THR B 368 11.66 -22.93 1.67
N PHE B 369 10.68 -22.08 1.95
CA PHE B 369 9.83 -22.43 3.07
C PHE B 369 9.24 -23.76 3.12
N GLN B 370 8.76 -24.26 1.99
CA GLN B 370 8.13 -25.56 2.05
C GLN B 370 9.15 -26.62 2.53
N ASN B 371 10.43 -26.53 2.05
CA ASN B 371 11.43 -27.54 2.41
C ASN B 371 12.07 -27.27 3.84
N TYR B 372 12.09 -26.02 4.26
CA TYR B 372 12.34 -25.69 5.68
C TYR B 372 11.34 -26.36 6.58
N PHE B 373 10.01 -26.10 6.42
CA PHE B 373 9.07 -26.73 7.26
C PHE B 373 8.96 -28.26 7.28
N ARG B 374 9.35 -28.86 6.23
CA ARG B 374 9.44 -30.31 6.09
C ARG B 374 10.54 -30.93 6.85
N LEU B 375 11.50 -30.16 7.31
CA LEU B 375 12.56 -30.64 8.16
C LEU B 375 12.11 -30.94 9.58
N TYR B 376 11.06 -30.26 10.05
CA TYR B 376 10.54 -30.47 11.45
C TYR B 376 9.96 -31.82 11.71
N GLU B 377 10.17 -32.42 12.90
CA GLU B 377 9.63 -33.72 13.24
C GLU B 377 8.14 -33.60 13.34
N LYS B 378 7.65 -32.50 14.05
CA LYS B 378 6.18 -32.19 14.10
C LYS B 378 5.92 -30.80 13.50
N LEU B 379 4.93 -30.74 12.64
CA LEU B 379 4.42 -29.53 12.06
C LEU B 379 2.95 -29.43 12.36
N ALA B 380 2.53 -28.22 12.72
CA ALA B 380 1.06 -27.90 12.80
C ALA B 380 0.83 -26.40 12.56
N GLY B 381 -0.43 -26.04 12.38
CA GLY B 381 -0.79 -24.66 12.10
C GLY B 381 -2.30 -24.34 12.17
N MET B 382 -2.58 -23.06 12.22
CA MET B 382 -3.96 -22.58 12.29
C MET B 382 -4.25 -21.70 11.13
N THR B 383 -5.53 -21.65 10.81
CA THR B 383 -6.12 -20.71 9.84
C THR B 383 -7.61 -20.54 10.13
N GLY B 384 -8.29 -19.49 9.64
CA GLY B 384 -9.80 -19.35 9.76
C GLY B 384 -10.58 -20.07 8.65
N THR B 385 -11.91 -20.23 8.78
CA THR B 385 -12.81 -21.25 8.04
C THR B 385 -12.79 -21.04 6.46
N ALA B 386 -11.90 -20.08 6.07
CA ALA B 386 -10.65 -20.25 5.19
C ALA B 386 -9.82 -21.63 5.10
N ASP B 387 -10.55 -22.74 4.74
CA ASP B 387 -10.18 -23.88 3.86
C ASP B 387 -10.29 -23.50 2.32
N THR B 388 -10.90 -24.43 1.51
CA THR B 388 -10.72 -24.58 0.05
C THR B 388 -9.33 -25.16 -0.36
N GLU B 389 -8.37 -25.10 0.53
CA GLU B 389 -6.98 -25.50 0.25
C GLU B 389 -6.51 -26.70 0.99
N ALA B 390 -7.44 -27.47 1.58
CA ALA B 390 -7.10 -28.63 2.28
C ALA B 390 -6.28 -29.64 1.50
N PHE B 391 -6.59 -29.76 0.21
CA PHE B 391 -5.97 -30.77 -0.63
C PHE B 391 -4.49 -30.40 -0.94
N GLU B 392 -4.14 -29.13 -0.92
CA GLU B 392 -2.82 -28.67 -1.06
C GLU B 392 -1.99 -28.81 0.22
N PHE B 393 -2.59 -28.52 1.37
CA PHE B 393 -1.84 -28.83 2.59
C PHE B 393 -1.44 -30.28 2.67
N SER B 394 -2.38 -31.15 2.46
CA SER B 394 -2.12 -32.56 2.48
C SER B 394 -1.12 -33.04 1.37
N SER B 395 -1.33 -32.51 0.18
CA SER B 395 -0.39 -32.77 -0.94
C SER B 395 0.95 -32.25 -0.63
N ILE B 396 1.07 -31.04 -0.17
CA ILE B 396 2.40 -30.53 -0.05
C ILE B 396 3.20 -30.95 1.31
N TYR B 397 2.46 -31.17 2.43
CA TYR B 397 3.05 -31.16 3.73
C TYR B 397 2.60 -32.30 4.49
N LYS B 398 1.69 -33.06 3.94
CA LYS B 398 0.97 -34.09 4.55
C LYS B 398 0.33 -33.60 5.90
N LEU B 399 -0.25 -32.41 5.88
CA LEU B 399 -1.03 -31.82 7.03
C LEU B 399 -2.44 -32.16 6.71
N ASP B 400 -3.11 -32.87 7.61
CA ASP B 400 -4.54 -33.01 7.58
C ASP B 400 -5.21 -31.72 8.10
N THR B 401 -6.48 -31.54 7.82
CA THR B 401 -7.22 -30.33 8.24
C THR B 401 -8.47 -30.67 8.99
N VAL B 402 -8.59 -30.15 10.22
CA VAL B 402 -9.81 -30.40 11.03
C VAL B 402 -10.52 -29.06 11.07
N VAL B 403 -11.82 -29.07 10.83
CA VAL B 403 -12.67 -27.85 10.90
C VAL B 403 -13.18 -27.83 12.34
N VAL B 404 -12.80 -26.85 13.11
CA VAL B 404 -13.16 -26.78 14.54
C VAL B 404 -14.51 -26.07 14.72
N PRO B 405 -15.44 -26.66 15.46
CA PRO B 405 -16.66 -25.90 15.53
C PRO B 405 -16.50 -24.54 16.33
N THR B 406 -17.50 -23.70 16.21
CA THR B 406 -17.51 -22.39 16.79
C THR B 406 -17.97 -22.51 18.25
N ASN B 407 -17.50 -21.62 19.08
CA ASN B 407 -17.91 -21.72 20.52
C ASN B 407 -19.38 -21.53 20.54
N ARG B 408 -19.92 -20.61 19.78
CA ARG B 408 -21.48 -20.49 19.75
C ARG B 408 -22.01 -20.89 18.36
N PRO B 409 -23.24 -21.37 18.26
CA PRO B 409 -23.74 -21.74 16.92
C PRO B 409 -23.60 -20.62 15.83
N MET B 410 -23.10 -21.01 14.67
CA MET B 410 -22.74 -20.09 13.65
C MET B 410 -23.99 -20.07 12.84
N ILE B 411 -24.72 -18.96 12.91
CA ILE B 411 -26.03 -18.86 12.29
C ILE B 411 -25.94 -17.93 11.07
N ARG B 412 -24.79 -17.45 10.57
CA ARG B 412 -24.88 -16.69 9.33
C ARG B 412 -25.62 -17.40 8.15
N LYS B 413 -26.61 -16.70 7.56
CA LYS B 413 -27.42 -17.21 6.44
C LYS B 413 -26.72 -16.79 5.11
N ASP B 414 -26.11 -17.77 4.45
CA ASP B 414 -25.42 -17.54 3.20
C ASP B 414 -26.32 -17.91 2.01
N LEU B 415 -26.78 -16.93 1.28
CA LEU B 415 -27.98 -17.07 0.43
C LEU B 415 -27.51 -17.44 -0.98
N PRO B 416 -28.41 -17.97 -1.81
CA PRO B 416 -28.06 -18.33 -3.22
C PRO B 416 -27.46 -17.16 -3.98
N ASP B 417 -26.35 -17.41 -4.65
CA ASP B 417 -25.79 -16.52 -5.65
C ASP B 417 -26.83 -16.16 -6.69
N LEU B 418 -26.89 -14.90 -7.06
CA LEU B 418 -27.80 -14.38 -8.10
C LEU B 418 -27.00 -13.91 -9.34
N VAL B 419 -27.60 -14.09 -10.53
CA VAL B 419 -26.91 -13.93 -11.78
C VAL B 419 -27.80 -13.09 -12.65
N TYR B 420 -27.21 -12.04 -13.21
CA TYR B 420 -27.97 -11.05 -13.95
C TYR B 420 -27.31 -10.99 -15.28
N MET B 421 -28.06 -10.50 -16.24
CA MET B 421 -27.62 -10.34 -17.61
C MET B 421 -26.40 -9.47 -17.70
N THR B 422 -26.59 -8.25 -17.17
CA THR B 422 -25.68 -7.13 -17.33
C THR B 422 -25.21 -6.60 -15.98
N GLU B 423 -23.97 -6.10 -15.90
CA GLU B 423 -23.49 -5.29 -14.77
C GLU B 423 -24.56 -4.35 -14.24
N ALA B 424 -25.32 -3.75 -15.13
CA ALA B 424 -26.19 -2.67 -14.77
C ALA B 424 -27.43 -3.22 -14.13
N GLU B 425 -27.84 -4.41 -14.56
CA GLU B 425 -29.03 -5.02 -13.96
C GLU B 425 -28.66 -5.47 -12.55
N LYS B 426 -27.44 -5.96 -12.46
CA LYS B 426 -26.93 -6.45 -11.22
C LYS B 426 -26.87 -5.39 -10.08
N ILE B 427 -26.19 -4.27 -10.38
CA ILE B 427 -26.14 -3.09 -9.56
C ILE B 427 -27.54 -2.64 -9.21
N GLN B 428 -28.42 -2.56 -10.16
CA GLN B 428 -29.72 -2.12 -9.76
C GLN B 428 -30.30 -3.09 -8.70
N ALA B 429 -29.97 -4.38 -8.77
CA ALA B 429 -30.54 -5.37 -7.85
C ALA B 429 -29.93 -5.22 -6.44
N ILE B 430 -28.61 -5.03 -6.42
CA ILE B 430 -27.85 -4.66 -5.23
C ILE B 430 -28.52 -3.47 -4.51
N ILE B 431 -28.85 -2.41 -5.26
CA ILE B 431 -29.35 -1.17 -4.67
C ILE B 431 -30.62 -1.48 -3.96
N GLU B 432 -31.48 -2.23 -4.63
CA GLU B 432 -32.80 -2.49 -4.08
C GLU B 432 -32.65 -3.32 -2.82
N ASP B 433 -31.69 -4.18 -2.82
CA ASP B 433 -31.44 -4.98 -1.63
C ASP B 433 -30.98 -4.13 -0.43
N ILE B 434 -29.96 -3.30 -0.64
CA ILE B 434 -29.43 -2.38 0.39
C ILE B 434 -30.62 -1.52 0.86
N LYS B 435 -31.37 -1.03 -0.11
CA LYS B 435 -32.52 -0.23 0.24
C LYS B 435 -33.58 -0.91 1.12
N GLU B 436 -33.92 -2.17 0.86
CA GLU B 436 -34.96 -2.80 1.67
C GLU B 436 -34.39 -3.18 3.06
N ARG B 437 -33.16 -3.62 3.10
CA ARG B 437 -32.53 -3.95 4.35
C ARG B 437 -32.26 -2.75 5.28
N THR B 438 -31.73 -1.64 4.76
CA THR B 438 -31.50 -0.47 5.59
C THR B 438 -32.81 0.13 6.04
N ALA B 439 -33.90 -0.05 5.29
CA ALA B 439 -35.21 0.45 5.80
C ALA B 439 -35.70 -0.33 7.05
N LYS B 440 -35.27 -1.55 7.20
CA LYS B 440 -35.61 -2.31 8.36
C LYS B 440 -34.48 -2.23 9.42
N GLY B 441 -33.53 -1.30 9.26
CA GLY B 441 -32.55 -1.00 10.25
C GLY B 441 -31.33 -1.89 10.19
N GLN B 442 -31.24 -2.76 9.18
CA GLN B 442 -30.10 -3.69 9.13
C GLN B 442 -28.91 -3.01 8.45
N PRO B 443 -27.70 -3.15 9.02
CA PRO B 443 -26.47 -2.72 8.41
C PRO B 443 -25.92 -3.63 7.27
N VAL B 444 -25.29 -2.98 6.26
CA VAL B 444 -24.82 -3.64 5.12
C VAL B 444 -23.35 -3.36 4.87
N LEU B 445 -22.60 -4.41 4.64
CA LEU B 445 -21.26 -4.25 4.12
C LEU B 445 -21.14 -4.82 2.68
N VAL B 446 -20.61 -3.98 1.78
CA VAL B 446 -20.63 -4.18 0.31
C VAL B 446 -19.18 -4.31 -0.16
N GLY B 447 -18.80 -5.51 -0.57
CA GLY B 447 -17.46 -5.80 -0.98
C GLY B 447 -17.32 -5.88 -2.50
N THR B 448 -16.39 -5.09 -3.02
CA THR B 448 -16.15 -5.02 -4.49
C THR B 448 -14.71 -5.39 -4.82
N ILE B 449 -14.48 -5.64 -6.11
CA ILE B 449 -13.15 -6.11 -6.63
C ILE B 449 -12.25 -4.95 -7.10
N SER B 450 -12.81 -3.75 -7.31
CA SER B 450 -11.99 -2.60 -7.56
C SER B 450 -12.57 -1.26 -7.09
N ILE B 451 -11.65 -0.27 -7.08
CA ILE B 451 -11.99 1.13 -6.78
C ILE B 451 -13.01 1.69 -7.74
N GLU B 452 -12.88 1.30 -9.01
CA GLU B 452 -13.80 1.72 -10.02
C GLU B 452 -15.23 1.25 -9.66
N LYS B 453 -15.34 -0.04 -9.46
CA LYS B 453 -16.54 -0.74 -9.04
C LYS B 453 -17.16 -0.18 -7.72
N SER B 454 -16.34 0.20 -6.74
CA SER B 454 -16.73 0.95 -5.51
C SER B 454 -17.36 2.32 -5.73
N GLU B 455 -16.75 3.08 -6.63
CA GLU B 455 -17.30 4.34 -7.01
C GLU B 455 -18.62 4.18 -7.72
N LEU B 456 -18.73 3.16 -8.55
CA LEU B 456 -19.96 2.93 -9.26
C LEU B 456 -21.13 2.68 -8.31
N VAL B 457 -21.00 1.67 -7.48
CA VAL B 457 -22.05 1.31 -6.52
C VAL B 457 -22.29 2.48 -5.57
N SER B 458 -21.25 3.19 -5.16
CA SER B 458 -21.46 4.35 -4.32
C SER B 458 -22.23 5.41 -4.98
N ASN B 459 -21.89 5.76 -6.23
CA ASN B 459 -22.65 6.78 -6.88
C ASN B 459 -24.12 6.45 -7.09
N GLU B 460 -24.37 5.19 -7.40
CA GLU B 460 -25.75 4.73 -7.54
C GLU B 460 -26.52 4.72 -6.23
N LEU B 461 -25.84 4.42 -5.15
CA LEU B 461 -26.48 4.56 -3.86
C LEU B 461 -26.79 5.97 -3.56
N THR B 462 -25.88 6.89 -3.89
CA THR B 462 -26.21 8.34 -3.73
C THR B 462 -27.36 8.79 -4.64
N LYS B 463 -27.37 8.22 -5.83
CA LYS B 463 -28.46 8.53 -6.78
C LYS B 463 -29.75 8.01 -6.16
N ALA B 464 -29.71 6.89 -5.45
CA ALA B 464 -30.91 6.41 -4.75
C ALA B 464 -31.16 7.03 -3.37
N GLY B 465 -30.30 7.92 -2.95
CA GLY B 465 -30.57 8.66 -1.72
C GLY B 465 -30.18 7.84 -0.54
N ILE B 466 -29.28 6.91 -0.74
CA ILE B 466 -28.87 6.03 0.33
C ILE B 466 -27.49 6.43 0.89
N LYS B 467 -27.47 6.81 2.18
CA LYS B 467 -26.21 7.23 2.84
C LYS B 467 -25.35 6.12 3.10
N HIS B 468 -24.07 6.34 2.99
CA HIS B 468 -23.17 5.29 3.15
C HIS B 468 -21.82 5.89 3.27
N ASN B 469 -20.82 5.04 3.45
CA ASN B 469 -19.43 5.47 3.32
C ASN B 469 -18.58 4.45 2.55
N VAL B 470 -17.60 4.92 1.82
CA VAL B 470 -16.65 4.09 1.13
C VAL B 470 -15.37 4.01 1.97
N LEU B 471 -14.77 2.85 2.08
CA LEU B 471 -13.44 2.72 2.66
C LEU B 471 -12.39 3.10 1.62
N ASN B 472 -11.81 4.28 1.78
CA ASN B 472 -10.85 4.80 0.88
C ASN B 472 -9.40 4.57 1.46
N ALA B 473 -8.72 3.61 0.82
CA ALA B 473 -7.33 3.26 1.08
C ALA B 473 -6.33 4.38 1.17
N LYS B 474 -6.72 5.60 0.78
CA LYS B 474 -5.86 6.79 0.98
C LYS B 474 -6.05 7.41 2.36
N PHE B 475 -7.06 6.97 3.12
CA PHE B 475 -7.48 7.74 4.29
C PHE B 475 -7.74 6.78 5.38
N HIS B 476 -6.62 6.32 5.94
CA HIS B 476 -6.61 5.22 6.86
C HIS B 476 -7.31 5.59 8.16
N ALA B 477 -7.24 6.85 8.64
CA ALA B 477 -7.95 7.23 9.82
C ALA B 477 -9.46 7.30 9.54
N ASN B 478 -9.84 7.77 8.33
CA ASN B 478 -11.27 7.73 7.97
C ASN B 478 -11.82 6.31 8.05
N GLU B 479 -11.02 5.38 7.53
CA GLU B 479 -11.45 4.04 7.38
C GLU B 479 -11.70 3.35 8.74
N ALA B 480 -10.80 3.60 9.69
CA ALA B 480 -10.97 3.11 11.06
C ALA B 480 -12.24 3.69 11.71
N ALA B 481 -12.46 4.99 11.59
CA ALA B 481 -13.72 5.53 12.08
C ALA B 481 -14.95 4.96 11.39
N ILE B 482 -14.82 4.58 10.12
CA ILE B 482 -16.00 4.08 9.36
C ILE B 482 -16.42 2.74 9.94
N VAL B 483 -15.45 1.85 10.00
CA VAL B 483 -15.53 0.49 10.55
C VAL B 483 -16.07 0.41 11.96
N ALA B 484 -15.65 1.32 12.83
CA ALA B 484 -16.13 1.34 14.18
C ALA B 484 -17.65 1.54 14.22
N GLN B 485 -18.23 2.24 13.25
CA GLN B 485 -19.68 2.43 13.24
C GLN B 485 -20.37 1.59 12.16
N ALA B 486 -19.74 0.54 11.63
CA ALA B 486 -20.21 -0.18 10.42
C ALA B 486 -21.37 -1.21 10.71
N GLY B 487 -21.48 -1.56 12.00
CA GLY B 487 -22.58 -2.35 12.54
C GLY B 487 -23.74 -1.59 13.17
N TYR B 488 -23.65 -0.26 13.07
CA TYR B 488 -24.70 0.64 13.44
C TYR B 488 -25.99 0.42 12.60
N PRO B 489 -27.19 0.59 13.22
CA PRO B 489 -28.39 0.45 12.41
C PRO B 489 -28.34 1.29 11.09
N ALA B 490 -28.52 0.58 9.99
CA ALA B 490 -28.81 1.07 8.61
C ALA B 490 -27.54 1.60 8.03
N ALA B 491 -26.43 1.25 8.67
CA ALA B 491 -25.14 1.62 8.19
C ALA B 491 -24.88 0.85 6.85
N VAL B 492 -24.22 1.54 5.90
CA VAL B 492 -23.83 0.97 4.63
C VAL B 492 -22.46 1.38 4.36
N THR B 493 -21.63 0.39 4.08
CA THR B 493 -20.21 0.55 3.96
C THR B 493 -19.74 -0.19 2.70
N ILE B 494 -18.89 0.45 1.91
CA ILE B 494 -18.42 -0.15 0.66
C ILE B 494 -16.92 -0.33 0.74
N ALA B 495 -16.46 -1.57 0.54
CA ALA B 495 -15.08 -1.99 0.63
C ALA B 495 -14.51 -2.60 -0.69
N THR B 496 -13.26 -2.26 -1.00
CA THR B 496 -12.59 -2.64 -2.24
C THR B 496 -11.57 -3.69 -1.83
N ASN B 497 -11.66 -4.87 -2.47
CA ASN B 497 -10.80 -6.00 -2.13
C ASN B 497 -10.46 -6.07 -0.69
N MET B 498 -11.53 -6.15 0.10
CA MET B 498 -11.30 -6.25 1.50
C MET B 498 -10.51 -7.53 1.78
N ALA B 499 -9.55 -7.44 2.73
CA ALA B 499 -8.62 -8.55 3.04
C ALA B 499 -9.26 -9.72 3.87
N GLY B 500 -8.44 -10.59 4.47
CA GLY B 500 -8.98 -11.66 5.26
C GLY B 500 -8.96 -11.29 6.72
N ARG B 501 -9.59 -12.12 7.55
CA ARG B 501 -9.62 -11.92 9.00
C ARG B 501 -10.16 -10.51 9.35
N GLY B 502 -9.27 -9.49 9.22
CA GLY B 502 -9.55 -8.04 9.42
C GLY B 502 -10.36 -7.53 10.63
N THR B 503 -10.48 -6.21 10.73
CA THR B 503 -11.01 -5.58 11.95
C THR B 503 -12.56 -5.66 12.01
N ASP B 504 -12.98 -6.17 13.16
CA ASP B 504 -14.29 -6.64 13.34
C ASP B 504 -15.29 -5.47 13.37
N ILE B 505 -16.56 -5.84 13.18
CA ILE B 505 -17.66 -4.91 13.01
C ILE B 505 -18.58 -5.33 14.10
N VAL B 506 -18.74 -4.47 15.08
CA VAL B 506 -19.53 -4.76 16.24
C VAL B 506 -20.86 -4.22 16.00
N LEU B 507 -21.85 -5.08 16.22
CA LEU B 507 -23.19 -4.81 15.97
C LEU B 507 -23.76 -3.84 16.96
N GLY B 508 -24.45 -2.82 16.47
CA GLY B 508 -24.88 -1.71 17.29
C GLY B 508 -23.83 -0.61 17.36
N GLY B 509 -22.52 -0.96 17.28
CA GLY B 509 -21.39 -0.04 17.35
C GLY B 509 -20.51 -0.51 18.49
N SER B 510 -19.49 0.27 18.86
CA SER B 510 -18.44 -0.16 19.85
C SER B 510 -18.42 0.54 21.32
N TRP B 511 -18.93 -0.12 22.38
CA TRP B 511 -19.36 0.65 23.59
C TRP B 511 -18.30 0.89 24.66
N GLN B 512 -17.31 0.01 24.78
CA GLN B 512 -16.10 0.38 25.56
C GLN B 512 -15.24 1.38 24.75
N ALA B 513 -15.48 1.45 23.41
CA ALA B 513 -14.85 2.45 22.56
C ALA B 513 -15.43 3.75 22.86
N GLU B 514 -16.76 3.89 22.68
CA GLU B 514 -17.49 5.19 22.56
C GLU B 514 -17.03 6.18 23.59
N VAL B 515 -16.91 5.66 24.80
CA VAL B 515 -16.11 6.27 25.85
C VAL B 515 -14.66 6.84 25.48
N ALA B 516 -14.05 6.36 24.38
CA ALA B 516 -12.68 6.74 23.97
C ALA B 516 -12.56 8.12 23.36
N ALA B 517 -13.61 8.94 23.40
CA ALA B 517 -13.44 10.42 23.41
C ALA B 517 -13.51 10.97 24.82
N LEU B 518 -13.93 10.13 25.78
CA LEU B 518 -14.44 10.60 27.09
C LEU B 518 -13.35 10.70 28.16
N GLU B 519 -12.99 11.93 28.51
CA GLU B 519 -11.71 12.13 29.17
C GLU B 519 -11.83 11.97 30.66
N ASN B 520 -13.04 12.11 31.22
CA ASN B 520 -13.26 11.82 32.64
C ASN B 520 -14.64 11.18 33.02
N PRO B 521 -14.89 9.89 32.61
CA PRO B 521 -16.10 9.09 32.81
C PRO B 521 -16.62 8.91 34.22
N THR B 522 -17.90 8.56 34.35
CA THR B 522 -18.48 8.29 35.66
C THR B 522 -19.40 7.05 35.73
N ALA B 523 -19.95 6.88 36.94
CA ALA B 523 -21.05 5.96 37.28
C ALA B 523 -22.16 5.98 36.20
N GLU B 524 -22.91 7.09 36.20
CA GLU B 524 -23.99 7.32 35.23
C GLU B 524 -23.56 7.24 33.77
N GLN B 525 -22.31 7.57 33.44
CA GLN B 525 -21.98 7.98 32.06
C GLN B 525 -21.95 6.80 31.13
N ILE B 526 -21.11 5.85 31.49
CA ILE B 526 -20.95 4.63 30.73
C ILE B 526 -22.22 3.82 30.83
N GLU B 527 -22.71 3.64 32.06
CA GLU B 527 -23.95 2.94 32.30
C GLU B 527 -24.91 3.33 31.19
N LYS B 528 -25.10 4.65 31.02
CA LYS B 528 -25.93 5.23 29.96
C LYS B 528 -25.56 4.70 28.59
N ILE B 529 -24.29 4.91 28.23
CA ILE B 529 -23.70 4.56 26.90
C ILE B 529 -23.90 3.12 26.52
N LYS B 530 -23.84 2.33 27.59
CA LYS B 530 -23.87 0.93 27.51
C LYS B 530 -25.33 0.47 27.34
N ALA B 531 -26.26 1.03 28.12
CA ALA B 531 -27.64 0.64 27.97
C ALA B 531 -28.13 1.06 26.60
N ASP B 532 -27.73 2.23 26.15
CA ASP B 532 -28.12 2.74 24.87
C ASP B 532 -27.60 1.83 23.73
N TRP B 533 -26.35 1.39 23.85
CA TRP B 533 -25.78 0.44 22.97
C TRP B 533 -26.53 -0.88 22.96
N GLN B 534 -27.06 -1.28 24.11
CA GLN B 534 -27.77 -2.55 24.19
C GLN B 534 -29.00 -2.49 23.28
N VAL B 535 -29.74 -1.40 23.40
CA VAL B 535 -30.91 -1.22 22.58
C VAL B 535 -30.52 -1.27 21.07
N ARG B 536 -29.44 -0.58 20.69
CA ARG B 536 -28.97 -0.64 19.30
C ARG B 536 -28.54 -2.05 18.94
N HIS B 537 -27.80 -2.70 19.84
CA HIS B 537 -27.33 -4.03 19.58
C HIS B 537 -28.45 -5.06 19.30
N ASP B 538 -29.44 -5.04 20.18
CA ASP B 538 -30.57 -5.95 20.09
C ASP B 538 -31.47 -5.65 18.85
N ALA B 539 -31.65 -4.36 18.53
CA ALA B 539 -32.30 -4.00 17.29
C ALA B 539 -31.61 -4.39 15.97
N VAL B 540 -30.29 -4.38 15.91
CA VAL B 540 -29.55 -4.88 14.74
C VAL B 540 -29.66 -6.40 14.67
N LEU B 541 -29.63 -7.09 15.81
CA LEU B 541 -29.69 -8.55 15.77
C LEU B 541 -31.03 -9.00 15.28
N GLU B 542 -32.05 -8.31 15.75
CA GLU B 542 -33.39 -8.57 15.34
C GLU B 542 -33.65 -8.21 13.88
N ALA B 543 -33.07 -7.15 13.36
CA ALA B 543 -33.02 -6.92 11.94
C ALA B 543 -32.17 -7.90 11.02
N GLY B 544 -31.62 -8.98 11.54
CA GLY B 544 -30.76 -9.90 10.74
C GLY B 544 -29.22 -9.80 10.86
N GLY B 545 -28.76 -8.93 11.72
CA GLY B 545 -27.36 -8.71 11.90
C GLY B 545 -26.71 -8.01 10.69
N LEU B 546 -25.40 -8.21 10.49
CA LEU B 546 -24.72 -7.66 9.36
C LEU B 546 -24.99 -8.47 8.10
N HIS B 547 -25.42 -7.78 7.04
CA HIS B 547 -25.55 -8.39 5.68
C HIS B 547 -24.35 -8.01 4.87
N ILE B 548 -23.73 -9.03 4.28
CA ILE B 548 -22.67 -8.89 3.32
C ILE B 548 -23.13 -9.08 1.85
N ILE B 549 -22.86 -8.05 1.03
CA ILE B 549 -23.03 -8.05 -0.42
C ILE B 549 -21.68 -8.19 -1.08
N GLY B 550 -21.46 -9.30 -1.77
CA GLY B 550 -20.30 -9.39 -2.67
C GLY B 550 -20.83 -8.96 -4.03
N THR B 551 -20.32 -7.86 -4.59
CA THR B 551 -20.81 -7.35 -5.87
C THR B 551 -20.30 -8.14 -7.11
N GLU B 552 -19.25 -8.89 -6.90
CA GLU B 552 -18.63 -9.79 -7.88
C GLU B 552 -17.91 -10.86 -7.02
N ARG B 553 -17.81 -12.12 -7.45
CA ARG B 553 -16.88 -13.01 -6.78
C ARG B 553 -15.49 -12.84 -7.28
N HIS B 554 -14.51 -13.22 -6.45
CA HIS B 554 -13.14 -13.42 -6.89
C HIS B 554 -13.00 -14.80 -7.55
N GLU B 555 -11.93 -14.96 -8.33
CA GLU B 555 -11.48 -16.28 -8.82
C GLU B 555 -11.15 -17.13 -7.60
N SER B 556 -10.34 -16.63 -6.68
CA SER B 556 -10.18 -17.38 -5.39
C SER B 556 -11.43 -17.37 -4.47
N ARG B 557 -11.96 -18.55 -4.17
CA ARG B 557 -13.11 -18.64 -3.29
C ARG B 557 -12.76 -18.32 -1.85
N ARG B 558 -11.50 -18.58 -1.44
CA ARG B 558 -10.94 -18.23 -0.13
C ARG B 558 -11.26 -16.80 0.27
N ILE B 559 -11.07 -15.90 -0.68
CA ILE B 559 -11.34 -14.51 -0.55
C ILE B 559 -12.79 -14.11 -0.38
N ASP B 560 -13.64 -14.68 -1.21
CA ASP B 560 -15.06 -14.52 -1.04
C ASP B 560 -15.36 -15.00 0.36
N ASN B 561 -14.84 -16.15 0.77
CA ASN B 561 -15.17 -16.69 2.08
C ASN B 561 -14.77 -15.80 3.28
N GLN B 562 -13.63 -15.08 3.09
CA GLN B 562 -13.11 -14.13 4.08
C GLN B 562 -13.99 -12.91 4.19
N LEU B 563 -14.49 -12.47 3.07
CA LEU B 563 -15.47 -11.42 3.07
C LEU B 563 -16.82 -11.81 3.75
N ARG B 564 -17.40 -12.99 3.43
CA ARG B 564 -18.66 -13.40 4.06
C ARG B 564 -18.52 -13.65 5.55
N GLY B 565 -17.33 -14.02 5.96
CA GLY B 565 -17.04 -14.34 7.36
C GLY B 565 -16.87 -13.15 8.29
N ARG B 566 -16.95 -11.94 7.76
CA ARG B 566 -17.13 -10.73 8.51
C ARG B 566 -18.43 -10.60 9.23
N SER B 567 -19.38 -11.45 8.85
CA SER B 567 -20.69 -11.38 9.34
C SER B 567 -20.92 -12.71 10.11
N GLY B 568 -21.74 -12.62 11.13
CA GLY B 568 -22.18 -13.76 11.89
C GLY B 568 -21.11 -14.22 12.84
N ARG B 569 -20.24 -13.30 13.25
CA ARG B 569 -19.13 -13.71 14.15
C ARG B 569 -19.64 -13.97 15.55
N GLN B 570 -19.04 -14.97 16.20
CA GLN B 570 -19.32 -15.28 17.63
C GLN B 570 -20.86 -15.40 17.89
N GLY B 571 -21.53 -16.09 17.03
CA GLY B 571 -22.92 -16.48 17.17
C GLY B 571 -24.00 -15.42 16.80
N ASP B 572 -23.59 -14.22 16.45
CA ASP B 572 -24.44 -13.16 15.88
C ASP B 572 -25.22 -13.60 14.60
N ALA B 573 -26.45 -13.07 14.45
CA ALA B 573 -27.21 -13.18 13.23
C ALA B 573 -26.38 -12.50 12.18
N GLY B 574 -26.45 -13.01 10.98
CA GLY B 574 -25.96 -12.29 9.81
C GLY B 574 -26.37 -13.03 8.57
N SER B 575 -25.99 -12.42 7.46
CA SER B 575 -26.26 -13.05 6.13
C SER B 575 -25.29 -12.58 5.12
N SER B 576 -25.15 -13.34 4.04
CA SER B 576 -24.35 -12.93 2.92
C SER B 576 -25.09 -13.25 1.54
N ARG B 577 -24.78 -12.45 0.53
CA ARG B 577 -25.20 -12.69 -0.84
C ARG B 577 -24.16 -12.17 -1.81
N PHE B 578 -23.80 -13.03 -2.77
CA PHE B 578 -22.94 -12.65 -3.90
C PHE B 578 -23.79 -12.50 -5.16
N TYR B 579 -23.39 -11.48 -5.92
CA TYR B 579 -24.07 -11.08 -7.16
C TYR B 579 -23.12 -11.41 -8.34
N LEU B 580 -23.66 -11.78 -9.51
CA LEU B 580 -22.81 -12.07 -10.70
C LEU B 580 -23.59 -11.63 -11.88
N SER B 581 -22.94 -11.25 -12.96
CA SER B 581 -23.57 -10.95 -14.25
C SER B 581 -22.82 -11.67 -15.36
N MET B 582 -23.50 -11.90 -16.48
CA MET B 582 -22.86 -12.53 -17.67
C MET B 582 -21.62 -11.72 -18.16
N GLU B 583 -21.74 -10.40 -18.04
CA GLU B 583 -20.64 -9.46 -18.31
C GLU B 583 -19.49 -9.50 -17.31
N ASP B 584 -19.59 -10.25 -16.21
CA ASP B 584 -18.57 -10.22 -15.19
C ASP B 584 -17.41 -10.99 -15.73
N ALA B 585 -16.20 -10.60 -15.32
CA ALA B 585 -14.98 -11.30 -15.73
C ALA B 585 -15.07 -12.75 -15.35
N LEU B 586 -15.25 -13.02 -14.07
CA LEU B 586 -15.43 -14.40 -13.58
C LEU B 586 -16.22 -15.35 -14.52
N MET B 587 -17.04 -14.82 -15.42
CA MET B 587 -17.79 -15.76 -16.26
C MET B 587 -16.81 -16.51 -17.20
N ARG B 588 -15.61 -15.97 -17.40
CA ARG B 588 -14.56 -16.59 -18.21
C ARG B 588 -14.06 -17.97 -17.71
N ILE B 589 -14.08 -18.23 -16.40
CA ILE B 589 -13.68 -19.53 -15.81
C ILE B 589 -14.43 -20.77 -16.37
N PHE B 590 -15.52 -20.59 -17.16
CA PHE B 590 -16.30 -21.71 -17.76
C PHE B 590 -15.88 -21.99 -19.17
N ALA B 591 -14.57 -21.90 -19.44
CA ALA B 591 -13.92 -22.39 -20.69
C ALA B 591 -14.75 -22.45 -22.01
N SER B 592 -16.04 -22.12 -21.97
CA SER B 592 -16.82 -21.94 -23.17
C SER B 592 -17.64 -20.68 -23.07
N ASP B 593 -17.38 -19.80 -24.03
CA ASP B 593 -18.10 -18.55 -24.22
C ASP B 593 -19.59 -18.82 -24.50
N ARG B 594 -19.85 -19.89 -25.26
CA ARG B 594 -21.21 -20.35 -25.58
C ARG B 594 -21.93 -21.15 -24.43
N VAL B 595 -21.13 -21.94 -23.66
CA VAL B 595 -21.64 -22.67 -22.48
C VAL B 595 -21.98 -21.67 -21.35
N SER B 596 -21.04 -20.77 -21.02
CA SER B 596 -21.35 -19.53 -20.27
C SER B 596 -22.60 -18.84 -20.88
N GLY B 597 -22.55 -18.57 -22.18
CA GLY B 597 -23.61 -17.82 -22.84
C GLY B 597 -24.98 -18.49 -22.93
N MET B 598 -25.14 -19.67 -22.32
CA MET B 598 -26.48 -20.31 -22.26
C MET B 598 -27.36 -19.62 -21.23
N MET B 599 -26.87 -19.52 -20.00
CA MET B 599 -27.64 -18.89 -18.89
C MET B 599 -28.45 -17.68 -19.38
N ARG B 600 -27.88 -16.93 -20.33
CA ARG B 600 -28.59 -15.84 -20.96
C ARG B 600 -30.04 -16.18 -21.25
N LYS B 601 -30.30 -17.47 -21.55
CA LYS B 601 -31.59 -17.97 -22.08
C LYS B 601 -32.58 -18.29 -20.97
N LEU B 602 -32.03 -18.41 -19.75
CA LEU B 602 -32.80 -18.31 -18.51
C LEU B 602 -32.85 -16.81 -18.14
N GLY B 603 -33.47 -16.01 -19.01
CA GLY B 603 -33.11 -14.58 -19.21
C GLY B 603 -33.61 -13.53 -18.24
N MET B 604 -33.44 -13.81 -16.95
CA MET B 604 -33.26 -12.80 -15.90
C MET B 604 -34.11 -11.50 -15.97
N LYS B 605 -35.43 -11.60 -16.00
CA LYS B 605 -36.24 -10.41 -16.30
C LYS B 605 -36.19 -9.45 -15.10
N PRO B 606 -35.79 -8.16 -15.36
CA PRO B 606 -35.37 -7.02 -14.47
C PRO B 606 -35.68 -7.03 -12.94
N GLY B 607 -36.90 -6.62 -12.59
CA GLY B 607 -37.38 -6.56 -11.21
C GLY B 607 -37.77 -7.90 -10.60
N GLU B 608 -38.31 -8.81 -11.44
CA GLU B 608 -38.55 -10.24 -11.07
C GLU B 608 -37.19 -11.01 -10.73
N ALA B 609 -37.30 -12.29 -10.32
CA ALA B 609 -36.09 -13.09 -9.90
C ALA B 609 -36.50 -14.49 -9.45
N ILE B 610 -35.56 -15.44 -9.47
CA ILE B 610 -35.93 -16.84 -9.12
C ILE B 610 -35.03 -17.56 -8.07
N GLU B 611 -33.73 -17.66 -8.35
CA GLU B 611 -32.81 -18.50 -7.60
C GLU B 611 -32.81 -19.95 -8.08
N HIS B 612 -31.61 -20.42 -8.42
CA HIS B 612 -31.37 -21.79 -8.76
C HIS B 612 -30.16 -22.24 -7.99
N PRO B 613 -30.35 -23.19 -7.07
CA PRO B 613 -29.23 -23.73 -6.30
C PRO B 613 -28.12 -24.35 -7.17
N TRP B 614 -28.45 -24.93 -8.34
CA TRP B 614 -27.38 -25.48 -9.19
C TRP B 614 -26.39 -24.39 -9.70
N VAL B 615 -26.83 -23.13 -9.83
CA VAL B 615 -25.88 -22.07 -10.23
C VAL B 615 -24.81 -21.82 -9.19
N THR B 616 -25.26 -21.77 -7.94
CA THR B 616 -24.39 -21.60 -6.86
C THR B 616 -23.33 -22.71 -6.83
N LYS B 617 -23.77 -23.95 -6.88
CA LYS B 617 -22.87 -25.11 -6.88
C LYS B 617 -21.97 -25.07 -8.12
N ALA B 618 -22.50 -24.69 -9.30
CA ALA B 618 -21.69 -24.60 -10.52
C ALA B 618 -20.59 -23.53 -10.42
N ILE B 619 -20.92 -22.38 -9.86
CA ILE B 619 -19.92 -21.40 -9.70
C ILE B 619 -18.80 -21.90 -8.73
N ALA B 620 -19.17 -22.47 -7.59
CA ALA B 620 -18.25 -22.96 -6.63
C ALA B 620 -17.34 -24.03 -7.26
N ASN B 621 -17.94 -24.88 -8.10
CA ASN B 621 -17.21 -25.95 -8.72
C ASN B 621 -16.28 -25.39 -9.82
N ALA B 622 -16.69 -24.33 -10.45
CA ALA B 622 -15.78 -23.65 -11.35
C ALA B 622 -14.55 -23.08 -10.66
N GLN B 623 -14.73 -22.39 -9.53
CA GLN B 623 -13.63 -21.90 -8.75
C GLN B 623 -12.72 -23.02 -8.27
N ARG B 624 -13.26 -24.14 -7.90
CA ARG B 624 -12.47 -25.24 -7.44
C ARG B 624 -11.70 -25.87 -8.57
N LYS B 625 -12.24 -25.95 -9.77
CA LYS B 625 -11.45 -26.41 -10.97
C LYS B 625 -10.32 -25.47 -11.35
N VAL B 626 -10.54 -24.17 -11.25
CA VAL B 626 -9.46 -23.16 -11.45
C VAL B 626 -8.28 -23.29 -10.39
N GLU B 627 -8.62 -23.51 -9.16
CA GLU B 627 -7.69 -23.75 -8.15
C GLU B 627 -6.91 -25.04 -8.31
N SER B 628 -7.62 -26.10 -8.63
CA SER B 628 -7.00 -27.33 -8.75
C SER B 628 -6.08 -27.30 -9.96
N ARG B 629 -6.44 -26.53 -10.97
CA ARG B 629 -5.61 -26.35 -12.11
C ARG B 629 -4.35 -25.54 -11.88
N ASN B 630 -4.44 -24.41 -11.22
CA ASN B 630 -3.26 -23.73 -10.75
C ASN B 630 -2.34 -24.54 -9.80
N PHE B 631 -2.91 -25.47 -9.06
CA PHE B 631 -2.13 -26.26 -8.19
C PHE B 631 -1.43 -27.45 -8.92
N ASP B 632 -2.05 -28.03 -9.94
CA ASP B 632 -1.31 -28.87 -10.89
C ASP B 632 -0.10 -28.22 -11.50
N ILE B 633 -0.22 -26.94 -11.79
CA ILE B 633 0.90 -26.19 -12.36
C ILE B 633 1.99 -25.95 -11.33
N ARG B 634 1.61 -25.54 -10.14
CA ARG B 634 2.51 -25.46 -9.01
C ARG B 634 3.26 -26.77 -8.63
N LYS B 635 2.53 -27.89 -8.60
CA LYS B 635 3.10 -29.17 -8.35
C LYS B 635 4.27 -29.43 -9.25
N GLN B 636 4.14 -29.12 -10.53
CA GLN B 636 5.22 -29.25 -11.43
C GLN B 636 6.44 -28.44 -10.99
N LEU B 637 6.22 -27.19 -10.60
CA LEU B 637 7.36 -26.41 -10.06
C LEU B 637 7.96 -27.08 -8.83
N LEU B 638 7.09 -27.66 -8.07
CA LEU B 638 7.52 -28.23 -6.83
C LEU B 638 8.29 -29.50 -7.17
N GLU B 639 8.06 -30.13 -8.29
CA GLU B 639 8.91 -31.24 -8.67
C GLU B 639 10.37 -30.82 -8.88
N TYR B 640 10.57 -29.60 -9.44
CA TYR B 640 11.88 -29.08 -9.69
C TYR B 640 12.59 -28.86 -8.44
N ASP B 641 11.87 -28.29 -7.45
CA ASP B 641 12.31 -27.98 -6.15
C ASP B 641 12.70 -29.24 -5.37
N ASP B 642 12.04 -30.38 -5.64
CA ASP B 642 12.33 -31.69 -5.01
C ASP B 642 13.77 -32.23 -5.32
N VAL B 643 14.26 -31.92 -6.48
CA VAL B 643 15.61 -32.23 -6.82
C VAL B 643 16.65 -31.49 -5.99
N ALA B 644 16.56 -30.18 -6.02
CA ALA B 644 17.31 -29.35 -5.12
C ALA B 644 17.25 -29.78 -3.70
N ASN B 645 16.06 -29.92 -3.20
CA ASN B 645 15.85 -30.35 -1.79
C ASN B 645 16.57 -31.63 -1.43
N ASP B 646 16.70 -32.56 -2.41
CA ASP B 646 17.09 -33.87 -2.12
C ASP B 646 18.62 -33.75 -2.05
N GLN B 647 19.19 -33.02 -3.04
CA GLN B 647 20.57 -32.73 -3.03
C GLN B 647 21.07 -31.96 -1.83
N ARG B 648 20.33 -30.96 -1.37
CA ARG B 648 20.70 -30.19 -0.19
C ARG B 648 20.52 -30.99 1.13
N ARG B 649 19.47 -31.78 1.25
CA ARG B 649 19.29 -32.64 2.36
C ARG B 649 20.51 -33.60 2.51
N ALA B 650 20.94 -34.21 1.41
CA ALA B 650 22.08 -35.12 1.39
C ALA B 650 23.42 -34.40 1.69
N ILE B 651 23.75 -33.32 1.02
CA ILE B 651 25.02 -32.66 1.35
C ILE B 651 25.07 -32.04 2.75
N TYR B 652 23.96 -31.55 3.19
CA TYR B 652 23.97 -30.93 4.52
C TYR B 652 24.04 -32.01 5.60
N SER B 653 23.48 -33.17 5.29
CA SER B 653 23.58 -34.33 6.18
C SER B 653 25.01 -34.78 6.37
N GLN B 654 25.78 -34.87 5.27
CA GLN B 654 27.28 -35.06 5.19
C GLN B 654 28.04 -33.93 5.85
N ARG B 655 27.56 -32.67 5.72
CA ARG B 655 28.23 -31.56 6.30
C ARG B 655 28.09 -31.63 7.85
N ASN B 656 26.91 -31.93 8.35
CA ASN B 656 26.70 -32.02 9.78
C ASN B 656 27.34 -33.19 10.50
N GLU B 657 27.36 -34.32 9.82
CA GLU B 657 28.23 -35.43 10.29
C GLU B 657 29.64 -34.99 10.55
N LEU B 658 30.24 -34.33 9.58
CA LEU B 658 31.59 -33.79 9.74
C LEU B 658 31.62 -32.81 10.86
N LEU B 659 30.63 -31.95 10.93
CA LEU B 659 30.75 -30.85 11.90
C LEU B 659 30.72 -31.38 13.34
N ASP B 660 29.92 -32.41 13.51
CA ASP B 660 29.79 -33.00 14.79
C ASP B 660 30.82 -33.94 15.30
N VAL B 661 31.91 -34.10 14.59
CA VAL B 661 33.03 -34.88 15.12
C VAL B 661 34.38 -34.16 15.03
N SER B 662 35.19 -34.40 16.07
CA SER B 662 36.45 -33.69 16.31
C SER B 662 37.46 -34.25 15.43
N ASP B 663 37.29 -35.55 15.18
CA ASP B 663 38.36 -36.29 14.53
C ASP B 663 37.74 -36.98 13.33
N VAL B 664 38.24 -36.62 12.16
CA VAL B 664 37.72 -36.97 10.91
C VAL B 664 38.74 -37.89 10.18
N SER B 665 39.79 -38.34 10.89
CA SER B 665 40.84 -39.17 10.34
C SER B 665 40.35 -40.44 9.66
N GLU B 666 39.54 -41.25 10.33
CA GLU B 666 38.97 -42.46 9.70
C GLU B 666 38.27 -42.07 8.39
N THR B 667 37.36 -41.05 8.44
CA THR B 667 36.79 -40.52 7.20
C THR B 667 37.88 -40.26 6.09
N ILE B 668 38.88 -39.42 6.42
CA ILE B 668 40.02 -39.10 5.57
C ILE B 668 40.77 -40.35 5.09
N ASN B 669 41.17 -41.24 6.02
CA ASN B 669 41.97 -42.43 5.59
C ASN B 669 41.07 -43.20 4.63
N SER B 670 39.78 -43.28 4.96
CA SER B 670 38.96 -44.13 4.13
C SER B 670 38.89 -43.56 2.73
N ILE B 671 38.57 -42.27 2.61
CA ILE B 671 38.50 -41.72 1.28
C ILE B 671 39.82 -41.57 0.54
N ARG B 672 41.00 -41.52 1.19
CA ARG B 672 42.29 -41.50 0.39
C ARG B 672 42.51 -42.79 -0.32
N GLU B 673 41.93 -43.83 0.25
CA GLU B 673 42.13 -45.21 -0.31
C GLU B 673 41.34 -45.35 -1.55
N ASP B 674 40.07 -44.98 -1.38
CA ASP B 674 39.09 -44.87 -2.45
C ASP B 674 39.66 -44.01 -3.59
N VAL B 675 40.25 -42.88 -3.25
CA VAL B 675 40.73 -41.94 -4.21
C VAL B 675 41.96 -42.63 -4.82
N PHE B 676 42.81 -43.21 -3.99
CA PHE B 676 44.10 -43.77 -4.56
C PHE B 676 43.91 -45.03 -5.49
N LYS B 677 43.01 -45.92 -5.07
CA LYS B 677 42.58 -47.14 -5.78
C LYS B 677 42.17 -46.85 -7.23
N ALA B 678 41.24 -45.91 -7.34
CA ALA B 678 40.57 -45.57 -8.54
C ALA B 678 41.47 -44.78 -9.41
N THR B 679 42.37 -44.00 -8.76
CA THR B 679 43.29 -43.15 -9.52
C THR B 679 44.27 -44.07 -10.23
N ILE B 680 44.63 -45.18 -9.56
CA ILE B 680 45.61 -46.17 -10.07
C ILE B 680 45.03 -47.15 -11.12
N ASP B 681 43.78 -47.58 -10.87
CA ASP B 681 42.88 -48.28 -11.82
C ASP B 681 42.96 -47.73 -13.24
N ALA B 682 43.06 -46.40 -13.31
CA ALA B 682 43.08 -45.69 -14.57
C ALA B 682 44.34 -45.89 -15.43
N TYR B 683 45.36 -46.61 -14.93
CA TYR B 683 46.60 -46.84 -15.70
C TYR B 683 47.02 -48.29 -15.61
N ILE B 684 47.11 -48.77 -14.37
CA ILE B 684 47.08 -50.18 -14.05
C ILE B 684 45.62 -50.70 -14.04
N PRO B 685 45.20 -51.40 -15.13
CA PRO B 685 43.89 -52.10 -15.05
C PRO B 685 43.99 -53.33 -14.14
N PRO B 686 43.13 -53.40 -13.09
CA PRO B 686 43.18 -54.52 -12.13
C PRO B 686 43.41 -55.89 -12.80
N GLN B 687 44.37 -56.65 -12.27
CA GLN B 687 44.80 -57.94 -12.83
C GLN B 687 45.65 -57.84 -14.11
N SER B 688 46.01 -56.61 -14.50
CA SER B 688 46.66 -56.38 -15.79
C SER B 688 48.02 -56.96 -15.79
N LEU B 689 48.49 -57.22 -17.01
CA LEU B 689 49.84 -57.63 -17.25
C LEU B 689 50.65 -56.33 -17.11
N GLU B 690 51.92 -56.46 -16.68
CA GLU B 690 52.82 -55.32 -16.43
C GLU B 690 53.18 -54.53 -17.72
N GLU B 691 52.43 -54.80 -18.79
CA GLU B 691 52.54 -54.08 -20.06
C GLU B 691 51.23 -53.42 -20.46
N MET B 692 50.18 -53.63 -19.66
CA MET B 692 48.94 -52.84 -19.78
C MET B 692 48.92 -51.71 -18.75
N TRP B 693 50.06 -51.56 -18.07
CA TRP B 693 50.31 -50.50 -17.12
C TRP B 693 50.94 -49.27 -17.79
N ASP B 694 50.34 -48.11 -17.53
CA ASP B 694 50.86 -46.81 -17.99
C ASP B 694 51.45 -46.05 -16.81
N ILE B 695 52.77 -45.93 -16.79
CA ILE B 695 53.44 -45.10 -15.76
C ILE B 695 53.88 -43.69 -16.27
N PRO B 696 54.26 -43.54 -17.57
CA PRO B 696 54.24 -42.17 -18.19
C PRO B 696 52.93 -41.36 -18.02
N GLY B 697 51.90 -42.00 -17.46
CA GLY B 697 50.68 -41.33 -17.01
C GLY B 697 50.46 -41.37 -15.50
N LEU B 698 50.96 -42.43 -14.84
CA LEU B 698 50.75 -42.62 -13.40
C LEU B 698 51.62 -41.70 -12.54
N GLN B 699 52.94 -41.84 -12.60
CA GLN B 699 53.78 -40.95 -11.80
C GLN B 699 53.53 -39.43 -11.98
N GLU B 700 53.29 -38.94 -13.21
CA GLU B 700 53.00 -37.50 -13.44
C GLU B 700 51.75 -37.11 -12.67
N ARG B 701 50.70 -37.92 -12.85
CA ARG B 701 49.36 -37.75 -12.21
C ARG B 701 49.49 -37.47 -10.71
N LEU B 702 50.35 -38.28 -10.10
CA LEU B 702 50.75 -38.20 -8.70
C LEU B 702 51.46 -36.88 -8.33
N LYS B 703 52.45 -36.48 -9.10
CA LYS B 703 53.27 -35.31 -8.73
C LYS B 703 52.47 -34.06 -8.95
N ASN B 704 51.38 -34.21 -9.69
CA ASN B 704 50.59 -33.06 -10.11
C ASN B 704 49.48 -32.77 -9.11
N ASP B 705 48.76 -33.81 -8.71
CA ASP B 705 47.61 -33.72 -7.84
C ASP B 705 47.90 -33.99 -6.38
N PHE B 706 49.00 -34.70 -6.14
CA PHE B 706 49.32 -35.13 -4.79
C PHE B 706 50.66 -34.74 -4.27
N ASP B 707 51.47 -34.11 -5.11
CA ASP B 707 52.84 -33.74 -4.78
C ASP B 707 53.58 -34.98 -4.32
N LEU B 708 53.30 -36.07 -4.99
CA LEU B 708 53.81 -37.34 -4.57
C LEU B 708 54.56 -37.94 -5.75
N ASP B 709 55.86 -37.59 -5.84
CA ASP B 709 56.75 -37.96 -6.94
C ASP B 709 57.51 -39.26 -6.61
N LEU B 710 56.99 -40.36 -7.14
CA LEU B 710 57.54 -41.70 -6.93
C LEU B 710 57.96 -42.24 -8.27
N PRO B 711 59.23 -42.11 -8.62
CA PRO B 711 59.76 -42.85 -9.78
C PRO B 711 59.47 -44.40 -9.77
N ILE B 712 58.19 -44.78 -9.86
CA ILE B 712 57.81 -46.22 -9.81
C ILE B 712 58.51 -47.09 -10.83
N ALA B 713 58.68 -46.60 -12.06
CA ALA B 713 59.30 -47.42 -13.11
C ALA B 713 60.58 -47.96 -12.54
N GLU B 714 61.39 -47.04 -11.96
CA GLU B 714 62.79 -47.33 -11.56
C GLU B 714 62.88 -48.17 -10.27
N TRP B 715 61.81 -48.20 -9.47
CA TRP B 715 61.68 -49.32 -8.56
C TRP B 715 61.60 -50.51 -9.55
N LEU B 716 60.51 -50.54 -10.35
CA LEU B 716 60.07 -51.75 -11.10
C LEU B 716 61.10 -52.42 -12.02
N ASP B 717 62.17 -51.69 -12.33
CA ASP B 717 63.42 -52.20 -12.97
C ASP B 717 64.26 -53.16 -12.07
N LYS B 718 64.06 -52.98 -10.75
CA LYS B 718 64.77 -53.65 -9.65
C LYS B 718 64.01 -54.86 -9.11
N GLU B 719 62.72 -54.70 -8.81
CA GLU B 719 61.90 -55.85 -8.37
C GLU B 719 60.83 -56.29 -9.42
N PRO B 720 61.23 -57.11 -10.41
CA PRO B 720 60.28 -57.90 -11.24
C PRO B 720 59.95 -59.25 -10.58
N GLU B 721 58.87 -59.24 -9.77
CA GLU B 721 58.61 -60.20 -8.69
C GLU B 721 57.59 -59.64 -7.69
N LEU B 722 57.58 -58.32 -7.53
CA LEU B 722 56.80 -57.61 -6.49
C LEU B 722 55.27 -57.78 -6.50
N HIS B 723 54.60 -57.45 -7.62
CA HIS B 723 53.14 -57.62 -7.82
C HIS B 723 52.26 -56.38 -7.50
N GLU B 724 51.32 -56.16 -8.43
CA GLU B 724 50.41 -54.98 -8.49
C GLU B 724 49.86 -54.50 -7.14
N GLU B 725 49.42 -55.43 -6.31
CA GLU B 725 48.65 -55.07 -5.14
C GLU B 725 49.52 -54.62 -3.95
N THR B 726 50.70 -55.24 -3.85
CA THR B 726 51.67 -54.79 -2.87
C THR B 726 52.48 -53.59 -3.40
N LEU B 727 52.32 -53.24 -4.70
CA LEU B 727 52.73 -51.90 -5.20
C LEU B 727 51.67 -50.80 -4.90
N ARG B 728 50.38 -51.17 -4.91
CA ARG B 728 49.31 -50.22 -4.57
C ARG B 728 49.47 -49.86 -3.11
N GLU B 729 49.77 -50.87 -2.30
CA GLU B 729 50.04 -50.69 -0.88
C GLU B 729 51.17 -49.67 -0.66
N ARG B 730 52.31 -49.88 -1.33
CA ARG B 730 53.50 -49.01 -1.17
C ARG B 730 53.19 -47.59 -1.70
N ILE B 731 52.33 -47.48 -2.70
CA ILE B 731 51.92 -46.16 -3.19
C ILE B 731 51.18 -45.38 -2.10
N LEU B 732 50.13 -46.04 -1.62
CA LEU B 732 49.28 -45.57 -0.53
C LEU B 732 50.18 -45.09 0.62
N ALA B 733 50.66 -46.06 1.42
CA ALA B 733 51.83 -45.98 2.34
C ALA B 733 52.70 -44.74 2.36
N GLN B 734 53.29 -44.41 1.21
CA GLN B 734 54.10 -43.21 1.02
C GLN B 734 53.36 -41.93 1.41
N SER B 735 52.14 -41.81 0.88
CA SER B 735 51.42 -40.60 0.96
C SER B 735 51.15 -40.36 2.44
N ILE B 736 50.75 -41.43 3.12
CA ILE B 736 50.63 -41.48 4.57
C ILE B 736 51.93 -41.06 5.29
N GLU B 737 53.04 -41.61 4.82
CA GLU B 737 54.37 -41.32 5.38
C GLU B 737 54.66 -39.83 5.34
N VAL B 738 54.54 -39.22 4.15
CA VAL B 738 54.85 -37.79 3.92
C VAL B 738 53.86 -36.92 4.69
N TYR B 739 52.70 -37.49 4.93
CA TYR B 739 51.65 -36.75 5.59
C TYR B 739 51.77 -36.80 7.12
N GLN B 740 52.25 -37.91 7.64
CA GLN B 740 52.54 -38.00 9.08
C GLN B 740 53.69 -37.06 9.49
N ARG B 741 54.67 -36.93 8.59
CA ARG B 741 55.73 -35.92 8.77
C ARG B 741 55.15 -34.51 8.84
N LYS B 742 54.30 -34.15 7.89
CA LYS B 742 53.66 -32.82 7.89
C LYS B 742 52.97 -32.61 9.25
N GLU B 743 52.42 -33.68 9.80
CA GLU B 743 51.75 -33.68 11.10
C GLU B 743 52.61 -33.59 12.34
N GLU B 744 53.68 -34.39 12.43
CA GLU B 744 54.57 -34.28 13.58
C GLU B 744 55.22 -32.91 13.63
N VAL B 745 55.16 -32.14 12.56
CA VAL B 745 55.58 -30.73 12.57
C VAL B 745 54.45 -29.76 12.97
N VAL B 746 53.21 -30.09 12.62
CA VAL B 746 52.11 -29.15 12.84
C VAL B 746 51.48 -29.37 14.23
N GLY B 747 51.46 -30.62 14.70
CA GLY B 747 50.63 -30.98 15.85
C GLY B 747 49.40 -31.74 15.42
N ALA B 748 49.11 -32.84 16.10
CA ALA B 748 47.93 -33.66 15.86
C ALA B 748 46.60 -32.88 16.01
N GLU B 749 46.34 -32.25 17.13
CA GLU B 749 45.05 -31.50 17.25
C GLU B 749 44.85 -30.47 16.12
N MET B 750 45.88 -29.69 15.86
CA MET B 750 45.97 -28.77 14.72
C MET B 750 45.62 -29.47 13.41
N MET B 751 46.30 -30.60 13.17
CA MET B 751 46.13 -31.33 11.95
C MET B 751 44.67 -31.79 11.86
N ARG B 752 44.18 -32.39 12.95
CA ARG B 752 42.78 -32.83 12.99
C ARG B 752 41.82 -31.65 12.68
N HIS B 753 41.99 -30.46 13.27
CA HIS B 753 41.02 -29.41 12.97
C HIS B 753 41.25 -28.82 11.54
N PHE B 754 42.47 -28.83 11.07
CA PHE B 754 42.70 -28.39 9.72
C PHE B 754 42.01 -29.36 8.73
N GLU B 755 42.01 -30.66 9.01
CA GLU B 755 41.31 -31.63 8.14
C GLU B 755 39.77 -31.43 8.06
N LYS B 756 39.13 -31.19 9.21
CA LYS B 756 37.65 -30.98 9.29
C LYS B 756 37.44 -29.71 8.48
N GLY B 757 38.25 -28.68 8.78
CA GLY B 757 38.26 -27.41 8.04
C GLY B 757 38.39 -27.56 6.55
N VAL B 758 39.33 -28.37 6.07
CA VAL B 758 39.47 -28.57 4.63
C VAL B 758 38.18 -29.27 4.03
N MET B 759 37.61 -30.21 4.77
CA MET B 759 36.52 -30.94 4.32
C MET B 759 35.30 -30.06 4.27
N LEU B 760 35.13 -29.25 5.31
CA LEU B 760 33.95 -28.35 5.30
C LEU B 760 34.05 -27.31 4.16
N GLN B 761 35.18 -26.64 4.14
CA GLN B 761 35.42 -25.66 3.09
C GLN B 761 35.29 -26.17 1.62
N THR B 762 35.85 -27.33 1.31
CA THR B 762 35.79 -27.92 0.01
C THR B 762 34.36 -28.30 -0.39
N LEU B 763 33.57 -28.80 0.53
CA LEU B 763 32.22 -29.10 0.29
C LEU B 763 31.36 -27.87 0.11
N ASP B 764 31.67 -26.81 0.91
CA ASP B 764 31.08 -25.52 0.73
C ASP B 764 31.37 -24.96 -0.66
N SER B 765 32.58 -25.01 -1.07
CA SER B 765 32.94 -24.56 -2.43
C SER B 765 32.25 -25.29 -3.57
N LEU B 766 32.38 -26.59 -3.57
CA LEU B 766 31.74 -27.36 -4.59
C LEU B 766 30.26 -27.20 -4.51
N TRP B 767 29.69 -27.12 -3.32
CA TRP B 767 28.25 -26.94 -3.23
C TRP B 767 27.74 -25.66 -3.90
N LYS B 768 28.47 -24.59 -3.68
CA LYS B 768 28.07 -23.27 -4.15
C LYS B 768 28.26 -23.21 -5.63
N GLU B 769 29.31 -23.87 -6.12
CA GLU B 769 29.50 -24.10 -7.56
C GLU B 769 28.30 -24.82 -8.16
N HIS B 770 27.84 -25.89 -7.51
CA HIS B 770 26.70 -26.66 -7.98
C HIS B 770 25.40 -25.85 -8.00
N LEU B 771 25.13 -25.16 -6.91
CA LEU B 771 23.95 -24.28 -6.79
C LEU B 771 23.95 -23.28 -8.02
N ALA B 772 25.06 -22.65 -8.31
CA ALA B 772 25.13 -21.73 -9.47
C ALA B 772 24.90 -22.45 -10.84
N ALA B 773 25.50 -23.63 -11.02
CA ALA B 773 25.41 -24.28 -12.36
C ALA B 773 23.96 -24.80 -12.64
N MET B 774 23.31 -25.29 -11.62
CA MET B 774 21.88 -25.63 -11.66
C MET B 774 20.90 -24.47 -11.87
N ASP B 775 21.26 -23.34 -11.29
CA ASP B 775 20.48 -22.14 -11.51
C ASP B 775 20.49 -21.82 -13.03
N TYR B 776 21.65 -22.00 -13.63
CA TYR B 776 21.82 -21.80 -15.03
C TYR B 776 21.17 -22.85 -15.92
N LEU B 777 21.19 -24.11 -15.51
CA LEU B 777 20.49 -25.18 -16.20
C LEU B 777 19.02 -24.91 -16.13
N ARG B 778 18.54 -24.47 -14.97
CA ARG B 778 17.10 -24.30 -14.80
C ARG B 778 16.59 -23.22 -15.70
N GLN B 779 17.32 -22.13 -15.82
CA GLN B 779 16.94 -21.10 -16.77
C GLN B 779 17.36 -21.46 -18.19
N GLY B 780 17.82 -22.68 -18.40
CA GLY B 780 17.79 -23.31 -19.73
C GLY B 780 16.41 -23.89 -20.01
N ILE B 781 15.66 -24.15 -18.94
CA ILE B 781 14.23 -24.54 -19.00
C ILE B 781 13.42 -23.28 -19.46
N HIS B 782 13.78 -22.83 -20.67
CA HIS B 782 13.21 -21.63 -21.29
C HIS B 782 13.38 -21.79 -22.81
N LEU B 783 14.50 -21.32 -23.36
CA LEU B 783 14.77 -21.61 -24.76
C LEU B 783 16.19 -22.20 -24.93
N ARG B 784 16.43 -23.28 -24.18
CA ARG B 784 17.19 -24.44 -24.69
C ARG B 784 16.11 -25.22 -25.44
N GLY B 785 14.87 -25.16 -24.91
CA GLY B 785 13.63 -25.31 -25.69
C GLY B 785 12.43 -26.00 -25.02
N TYR B 786 11.56 -26.53 -25.89
CA TYR B 786 10.71 -27.75 -25.69
C TYR B 786 9.42 -27.76 -24.80
N ALA B 787 8.29 -27.58 -25.47
CA ALA B 787 7.03 -28.26 -25.14
C ALA B 787 7.01 -29.47 -26.09
N GLN B 788 7.73 -30.51 -25.66
CA GLN B 788 8.25 -31.57 -26.51
C GLN B 788 9.22 -32.38 -25.61
N LYS B 789 10.13 -33.19 -26.19
CA LYS B 789 11.05 -34.09 -25.42
C LYS B 789 11.46 -33.60 -23.98
N ASP B 790 10.53 -33.87 -23.07
CA ASP B 790 10.57 -33.64 -21.63
C ASP B 790 11.80 -32.98 -20.93
N PRO B 791 11.85 -31.62 -21.02
CA PRO B 791 12.76 -30.71 -20.31
C PRO B 791 13.00 -31.05 -18.87
N LYS B 792 11.96 -31.33 -18.15
CA LYS B 792 12.08 -31.49 -16.71
C LYS B 792 12.51 -32.94 -16.66
N GLN B 793 13.08 -33.51 -15.68
CA GLN B 793 13.44 -35.01 -16.10
C GLN B 793 14.69 -35.06 -16.82
N GLU B 794 14.85 -34.39 -17.94
CA GLU B 794 16.25 -34.31 -18.45
C GLU B 794 17.09 -33.45 -17.43
N TYR B 795 16.53 -32.34 -17.04
CA TYR B 795 17.00 -31.52 -15.93
C TYR B 795 17.26 -32.33 -14.66
N LYS B 796 16.29 -33.16 -14.20
CA LYS B 796 16.51 -33.98 -12.98
C LYS B 796 17.70 -34.89 -13.15
N ARG B 797 17.92 -35.47 -14.33
CA ARG B 797 18.99 -36.37 -14.57
C ARG B 797 20.35 -35.69 -14.75
N GLU B 798 20.38 -34.55 -15.40
CA GLU B 798 21.61 -33.81 -15.51
C GLU B 798 21.94 -33.28 -14.14
N SER B 799 20.97 -32.80 -13.42
CA SER B 799 21.25 -32.29 -12.11
C SER B 799 21.74 -33.38 -11.13
N PHE B 800 21.01 -34.50 -10.97
CA PHE B 800 21.48 -35.65 -10.14
C PHE B 800 22.82 -36.21 -10.65
N SER B 801 23.01 -36.23 -11.92
CA SER B 801 24.27 -36.67 -12.42
C SER B 801 25.47 -35.78 -12.00
N MET B 802 25.34 -34.51 -12.24
CA MET B 802 26.27 -33.51 -11.70
C MET B 802 26.41 -33.55 -10.13
N PHE B 803 25.35 -33.77 -9.43
CA PHE B 803 25.44 -33.95 -8.01
C PHE B 803 26.32 -35.18 -7.65
N ALA B 804 26.15 -36.29 -8.41
CA ALA B 804 26.88 -37.48 -8.01
C ALA B 804 28.37 -37.32 -8.46
N ALA B 805 28.59 -36.63 -9.60
CA ALA B 805 29.95 -36.22 -9.92
C ALA B 805 30.53 -35.33 -8.83
N MET B 806 29.81 -34.31 -8.37
CA MET B 806 30.33 -33.47 -7.29
C MET B 806 30.77 -34.21 -6.00
N LEU B 807 30.03 -35.25 -5.61
CA LEU B 807 30.45 -36.01 -4.41
C LEU B 807 31.78 -36.75 -4.56
N GLU B 808 32.09 -37.20 -5.76
CA GLU B 808 33.37 -37.80 -6.04
C GLU B 808 34.51 -36.75 -6.16
N SER B 809 34.27 -35.58 -6.77
CA SER B 809 35.26 -34.45 -6.78
C SER B 809 35.48 -33.90 -5.37
N LEU B 810 34.51 -34.02 -4.52
CA LEU B 810 34.81 -33.61 -3.18
C LEU B 810 35.91 -34.50 -2.55
N LYS B 811 35.85 -35.82 -2.82
CA LYS B 811 36.76 -36.72 -2.21
C LYS B 811 38.13 -36.47 -2.79
N TYR B 812 38.21 -36.22 -4.08
CA TYR B 812 39.51 -36.14 -4.76
C TYR B 812 40.22 -34.84 -4.38
N GLU B 813 39.47 -33.77 -4.29
CA GLU B 813 39.98 -32.43 -3.92
C GLU B 813 40.46 -32.33 -2.46
N VAL B 814 39.64 -32.88 -1.53
CA VAL B 814 40.10 -32.97 -0.15
C VAL B 814 41.53 -33.64 -0.14
N ILE B 815 41.61 -34.84 -0.72
CA ILE B 815 42.89 -35.61 -0.69
C ILE B 815 43.97 -34.84 -1.38
N SER B 816 43.64 -34.15 -2.44
CA SER B 816 44.67 -33.31 -3.16
C SER B 816 45.18 -32.18 -2.23
N THR B 817 44.24 -31.50 -1.59
CA THR B 817 44.56 -30.41 -0.66
C THR B 817 45.44 -30.86 0.46
N LEU B 818 45.17 -32.03 1.03
CA LEU B 818 45.91 -32.52 2.18
C LEU B 818 47.26 -33.13 1.81
N SER B 819 47.41 -33.49 0.54
CA SER B 819 48.65 -34.06 0.01
C SER B 819 49.58 -32.97 -0.42
N LYS B 820 49.02 -31.90 -0.93
CA LYS B 820 49.83 -30.76 -1.31
C LYS B 820 50.09 -29.74 -0.21
N VAL B 821 49.41 -29.86 0.94
CA VAL B 821 49.57 -28.82 1.96
C VAL B 821 51.09 -28.54 2.32
N GLN B 822 51.44 -27.25 2.30
CA GLN B 822 52.81 -26.81 2.59
C GLN B 822 52.86 -26.51 4.09
N VAL B 823 53.82 -27.16 4.76
CA VAL B 823 54.23 -26.81 6.12
C VAL B 823 55.75 -26.95 6.14
N ARG B 824 56.46 -25.89 6.50
CA ARG B 824 57.94 -25.92 6.62
C ARG B 824 58.47 -26.98 7.60
N MET B 825 59.27 -27.91 7.06
CA MET B 825 59.94 -28.96 7.83
C MET B 825 61.17 -28.40 8.58
N PRO B 826 61.91 -29.24 9.34
CA PRO B 826 63.22 -28.95 9.99
C PRO B 826 63.96 -27.61 9.67
N GLU B 827 65.16 -27.70 9.07
CA GLU B 827 66.05 -26.56 8.71
C GLU B 827 67.39 -27.14 8.22
N GLU B 828 68.42 -26.30 8.00
CA GLU B 828 69.76 -26.82 7.61
C GLU B 828 70.91 -25.79 7.78
#